data_5ZEG
# 
_entry.id   5ZEG 
# 
_audit_conform.dict_name       mmcif_pdbx.dic 
_audit_conform.dict_version    5.380 
_audit_conform.dict_location   http://mmcif.pdb.org/dictionaries/ascii/mmcif_pdbx.dic 
# 
loop_
_database_2.database_id 
_database_2.database_code 
_database_2.pdbx_database_accession 
_database_2.pdbx_DOI 
PDB   5ZEG         pdb_00005zeg 10.2210/pdb5zeg/pdb 
WWPDB D_1300006926 ?            ?                   
# 
_pdbx_database_PDB_obs_spr.id               SPRSDE 
_pdbx_database_PDB_obs_spr.date             2018-03-21 
_pdbx_database_PDB_obs_spr.pdb_id           5ZEG 
_pdbx_database_PDB_obs_spr.replace_pdb_id   4WCP 
_pdbx_database_PDB_obs_spr.details          ? 
# 
_pdbx_database_status.status_code                     REL 
_pdbx_database_status.status_code_sf                  REL 
_pdbx_database_status.status_code_mr                  ? 
_pdbx_database_status.entry_id                        5ZEG 
_pdbx_database_status.recvd_initial_deposition_date   2018-02-27 
_pdbx_database_status.SG_entry                        N 
_pdbx_database_status.deposit_site                    PDBJ 
_pdbx_database_status.process_site                    PDBJ 
_pdbx_database_status.status_code_cs                  ? 
_pdbx_database_status.methods_development_category    ? 
_pdbx_database_status.pdb_format_compatible           Y 
_pdbx_database_status.status_code_nmr_data            ? 
# 
loop_
_audit_author.name 
_audit_author.pdbx_ordinal 
_audit_author.identifier_ORCID 
'Kanazawa, H.' 1 ? 
'Baba, F.'     2 ? 
'Koganei, M.'  3 ? 
'Kondo, J.'    4 ? 
# 
_citation.abstract                  ? 
_citation.abstract_id_CAS           ? 
_citation.book_id_ISBN              ? 
_citation.book_publisher            ? 
_citation.book_publisher_city       ? 
_citation.book_title                ? 
_citation.coordinate_linkage        ? 
_citation.country                   UK 
_citation.database_id_Medline       ? 
_citation.details                   ? 
_citation.id                        primary 
_citation.journal_abbrev            'Nucleic Acids Res.' 
_citation.journal_id_ASTM           NARHAD 
_citation.journal_id_CSD            0389 
_citation.journal_id_ISSN           1362-4962 
_citation.journal_full              ? 
_citation.journal_issue             ? 
_citation.journal_volume            45 
_citation.language                  ? 
_citation.page_first                12529 
_citation.page_last                 12535 
_citation.title                     
'A structural basis for the antibiotic resistance conferred by an N1-methylation of A1408 in 16S rRNA.' 
_citation.year                      2017 
_citation.database_id_CSD           ? 
_citation.pdbx_database_id_DOI      10.1093/nar/gkx882 
_citation.pdbx_database_id_PubMed   29036479 
_citation.unpublished_flag          ? 
# 
loop_
_citation_author.citation_id 
_citation_author.name 
_citation_author.ordinal 
_citation_author.identifier_ORCID 
primary 'Kanazawa, H.' 1 ? 
primary 'Baba, F.'     2 ? 
primary 'Koganei, M.'  3 ? 
primary 'Kondo, J.'    4 ? 
# 
_cell.angle_alpha                  90.000 
_cell.angle_alpha_esd              ? 
_cell.angle_beta                   96.350 
_cell.angle_beta_esd               ? 
_cell.angle_gamma                  90.000 
_cell.angle_gamma_esd              ? 
_cell.entry_id                     5ZEG 
_cell.details                      ? 
_cell.formula_units_Z              ? 
_cell.length_a                     159.700 
_cell.length_a_esd                 ? 
_cell.length_b                     46.520 
_cell.length_b_esd                 ? 
_cell.length_c                     38.760 
_cell.length_c_esd                 ? 
_cell.volume                       ? 
_cell.volume_esd                   ? 
_cell.Z_PDB                        12 
_cell.reciprocal_angle_alpha       ? 
_cell.reciprocal_angle_beta        ? 
_cell.reciprocal_angle_gamma       ? 
_cell.reciprocal_angle_alpha_esd   ? 
_cell.reciprocal_angle_beta_esd    ? 
_cell.reciprocal_angle_gamma_esd   ? 
_cell.reciprocal_length_a          ? 
_cell.reciprocal_length_b          ? 
_cell.reciprocal_length_c          ? 
_cell.reciprocal_length_a_esd      ? 
_cell.reciprocal_length_b_esd      ? 
_cell.reciprocal_length_c_esd      ? 
_cell.pdbx_unique_axis             ? 
# 
_symmetry.entry_id                         5ZEG 
_symmetry.cell_setting                     ? 
_symmetry.Int_Tables_number                5 
_symmetry.space_group_name_Hall            ? 
_symmetry.space_group_name_H-M             'C 1 2 1' 
_symmetry.pdbx_full_space_group_name_H-M   ? 
# 
loop_
_entity.id 
_entity.type 
_entity.src_method 
_entity.pdbx_description 
_entity.formula_weight 
_entity.pdbx_number_of_molecules 
_entity.pdbx_ec 
_entity.pdbx_mutation 
_entity.pdbx_fragment 
_entity.details 
1 polymer syn 
;RNA (5'-R(*UP*UP*GP*CP*GP*UP*CP*(1MA)P*CP*GP*UP*CP*GP*AP*CP*GP*AP*AP*GP*UP*CP*GP*C)-3')
;
7369.436 3   ? ? ? ? 
2 water   nat water                                                                                     18.015   137 ? ? ? ? 
# 
_entity_poly.entity_id                      1 
_entity_poly.type                           polyribonucleotide 
_entity_poly.nstd_linkage                   no 
_entity_poly.nstd_monomer                   yes 
_entity_poly.pdbx_seq_one_letter_code       'UUGCGUC(1MA)CGUCGACGAAGUCGC' 
_entity_poly.pdbx_seq_one_letter_code_can   UUGCGUCACGUCGACGAAGUCGC 
_entity_poly.pdbx_strand_id                 A,B,C 
_entity_poly.pdbx_target_identifier         ? 
# 
loop_
_entity_poly_seq.entity_id 
_entity_poly_seq.num 
_entity_poly_seq.mon_id 
_entity_poly_seq.hetero 
1 1  U   n 
1 2  U   n 
1 3  G   n 
1 4  C   n 
1 5  G   n 
1 6  U   n 
1 7  C   n 
1 8  1MA n 
1 9  C   n 
1 10 G   n 
1 11 U   n 
1 12 C   n 
1 13 G   n 
1 14 A   n 
1 15 C   n 
1 16 G   n 
1 17 A   n 
1 18 A   n 
1 19 G   n 
1 20 U   n 
1 21 C   n 
1 22 G   n 
1 23 C   n 
# 
_pdbx_entity_src_syn.entity_id              1 
_pdbx_entity_src_syn.pdbx_src_id            1 
_pdbx_entity_src_syn.pdbx_alt_source_flag   sample 
_pdbx_entity_src_syn.pdbx_beg_seq_num       1 
_pdbx_entity_src_syn.pdbx_end_seq_num       23 
_pdbx_entity_src_syn.organism_scientific    'synthetic construct' 
_pdbx_entity_src_syn.organism_common_name   ? 
_pdbx_entity_src_syn.ncbi_taxonomy_id       32630 
_pdbx_entity_src_syn.details                ? 
# 
_struct_ref.id                         1 
_struct_ref.db_name                    PDB 
_struct_ref.db_code                    5ZEG 
_struct_ref.pdbx_db_accession          5ZEG 
_struct_ref.pdbx_db_isoform            ? 
_struct_ref.entity_id                  1 
_struct_ref.pdbx_seq_one_letter_code   ? 
_struct_ref.pdbx_align_begin           1 
# 
loop_
_struct_ref_seq.align_id 
_struct_ref_seq.ref_id 
_struct_ref_seq.pdbx_PDB_id_code 
_struct_ref_seq.pdbx_strand_id 
_struct_ref_seq.seq_align_beg 
_struct_ref_seq.pdbx_seq_align_beg_ins_code 
_struct_ref_seq.seq_align_end 
_struct_ref_seq.pdbx_seq_align_end_ins_code 
_struct_ref_seq.pdbx_db_accession 
_struct_ref_seq.db_align_beg 
_struct_ref_seq.pdbx_db_align_beg_ins_code 
_struct_ref_seq.db_align_end 
_struct_ref_seq.pdbx_db_align_end_ins_code 
_struct_ref_seq.pdbx_auth_seq_align_beg 
_struct_ref_seq.pdbx_auth_seq_align_end 
1 1 5ZEG A 1 ? 23 ? 5ZEG 1  ? 23 ? 1  23 
2 1 5ZEG B 1 ? 23 ? 5ZEG 24 ? 46 ? 24 46 
3 1 5ZEG C 1 ? 23 ? 5ZEG 1  ? 23 ? 1  23 
# 
loop_
_chem_comp.id 
_chem_comp.type 
_chem_comp.mon_nstd_flag 
_chem_comp.name 
_chem_comp.pdbx_synonyms 
_chem_comp.formula 
_chem_comp.formula_weight 
1MA 'RNA linking' n "6-HYDRO-1-METHYLADENOSINE-5'-MONOPHOSPHATE" ? 'C11 H16 N5 O7 P' 361.248 
A   'RNA linking' y "ADENOSINE-5'-MONOPHOSPHATE"                 ? 'C10 H14 N5 O7 P' 347.221 
C   'RNA linking' y "CYTIDINE-5'-MONOPHOSPHATE"                  ? 'C9 H14 N3 O8 P'  323.197 
G   'RNA linking' y "GUANOSINE-5'-MONOPHOSPHATE"                 ? 'C10 H14 N5 O8 P' 363.221 
HOH non-polymer   . WATER                                        ? 'H2 O'            18.015  
U   'RNA linking' y "URIDINE-5'-MONOPHOSPHATE"                   ? 'C9 H13 N2 O9 P'  324.181 
# 
_exptl.absorpt_coefficient_mu     ? 
_exptl.absorpt_correction_T_max   ? 
_exptl.absorpt_correction_T_min   ? 
_exptl.absorpt_correction_type    ? 
_exptl.absorpt_process_details    ? 
_exptl.entry_id                   5ZEG 
_exptl.crystals_number            1 
_exptl.details                    ? 
_exptl.method                     'X-RAY DIFFRACTION' 
_exptl.method_details             ? 
# 
_exptl_crystal.colour                      ? 
_exptl_crystal.density_diffrn              ? 
_exptl_crystal.density_Matthews            3.24 
_exptl_crystal.density_method              ? 
_exptl_crystal.density_percent_sol         61.99 
_exptl_crystal.description                 ? 
_exptl_crystal.F_000                       ? 
_exptl_crystal.id                          1 
_exptl_crystal.preparation                 ? 
_exptl_crystal.size_max                    ? 
_exptl_crystal.size_mid                    ? 
_exptl_crystal.size_min                    ? 
_exptl_crystal.size_rad                    ? 
_exptl_crystal.colour_lustre               ? 
_exptl_crystal.colour_modifier             ? 
_exptl_crystal.colour_primary              ? 
_exptl_crystal.density_meas                ? 
_exptl_crystal.density_meas_esd            ? 
_exptl_crystal.density_meas_gt             ? 
_exptl_crystal.density_meas_lt             ? 
_exptl_crystal.density_meas_temp           ? 
_exptl_crystal.density_meas_temp_esd       ? 
_exptl_crystal.density_meas_temp_gt        ? 
_exptl_crystal.density_meas_temp_lt        ? 
_exptl_crystal.pdbx_crystal_image_url      ? 
_exptl_crystal.pdbx_crystal_image_format   ? 
_exptl_crystal.pdbx_mosaicity              ? 
_exptl_crystal.pdbx_mosaicity_esd          ? 
# 
_exptl_crystal_grow.apparatus       ? 
_exptl_crystal_grow.atmosphere      ? 
_exptl_crystal_grow.crystal_id      1 
_exptl_crystal_grow.details         ? 
_exptl_crystal_grow.method          'VAPOR DIFFUSION, HANGING DROP' 
_exptl_crystal_grow.method_ref      ? 
_exptl_crystal_grow.pH              7.0 
_exptl_crystal_grow.pressure        ? 
_exptl_crystal_grow.pressure_esd    ? 
_exptl_crystal_grow.seeding         ? 
_exptl_crystal_grow.seeding_ref     ? 
_exptl_crystal_grow.temp            293 
_exptl_crystal_grow.temp_details    ? 
_exptl_crystal_grow.temp_esd        ? 
_exptl_crystal_grow.time            ? 
_exptl_crystal_grow.pdbx_details    'sodium cacodylate, spermine, MPD, ammonium chloride,' 
_exptl_crystal_grow.pdbx_pH_range   ? 
# 
_diffrn.ambient_environment    ? 
_diffrn.ambient_temp           100 
_diffrn.ambient_temp_details   ? 
_diffrn.ambient_temp_esd       ? 
_diffrn.crystal_id             1 
_diffrn.crystal_support        ? 
_diffrn.crystal_treatment      ? 
_diffrn.details                ? 
_diffrn.id                     1 
_diffrn.ambient_pressure       ? 
_diffrn.ambient_pressure_esd   ? 
_diffrn.ambient_pressure_gt    ? 
_diffrn.ambient_pressure_lt    ? 
_diffrn.ambient_temp_gt        ? 
_diffrn.ambient_temp_lt        ? 
# 
_diffrn_detector.details                      ? 
_diffrn_detector.detector                     CCD 
_diffrn_detector.diffrn_id                    1 
_diffrn_detector.type                         'ADSC QUANTUM 210r' 
_diffrn_detector.area_resol_mean              ? 
_diffrn_detector.dtime                        ? 
_diffrn_detector.pdbx_frames_total            ? 
_diffrn_detector.pdbx_collection_time_total   ? 
_diffrn_detector.pdbx_collection_date         2012-10-22 
# 
_diffrn_radiation.collimation                      ? 
_diffrn_radiation.diffrn_id                        1 
_diffrn_radiation.filter_edge                      ? 
_diffrn_radiation.inhomogeneity                    ? 
_diffrn_radiation.monochromator                    ? 
_diffrn_radiation.polarisn_norm                    ? 
_diffrn_radiation.polarisn_ratio                   ? 
_diffrn_radiation.probe                            ? 
_diffrn_radiation.type                             ? 
_diffrn_radiation.xray_symbol                      ? 
_diffrn_radiation.wavelength_id                    1 
_diffrn_radiation.pdbx_monochromatic_or_laue_m_l   M 
_diffrn_radiation.pdbx_wavelength_list             ? 
_diffrn_radiation.pdbx_wavelength                  ? 
_diffrn_radiation.pdbx_diffrn_protocol             'SINGLE WAVELENGTH' 
_diffrn_radiation.pdbx_analyzer                    ? 
_diffrn_radiation.pdbx_scattering_type             x-ray 
# 
_diffrn_radiation_wavelength.id           1 
_diffrn_radiation_wavelength.wavelength   1.0 
_diffrn_radiation_wavelength.wt           1.0 
# 
_diffrn_source.current                     ? 
_diffrn_source.details                     ? 
_diffrn_source.diffrn_id                   1 
_diffrn_source.power                       ? 
_diffrn_source.size                        ? 
_diffrn_source.source                      SYNCHROTRON 
_diffrn_source.target                      ? 
_diffrn_source.type                        'PHOTON FACTORY BEAMLINE AR-NW12A' 
_diffrn_source.voltage                     ? 
_diffrn_source.take-off_angle              ? 
_diffrn_source.pdbx_wavelength_list        1.0 
_diffrn_source.pdbx_wavelength             ? 
_diffrn_source.pdbx_synchrotron_beamline   AR-NW12A 
_diffrn_source.pdbx_synchrotron_site       'Photon Factory' 
# 
_reflns.B_iso_Wilson_estimate            ? 
_reflns.entry_id                         5ZEG 
_reflns.data_reduction_details           ? 
_reflns.data_reduction_method            ? 
_reflns.d_resolution_high                2.4 
_reflns.d_resolution_low                 38.5 
_reflns.details                          ? 
_reflns.limit_h_max                      ? 
_reflns.limit_h_min                      ? 
_reflns.limit_k_max                      ? 
_reflns.limit_k_min                      ? 
_reflns.limit_l_max                      ? 
_reflns.limit_l_min                      ? 
_reflns.number_all                       ? 
_reflns.number_obs                       11198 
_reflns.observed_criterion               ? 
_reflns.observed_criterion_F_max         ? 
_reflns.observed_criterion_F_min         ? 
_reflns.observed_criterion_I_max         ? 
_reflns.observed_criterion_I_min         ? 
_reflns.observed_criterion_sigma_F       ? 
_reflns.observed_criterion_sigma_I       ? 
_reflns.percent_possible_obs             99.4 
_reflns.R_free_details                   ? 
_reflns.Rmerge_F_all                     ? 
_reflns.Rmerge_F_obs                     ? 
_reflns.Friedel_coverage                 ? 
_reflns.number_gt                        ? 
_reflns.threshold_expression             ? 
_reflns.pdbx_redundancy                  7.0 
_reflns.pdbx_Rmerge_I_obs                0.042 
_reflns.pdbx_Rmerge_I_all                ? 
_reflns.pdbx_Rsym_value                  ? 
_reflns.pdbx_netI_over_av_sigmaI         ? 
_reflns.pdbx_netI_over_sigmaI            22.4 
_reflns.pdbx_res_netI_over_av_sigmaI_2   ? 
_reflns.pdbx_res_netI_over_sigmaI_2      ? 
_reflns.pdbx_chi_squared                 ? 
_reflns.pdbx_scaling_rejects             ? 
_reflns.pdbx_d_res_high_opt              ? 
_reflns.pdbx_d_res_low_opt               ? 
_reflns.pdbx_d_res_opt_method            ? 
_reflns.phase_calculation_details        ? 
_reflns.pdbx_Rrim_I_all                  ? 
_reflns.pdbx_Rpim_I_all                  ? 
_reflns.pdbx_d_opt                       ? 
_reflns.pdbx_number_measured_all         ? 
_reflns.pdbx_diffrn_id                   1 
_reflns.pdbx_ordinal                     1 
_reflns.pdbx_CC_half                     ? 
_reflns.pdbx_R_split                     ? 
# 
_reflns_shell.d_res_high                  2.4 
_reflns_shell.d_res_low                   2.5 
_reflns_shell.meanI_over_sigI_all         ? 
_reflns_shell.meanI_over_sigI_obs         ? 
_reflns_shell.number_measured_all         ? 
_reflns_shell.number_measured_obs         ? 
_reflns_shell.number_possible             ? 
_reflns_shell.number_unique_all           ? 
_reflns_shell.number_unique_obs           ? 
_reflns_shell.percent_possible_all        ? 
_reflns_shell.percent_possible_obs        ? 
_reflns_shell.Rmerge_F_all                ? 
_reflns_shell.Rmerge_F_obs                ? 
_reflns_shell.Rmerge_I_all                ? 
_reflns_shell.Rmerge_I_obs                0.33 
_reflns_shell.meanI_over_sigI_gt          ? 
_reflns_shell.meanI_over_uI_all           ? 
_reflns_shell.meanI_over_uI_gt            ? 
_reflns_shell.number_measured_gt          ? 
_reflns_shell.number_unique_gt            ? 
_reflns_shell.percent_possible_gt         ? 
_reflns_shell.Rmerge_F_gt                 ? 
_reflns_shell.Rmerge_I_gt                 ? 
_reflns_shell.pdbx_redundancy             ? 
_reflns_shell.pdbx_Rsym_value             ? 
_reflns_shell.pdbx_chi_squared            ? 
_reflns_shell.pdbx_netI_over_sigmaI_all   ? 
_reflns_shell.pdbx_netI_over_sigmaI_obs   ? 
_reflns_shell.pdbx_Rrim_I_all             ? 
_reflns_shell.pdbx_Rpim_I_all             ? 
_reflns_shell.pdbx_rejects                ? 
_reflns_shell.pdbx_ordinal                1 
_reflns_shell.pdbx_diffrn_id              1 
_reflns_shell.pdbx_CC_half                ? 
_reflns_shell.pdbx_R_split                ? 
# 
_refine.aniso_B[1][1]                            ? 
_refine.aniso_B[1][2]                            ? 
_refine.aniso_B[1][3]                            ? 
_refine.aniso_B[2][2]                            ? 
_refine.aniso_B[2][3]                            ? 
_refine.aniso_B[3][3]                            ? 
_refine.B_iso_max                                76.970 
_refine.B_iso_mean                               48.4100 
_refine.B_iso_min                                32.270 
_refine.correlation_coeff_Fo_to_Fc               ? 
_refine.correlation_coeff_Fo_to_Fc_free          ? 
_refine.details                                  ? 
_refine.diff_density_max                         ? 
_refine.diff_density_max_esd                     ? 
_refine.diff_density_min                         ? 
_refine.diff_density_min_esd                     ? 
_refine.diff_density_rms                         ? 
_refine.diff_density_rms_esd                     ? 
_refine.entry_id                                 5ZEG 
_refine.pdbx_refine_id                           'X-RAY DIFFRACTION' 
_refine.ls_abs_structure_details                 ? 
_refine.ls_abs_structure_Flack                   ? 
_refine.ls_abs_structure_Flack_esd               ? 
_refine.ls_abs_structure_Rogers                  ? 
_refine.ls_abs_structure_Rogers_esd              ? 
_refine.ls_d_res_high                            2.4000 
_refine.ls_d_res_low                             38.5 
_refine.ls_extinction_coef                       ? 
_refine.ls_extinction_coef_esd                   ? 
_refine.ls_extinction_expression                 ? 
_refine.ls_extinction_method                     ? 
_refine.ls_goodness_of_fit_all                   ? 
_refine.ls_goodness_of_fit_all_esd               ? 
_refine.ls_goodness_of_fit_obs                   ? 
_refine.ls_goodness_of_fit_obs_esd               ? 
_refine.ls_hydrogen_treatment                    ? 
_refine.ls_matrix_type                           ? 
_refine.ls_number_constraints                    ? 
_refine.ls_number_parameters                     ? 
_refine.ls_number_reflns_all                     ? 
_refine.ls_number_reflns_obs                     11190 
_refine.ls_number_reflns_R_free                  1153 
_refine.ls_number_reflns_R_work                  ? 
_refine.ls_number_restraints                     ? 
_refine.ls_percent_reflns_obs                    99.2800 
_refine.ls_percent_reflns_R_free                 10.3000 
_refine.ls_R_factor_all                          ? 
_refine.ls_R_factor_obs                          0.1818 
_refine.ls_R_factor_R_free                       0.2156 
_refine.ls_R_factor_R_free_error                 ? 
_refine.ls_R_factor_R_free_error_details         ? 
_refine.ls_R_factor_R_work                       0.1778 
_refine.ls_R_Fsqd_factor_obs                     ? 
_refine.ls_R_I_factor_obs                        ? 
_refine.ls_redundancy_reflns_all                 ? 
_refine.ls_redundancy_reflns_obs                 ? 
_refine.ls_restrained_S_all                      ? 
_refine.ls_restrained_S_obs                      ? 
_refine.ls_shift_over_esd_max                    ? 
_refine.ls_shift_over_esd_mean                   ? 
_refine.ls_structure_factor_coef                 ? 
_refine.ls_weighting_details                     ? 
_refine.ls_weighting_scheme                      ? 
_refine.ls_wR_factor_all                         ? 
_refine.ls_wR_factor_obs                         ? 
_refine.ls_wR_factor_R_free                      ? 
_refine.ls_wR_factor_R_work                      ? 
_refine.occupancy_max                            ? 
_refine.occupancy_min                            ? 
_refine.solvent_model_details                    ? 
_refine.solvent_model_param_bsol                 ? 
_refine.solvent_model_param_ksol                 ? 
_refine.ls_R_factor_gt                           ? 
_refine.ls_goodness_of_fit_gt                    ? 
_refine.ls_goodness_of_fit_ref                   ? 
_refine.ls_shift_over_su_max                     ? 
_refine.ls_shift_over_su_max_lt                  ? 
_refine.ls_shift_over_su_mean                    ? 
_refine.ls_shift_over_su_mean_lt                 ? 
_refine.pdbx_ls_sigma_I                          ? 
_refine.pdbx_ls_sigma_F                          1.370 
_refine.pdbx_ls_sigma_Fsqd                       ? 
_refine.pdbx_data_cutoff_high_absF               ? 
_refine.pdbx_data_cutoff_high_rms_absF           ? 
_refine.pdbx_data_cutoff_low_absF                ? 
_refine.pdbx_isotropic_thermal_model             ? 
_refine.pdbx_ls_cross_valid_method               'FREE R-VALUE' 
_refine.pdbx_method_to_determine_struct          'MOLECULAR REPLACEMENT' 
_refine.pdbx_starting_model                      1J7T 
_refine.pdbx_stereochemistry_target_values       ? 
_refine.pdbx_R_Free_selection_details            ? 
_refine.pdbx_stereochem_target_val_spec_case     ? 
_refine.pdbx_overall_ESU_R                       ? 
_refine.pdbx_overall_ESU_R_Free                  ? 
_refine.pdbx_solvent_vdw_probe_radii             1.1100 
_refine.pdbx_solvent_ion_probe_radii             ? 
_refine.pdbx_solvent_shrinkage_radii             0.9000 
_refine.pdbx_real_space_R                        ? 
_refine.pdbx_density_correlation                 ? 
_refine.pdbx_pd_number_of_powder_patterns        ? 
_refine.pdbx_pd_number_of_points                 ? 
_refine.pdbx_pd_meas_number_of_points            ? 
_refine.pdbx_pd_proc_ls_prof_R_factor            ? 
_refine.pdbx_pd_proc_ls_prof_wR_factor           ? 
_refine.pdbx_pd_Marquardt_correlation_coeff      ? 
_refine.pdbx_pd_Fsqrd_R_factor                   ? 
_refine.pdbx_pd_ls_matrix_band_width             ? 
_refine.pdbx_overall_phase_error                 26.4500 
_refine.pdbx_overall_SU_R_free_Cruickshank_DPI   ? 
_refine.pdbx_overall_SU_R_free_Blow_DPI          ? 
_refine.pdbx_overall_SU_R_Blow_DPI               ? 
_refine.pdbx_TLS_residual_ADP_flag               ? 
_refine.pdbx_diffrn_id                           1 
_refine.overall_SU_B                             ? 
_refine.overall_SU_ML                            0.3500 
_refine.overall_SU_R_Cruickshank_DPI             ? 
_refine.overall_SU_R_free                        ? 
_refine.overall_FOM_free_R_set                   ? 
_refine.overall_FOM_work_R_set                   ? 
_refine.pdbx_average_fsc_overall                 ? 
_refine.pdbx_average_fsc_work                    ? 
_refine.pdbx_average_fsc_free                    ? 
# 
_refine_hist.cycle_id                         final 
_refine_hist.pdbx_refine_id                   'X-RAY DIFFRACTION' 
_refine_hist.d_res_high                       2.4000 
_refine_hist.d_res_low                        38.5 
_refine_hist.pdbx_number_atoms_ligand         0 
_refine_hist.number_atoms_solvent             137 
_refine_hist.number_atoms_total               1598 
_refine_hist.pdbx_number_residues_total       69 
_refine_hist.pdbx_B_iso_mean_solvent          51.63 
_refine_hist.pdbx_number_atoms_protein        0 
_refine_hist.pdbx_number_atoms_nucleic_acid   1461 
# 
loop_
_refine_ls_restr.pdbx_refine_id 
_refine_ls_restr.criterion 
_refine_ls_restr.dev_ideal 
_refine_ls_restr.dev_ideal_target 
_refine_ls_restr.number 
_refine_ls_restr.rejects 
_refine_ls_restr.type 
_refine_ls_restr.weight 
_refine_ls_restr.pdbx_restraint_function 
'X-RAY DIFFRACTION' ? 0.005 ? 1629 ? f_bond_d           ? ? 
'X-RAY DIFFRACTION' ? 0.981 ? 2535 ? f_angle_d          ? ? 
'X-RAY DIFFRACTION' ? 0.039 ? 339  ? f_chiral_restr     ? ? 
'X-RAY DIFFRACTION' ? 0.006 ? 69   ? f_plane_restr      ? ? 
'X-RAY DIFFRACTION' ? 8.865 ? 798  ? f_dihedral_angle_d ? ? 
# 
loop_
_refine_ls_shell.pdbx_refine_id 
_refine_ls_shell.d_res_high 
_refine_ls_shell.d_res_low 
_refine_ls_shell.number_reflns_all 
_refine_ls_shell.number_reflns_obs 
_refine_ls_shell.number_reflns_R_free 
_refine_ls_shell.number_reflns_R_work 
_refine_ls_shell.percent_reflns_obs 
_refine_ls_shell.percent_reflns_R_free 
_refine_ls_shell.R_factor_all 
_refine_ls_shell.R_factor_obs 
_refine_ls_shell.R_factor_R_free 
_refine_ls_shell.R_factor_R_free_error 
_refine_ls_shell.R_factor_R_work 
_refine_ls_shell.redundancy_reflns_all 
_refine_ls_shell.redundancy_reflns_obs 
_refine_ls_shell.wR_factor_all 
_refine_ls_shell.wR_factor_obs 
_refine_ls_shell.wR_factor_R_free 
_refine_ls_shell.wR_factor_R_work 
_refine_ls_shell.pdbx_total_number_of_bins_used 
_refine_ls_shell.pdbx_phase_error 
_refine_ls_shell.pdbx_fsc_work 
_refine_ls_shell.pdbx_fsc_free 
'X-RAY DIFFRACTION' 2.4001 2.5093  1398 . 140 1258 100.0000 . . . 0.3646 0.0000 0.2833 . . . . . . 8 . . . 
'X-RAY DIFFRACTION' 2.5093 2.6416  1381 . 155 1226 100.0000 . . . 0.3327 0.0000 0.2905 . . . . . . 8 . . . 
'X-RAY DIFFRACTION' 2.6416 2.8071  1386 . 137 1249 99.0000  . . . 0.3627 0.0000 0.3001 . . . . . . 8 . . . 
'X-RAY DIFFRACTION' 2.8071 3.0237  1398 . 145 1253 100.0000 . . . 0.3084 0.0000 0.2545 . . . . . . 8 . . . 
'X-RAY DIFFRACTION' 3.0237 3.3279  1405 . 133 1272 100.0000 . . . 0.2391 0.0000 0.1985 . . . . . . 8 . . . 
'X-RAY DIFFRACTION' 3.3279 3.8090  1393 . 136 1257 100.0000 . . . 0.2310 0.0000 0.1686 . . . . . . 8 . . . 
'X-RAY DIFFRACTION' 3.8090 4.7976  1412 . 137 1275 100.0000 . . . 0.1801 0.0000 0.1393 . . . . . . 8 . . . 
'X-RAY DIFFRACTION' 4.7976 38.5271 1417 . 170 1247 97.0000  . . . 0.1320 0.0000 0.1194 . . . . . . 8 . . . 
# 
_struct.entry_id                     5ZEG 
_struct.title                        'Crystal structure of the bacterial A1408me1A-mutant ribosomal decoding site' 
_struct.pdbx_model_details           ? 
_struct.pdbx_formula_weight          ? 
_struct.pdbx_formula_weight_method   ? 
_struct.pdbx_model_type_details      ? 
_struct.pdbx_CASP_flag               N 
# 
_struct_keywords.entry_id        5ZEG 
_struct_keywords.text            'ribosome, RNA, aminoglycoside, antibiotic-resistance' 
_struct_keywords.pdbx_keywords   RNA 
# 
loop_
_struct_asym.id 
_struct_asym.pdbx_blank_PDB_chainid_flag 
_struct_asym.pdbx_modified 
_struct_asym.entity_id 
_struct_asym.details 
A N N 1 ? 
B N N 1 ? 
C N N 1 ? 
D N N 2 ? 
E N N 2 ? 
F N N 2 ? 
# 
loop_
_struct_conn.id 
_struct_conn.conn_type_id 
_struct_conn.pdbx_leaving_atom_flag 
_struct_conn.pdbx_PDB_id 
_struct_conn.ptnr1_label_asym_id 
_struct_conn.ptnr1_label_comp_id 
_struct_conn.ptnr1_label_seq_id 
_struct_conn.ptnr1_label_atom_id 
_struct_conn.pdbx_ptnr1_label_alt_id 
_struct_conn.pdbx_ptnr1_PDB_ins_code 
_struct_conn.pdbx_ptnr1_standard_comp_id 
_struct_conn.ptnr1_symmetry 
_struct_conn.ptnr2_label_asym_id 
_struct_conn.ptnr2_label_comp_id 
_struct_conn.ptnr2_label_seq_id 
_struct_conn.ptnr2_label_atom_id 
_struct_conn.pdbx_ptnr2_label_alt_id 
_struct_conn.pdbx_ptnr2_PDB_ins_code 
_struct_conn.ptnr1_auth_asym_id 
_struct_conn.ptnr1_auth_comp_id 
_struct_conn.ptnr1_auth_seq_id 
_struct_conn.ptnr2_auth_asym_id 
_struct_conn.ptnr2_auth_comp_id 
_struct_conn.ptnr2_auth_seq_id 
_struct_conn.ptnr2_symmetry 
_struct_conn.pdbx_ptnr3_label_atom_id 
_struct_conn.pdbx_ptnr3_label_seq_id 
_struct_conn.pdbx_ptnr3_label_comp_id 
_struct_conn.pdbx_ptnr3_label_asym_id 
_struct_conn.pdbx_ptnr3_label_alt_id 
_struct_conn.pdbx_ptnr3_PDB_ins_code 
_struct_conn.details 
_struct_conn.pdbx_dist_value 
_struct_conn.pdbx_value_order 
_struct_conn.pdbx_role 
covale1  covale both ? A C   7  "O3'" ? ? ? 1_555 A 1MA 8  P  ? ? A C   7  A 1MA 8  1_555 ? ? ? ? ? ? ?            1.609 ? ? 
covale2  covale both ? A 1MA 8  "O3'" ? ? ? 1_555 A C   9  P  ? ? A 1MA 8  A C   9  1_555 ? ? ? ? ? ? ?            1.606 ? ? 
covale3  covale both ? B C   7  "O3'" ? ? ? 1_555 B 1MA 8  P  ? ? B C   30 B 1MA 31 1_555 ? ? ? ? ? ? ?            1.609 ? ? 
covale4  covale both ? B 1MA 8  "O3'" ? ? ? 1_555 B C   9  P  ? ? B 1MA 31 B C   32 1_555 ? ? ? ? ? ? ?            1.607 ? ? 
covale5  covale both ? C C   7  "O3'" ? ? ? 1_555 C 1MA 8  P  ? ? C C   7  C 1MA 8  1_555 ? ? ? ? ? ? ?            1.614 ? ? 
covale6  covale both ? C 1MA 8  "O3'" ? ? ? 1_555 C C   9  P  ? ? C 1MA 8  C C   9  1_555 ? ? ? ? ? ? ?            1.603 ? ? 
hydrog1  hydrog ?    ? A G   3  N1    ? ? ? 1_555 B C   23 N3 ? ? A G   3  B C   46 1_555 ? ? ? ? ? ? WATSON-CRICK ?     ? ? 
hydrog2  hydrog ?    ? A G   3  N2    ? ? ? 1_555 B C   23 O2 ? ? A G   3  B C   46 1_555 ? ? ? ? ? ? WATSON-CRICK ?     ? ? 
hydrog3  hydrog ?    ? A G   3  O6    ? ? ? 1_555 B C   23 N4 ? ? A G   3  B C   46 1_555 ? ? ? ? ? ? WATSON-CRICK ?     ? ? 
hydrog4  hydrog ?    ? A C   4  N3    ? ? ? 1_555 B G   22 N1 ? ? A C   4  B G   45 1_555 ? ? ? ? ? ? WATSON-CRICK ?     ? ? 
hydrog5  hydrog ?    ? A C   4  N4    ? ? ? 1_555 B G   22 O6 ? ? A C   4  B G   45 1_555 ? ? ? ? ? ? WATSON-CRICK ?     ? ? 
hydrog6  hydrog ?    ? A C   4  O2    ? ? ? 1_555 B G   22 N2 ? ? A C   4  B G   45 1_555 ? ? ? ? ? ? WATSON-CRICK ?     ? ? 
hydrog7  hydrog ?    ? A G   5  N1    ? ? ? 1_555 B C   21 N3 ? ? A G   5  B C   44 1_555 ? ? ? ? ? ? WATSON-CRICK ?     ? ? 
hydrog8  hydrog ?    ? A G   5  N2    ? ? ? 1_555 B C   21 O2 ? ? A G   5  B C   44 1_555 ? ? ? ? ? ? WATSON-CRICK ?     ? ? 
hydrog9  hydrog ?    ? A G   5  O6    ? ? ? 1_555 B C   21 N4 ? ? A G   5  B C   44 1_555 ? ? ? ? ? ? WATSON-CRICK ?     ? ? 
hydrog10 hydrog ?    ? A U   6  N3    ? ? ? 1_555 B U   20 O2 ? ? A U   6  B U   43 1_555 ? ? ? ? ? ? TYPE_16_PAIR ?     ? ? 
hydrog11 hydrog ?    ? A U   6  O4    ? ? ? 1_555 B U   20 N3 ? ? A U   6  B U   43 1_555 ? ? ? ? ? ? TYPE_16_PAIR ?     ? ? 
hydrog12 hydrog ?    ? A C   7  N3    ? ? ? 1_555 B G   19 N1 ? ? A C   7  B G   42 1_555 ? ? ? ? ? ? WATSON-CRICK ?     ? ? 
hydrog13 hydrog ?    ? A C   7  N4    ? ? ? 1_555 B G   19 O6 ? ? A C   7  B G   42 1_555 ? ? ? ? ? ? WATSON-CRICK ?     ? ? 
hydrog14 hydrog ?    ? A C   7  O2    ? ? ? 1_555 B G   19 N2 ? ? A C   7  B G   42 1_555 ? ? ? ? ? ? WATSON-CRICK ?     ? ? 
hydrog15 hydrog ?    ? A C   9  N3    ? ? ? 1_555 B G   16 N1 ? ? A C   9  B G   39 1_555 ? ? ? ? ? ? WATSON-CRICK ?     ? ? 
hydrog16 hydrog ?    ? A C   9  N4    ? ? ? 1_555 B G   16 O6 ? ? A C   9  B G   39 1_555 ? ? ? ? ? ? WATSON-CRICK ?     ? ? 
hydrog17 hydrog ?    ? A C   9  O2    ? ? ? 1_555 B G   16 N2 ? ? A C   9  B G   39 1_555 ? ? ? ? ? ? WATSON-CRICK ?     ? ? 
hydrog18 hydrog ?    ? A G   10 N1    ? ? ? 1_555 B C   15 N3 ? ? A G   10 B C   38 1_555 ? ? ? ? ? ? WATSON-CRICK ?     ? ? 
hydrog19 hydrog ?    ? A G   10 N2    ? ? ? 1_555 B C   15 O2 ? ? A G   10 B C   38 1_555 ? ? ? ? ? ? WATSON-CRICK ?     ? ? 
hydrog20 hydrog ?    ? A G   10 O6    ? ? ? 1_555 B C   15 N4 ? ? A G   10 B C   38 1_555 ? ? ? ? ? ? WATSON-CRICK ?     ? ? 
hydrog21 hydrog ?    ? A U   11 N3    ? ? ? 1_555 B A   14 N1 ? ? A U   11 B A   37 1_555 ? ? ? ? ? ? WATSON-CRICK ?     ? ? 
hydrog22 hydrog ?    ? A U   11 O4    ? ? ? 1_555 B A   14 N6 ? ? A U   11 B A   37 1_555 ? ? ? ? ? ? WATSON-CRICK ?     ? ? 
hydrog23 hydrog ?    ? A C   12 N3    ? ? ? 1_555 B G   13 N1 ? ? A C   12 B G   36 1_555 ? ? ? ? ? ? WATSON-CRICK ?     ? ? 
hydrog24 hydrog ?    ? A C   12 N4    ? ? ? 1_555 B G   13 O6 ? ? A C   12 B G   36 1_555 ? ? ? ? ? ? WATSON-CRICK ?     ? ? 
hydrog25 hydrog ?    ? A C   12 O2    ? ? ? 1_555 B G   13 N2 ? ? A C   12 B G   36 1_555 ? ? ? ? ? ? WATSON-CRICK ?     ? ? 
hydrog26 hydrog ?    ? A G   13 N1    ? ? ? 1_555 B C   12 N3 ? ? A G   13 B C   35 1_555 ? ? ? ? ? ? WATSON-CRICK ?     ? ? 
hydrog27 hydrog ?    ? A G   13 N2    ? ? ? 1_555 B C   12 O2 ? ? A G   13 B C   35 1_555 ? ? ? ? ? ? WATSON-CRICK ?     ? ? 
hydrog28 hydrog ?    ? A G   13 O6    ? ? ? 1_555 B C   12 N4 ? ? A G   13 B C   35 1_555 ? ? ? ? ? ? WATSON-CRICK ?     ? ? 
hydrog29 hydrog ?    ? A A   14 N1    ? ? ? 1_555 B U   11 N3 ? ? A A   14 B U   34 1_555 ? ? ? ? ? ? WATSON-CRICK ?     ? ? 
hydrog30 hydrog ?    ? A A   14 N6    ? ? ? 1_555 B U   11 O4 ? ? A A   14 B U   34 1_555 ? ? ? ? ? ? WATSON-CRICK ?     ? ? 
hydrog31 hydrog ?    ? A C   15 N3    ? ? ? 1_555 B G   10 N1 ? ? A C   15 B G   33 1_555 ? ? ? ? ? ? WATSON-CRICK ?     ? ? 
hydrog32 hydrog ?    ? A C   15 N4    ? ? ? 1_555 B G   10 O6 ? ? A C   15 B G   33 1_555 ? ? ? ? ? ? WATSON-CRICK ?     ? ? 
hydrog33 hydrog ?    ? A C   15 O2    ? ? ? 1_555 B G   10 N2 ? ? A C   15 B G   33 1_555 ? ? ? ? ? ? WATSON-CRICK ?     ? ? 
hydrog34 hydrog ?    ? A G   16 N1    ? ? ? 1_555 B C   9  N3 ? ? A G   16 B C   32 1_555 ? ? ? ? ? ? WATSON-CRICK ?     ? ? 
hydrog35 hydrog ?    ? A G   16 N2    ? ? ? 1_555 B C   9  O2 ? ? A G   16 B C   32 1_555 ? ? ? ? ? ? WATSON-CRICK ?     ? ? 
hydrog36 hydrog ?    ? A G   16 O6    ? ? ? 1_555 B C   9  N4 ? ? A G   16 B C   32 1_555 ? ? ? ? ? ? WATSON-CRICK ?     ? ? 
hydrog37 hydrog ?    ? A A   17 N1    ? ? ? 1_555 C U   2  N3 ? ? A A   17 C U   2  1_555 ? ? ? ? ? ? WATSON-CRICK ?     ? ? 
hydrog38 hydrog ?    ? A A   17 N6    ? ? ? 1_555 C U   2  O4 ? ? A A   17 C U   2  1_555 ? ? ? ? ? ? WATSON-CRICK ?     ? ? 
hydrog39 hydrog ?    ? A A   18 N1    ? ? ? 1_555 C U   1  N3 ? ? A A   18 C U   1  1_555 ? ? ? ? ? ? WATSON-CRICK ?     ? ? 
hydrog40 hydrog ?    ? A A   18 N6    ? ? ? 1_555 C U   1  O4 ? ? A A   18 C U   1  1_555 ? ? ? ? ? ? WATSON-CRICK ?     ? ? 
hydrog41 hydrog ?    ? A G   19 N1    ? ? ? 1_555 B C   7  N3 ? ? A G   19 B C   30 1_555 ? ? ? ? ? ? WATSON-CRICK ?     ? ? 
hydrog42 hydrog ?    ? A G   19 N2    ? ? ? 1_555 B C   7  O2 ? ? A G   19 B C   30 1_555 ? ? ? ? ? ? WATSON-CRICK ?     ? ? 
hydrog43 hydrog ?    ? A G   19 O6    ? ? ? 1_555 B C   7  N4 ? ? A G   19 B C   30 1_555 ? ? ? ? ? ? WATSON-CRICK ?     ? ? 
hydrog44 hydrog ?    ? A U   20 N3    ? ? ? 1_555 B U   6  O2 ? ? A U   20 B U   29 1_555 ? ? ? ? ? ? TYPE_16_PAIR ?     ? ? 
hydrog45 hydrog ?    ? A U   20 O4    ? ? ? 1_555 B U   6  N3 ? ? A U   20 B U   29 1_555 ? ? ? ? ? ? TYPE_16_PAIR ?     ? ? 
hydrog46 hydrog ?    ? A C   21 N3    ? ? ? 1_555 B G   5  N1 ? ? A C   21 B G   28 1_555 ? ? ? ? ? ? WATSON-CRICK ?     ? ? 
hydrog47 hydrog ?    ? A C   21 N4    ? ? ? 1_555 B G   5  O6 ? ? A C   21 B G   28 1_555 ? ? ? ? ? ? WATSON-CRICK ?     ? ? 
hydrog48 hydrog ?    ? A C   21 O2    ? ? ? 1_555 B G   5  N2 ? ? A C   21 B G   28 1_555 ? ? ? ? ? ? WATSON-CRICK ?     ? ? 
hydrog49 hydrog ?    ? A G   22 N1    ? ? ? 1_555 B C   4  N3 ? ? A G   22 B C   27 1_555 ? ? ? ? ? ? WATSON-CRICK ?     ? ? 
hydrog50 hydrog ?    ? A G   22 N2    ? ? ? 1_555 B C   4  O2 ? ? A G   22 B C   27 1_555 ? ? ? ? ? ? WATSON-CRICK ?     ? ? 
hydrog51 hydrog ?    ? A G   22 O6    ? ? ? 1_555 B C   4  N4 ? ? A G   22 B C   27 1_555 ? ? ? ? ? ? WATSON-CRICK ?     ? ? 
hydrog52 hydrog ?    ? A C   23 N3    ? ? ? 1_555 B G   3  N1 ? ? A C   23 B G   26 1_555 ? ? ? ? ? ? WATSON-CRICK ?     ? ? 
hydrog53 hydrog ?    ? A C   23 N4    ? ? ? 1_555 B G   3  O6 ? ? A C   23 B G   26 1_555 ? ? ? ? ? ? WATSON-CRICK ?     ? ? 
hydrog54 hydrog ?    ? A C   23 O2    ? ? ? 1_555 B G   3  N2 ? ? A C   23 B G   26 1_555 ? ? ? ? ? ? WATSON-CRICK ?     ? ? 
# 
loop_
_struct_conn_type.id 
_struct_conn_type.criteria 
_struct_conn_type.reference 
covale ? ? 
hydrog ? ? 
# 
_atom_sites.entry_id                    5ZEG 
_atom_sites.fract_transf_matrix[1][1]   -0.00508907 
_atom_sites.fract_transf_matrix[1][2]   -0.00269124 
_atom_sites.fract_transf_matrix[1][3]   0.00256066 
_atom_sites.fract_transf_matrix[2][1]   0.01065497 
_atom_sites.fract_transf_matrix[2][2]   -0.01859828 
_atom_sites.fract_transf_matrix[2][3]   0.00162903 
_atom_sites.fract_transf_matrix[3][1]   0.00591726 
_atom_sites.fract_transf_matrix[3][2]   0.00554987 
_atom_sites.fract_transf_matrix[3][3]   0.02465876 
_atom_sites.fract_transf_vector[1]      -0.122072 
_atom_sites.fract_transf_vector[2]      -0.402040 
_atom_sites.fract_transf_vector[3]      -0.342226 
# 
loop_
_atom_type.symbol 
C 
N 
O 
P 
# 
loop_
_atom_site.group_PDB 
_atom_site.id 
_atom_site.type_symbol 
_atom_site.label_atom_id 
_atom_site.label_alt_id 
_atom_site.label_comp_id 
_atom_site.label_asym_id 
_atom_site.label_entity_id 
_atom_site.label_seq_id 
_atom_site.pdbx_PDB_ins_code 
_atom_site.Cartn_x 
_atom_site.Cartn_y 
_atom_site.Cartn_z 
_atom_site.occupancy 
_atom_site.B_iso_or_equiv 
_atom_site.pdbx_formal_charge 
_atom_site.auth_seq_id 
_atom_site.auth_comp_id 
_atom_site.auth_asym_id 
_atom_site.auth_atom_id 
_atom_site.pdbx_PDB_model_num 
ATOM   1    O "O5'" . U   A 1 1  ? 32.287  -16.845 7.351   1.00 46.97 ? 1   U   A "O5'" 1 
ATOM   2    C "C5'" . U   A 1 1  ? 33.290  -17.384 6.508   1.00 37.30 ? 1   U   A "C5'" 1 
ATOM   3    C "C4'" . U   A 1 1  ? 32.883  -18.732 6.000   1.00 40.78 ? 1   U   A "C4'" 1 
ATOM   4    O "O4'" . U   A 1 1  ? 32.709  -19.616 7.131   1.00 46.23 ? 1   U   A "O4'" 1 
ATOM   5    C "C3'" . U   A 1 1  ? 31.542  -18.792 5.284   1.00 40.34 ? 1   U   A "C3'" 1 
ATOM   6    O "O3'" . U   A 1 1  ? 31.609  -18.420 3.924   1.00 42.75 ? 1   U   A "O3'" 1 
ATOM   7    C "C2'" . U   A 1 1  ? 31.129  -20.236 5.484   1.00 40.07 ? 1   U   A "C2'" 1 
ATOM   8    O "O2'" . U   A 1 1  ? 31.866  -21.084 4.616   1.00 43.01 ? 1   U   A "O2'" 1 
ATOM   9    C "C1'" . U   A 1 1  ? 31.617  -20.481 6.904   1.00 43.79 ? 1   U   A "C1'" 1 
ATOM   10   N N1    . U   A 1 1  ? 30.572  -20.222 7.928   1.00 39.51 ? 1   U   A N1    1 
ATOM   11   C C2    . U   A 1 1  ? 29.575  -21.184 8.041   1.00 42.35 ? 1   U   A C2    1 
ATOM   12   O O2    . U   A 1 1  ? 29.561  -22.179 7.314   1.00 38.92 ? 1   U   A O2    1 
ATOM   13   N N3    . U   A 1 1  ? 28.613  -20.945 9.018   1.00 36.17 ? 1   U   A N3    1 
ATOM   14   C C4    . U   A 1 1  ? 28.567  -19.863 9.874   1.00 37.32 ? 1   U   A C4    1 
ATOM   15   O O4    . U   A 1 1  ? 27.648  -19.782 10.695  1.00 38.87 ? 1   U   A O4    1 
ATOM   16   C C5    . U   A 1 1  ? 29.629  -18.913 9.685   1.00 40.91 ? 1   U   A C5    1 
ATOM   17   C C6    . U   A 1 1  ? 30.576  -19.115 8.742   1.00 38.65 ? 1   U   A C6    1 
ATOM   18   P P     . U   A 1 2  ? 30.353  -17.701 3.229   1.00 40.58 ? 2   U   A P     1 
ATOM   19   O OP1   . U   A 1 2  ? 30.749  -17.377 1.843   1.00 51.84 ? 2   U   A OP1   1 
ATOM   20   O OP2   . U   A 1 2  ? 29.877  -16.646 4.152   1.00 40.65 ? 2   U   A OP2   1 
ATOM   21   O "O5'" . U   A 1 2  ? 29.232  -18.825 3.131   1.00 41.00 ? 2   U   A "O5'" 1 
ATOM   22   C "C5'" . U   A 1 2  ? 29.443  -20.000 2.370   1.00 39.58 ? 2   U   A "C5'" 1 
ATOM   23   C "C4'" . U   A 1 2  ? 28.344  -20.999 2.621   1.00 44.98 ? 2   U   A "C4'" 1 
ATOM   24   O "O4'" . U   A 1 2  ? 28.384  -21.419 4.011   1.00 44.71 ? 2   U   A "O4'" 1 
ATOM   25   C "C3'" . U   A 1 2  ? 26.928  -20.477 2.442   1.00 46.46 ? 2   U   A "C3'" 1 
ATOM   26   O "O3'" . U   A 1 2  ? 26.508  -20.437 1.090   1.00 45.46 ? 2   U   A "O3'" 1 
ATOM   27   C "C2'" . U   A 1 2  ? 26.117  -21.422 3.320   1.00 43.09 ? 2   U   A "C2'" 1 
ATOM   28   O "O2'" . U   A 1 2  ? 25.942  -22.681 2.689   1.00 38.84 ? 2   U   A "O2'" 1 
ATOM   29   C "C1'" . U   A 1 2  ? 27.071  -21.619 4.493   1.00 42.70 ? 2   U   A "C1'" 1 
ATOM   30   N N1    . U   A 1 2  ? 26.804  -20.658 5.588   1.00 39.72 ? 2   U   A N1    1 
ATOM   31   C C2    . U   A 1 2  ? 25.766  -21.000 6.426   1.00 40.19 ? 2   U   A C2    1 
ATOM   32   O O2    . U   A 1 2  ? 25.110  -22.003 6.273   1.00 44.40 ? 2   U   A O2    1 
ATOM   33   N N3    . U   A 1 2  ? 25.504  -20.148 7.451   1.00 36.53 ? 2   U   A N3    1 
ATOM   34   C C4    . U   A 1 2  ? 26.163  -18.982 7.722   1.00 37.78 ? 2   U   A C4    1 
ATOM   35   O O4    . U   A 1 2  ? 25.779  -18.337 8.693   1.00 35.72 ? 2   U   A O4    1 
ATOM   36   C C5    . U   A 1 2  ? 27.242  -18.676 6.819   1.00 38.17 ? 2   U   A C5    1 
ATOM   37   C C6    . U   A 1 2  ? 27.523  -19.507 5.801   1.00 36.79 ? 2   U   A C6    1 
ATOM   38   P P     . G   A 1 3  ? 25.367  -19.401 0.635   1.00 46.12 ? 3   G   A P     1 
ATOM   39   O OP1   . G   A 1 3  ? 25.295  -19.520 -0.830  1.00 49.80 ? 3   G   A OP1   1 
ATOM   40   O OP2   . G   A 1 3  ? 25.538  -18.092 1.313   1.00 42.90 ? 3   G   A OP2   1 
ATOM   41   O "O5'" . G   A 1 3  ? 24.018  -19.984 1.248   1.00 45.87 ? 3   G   A "O5'" 1 
ATOM   42   C "C5'" . G   A 1 3  ? 23.521  -21.239 0.839   1.00 48.25 ? 3   G   A "C5'" 1 
ATOM   43   C "C4'" . G   A 1 3  ? 22.378  -21.669 1.714   1.00 50.95 ? 3   G   A "C4'" 1 
ATOM   44   O "O4'" . G   A 1 3  ? 22.804  -21.719 3.094   1.00 44.40 ? 3   G   A "O4'" 1 
ATOM   45   C "C3'" . G   A 1 3  ? 21.172  -20.748 1.738   1.00 47.57 ? 3   G   A "C3'" 1 
ATOM   46   O "O3'" . G   A 1 3  ? 20.345  -20.955 0.612   1.00 48.09 ? 3   G   A "O3'" 1 
ATOM   47   C "C2'" . G   A 1 3  ? 20.503  -21.113 3.059   1.00 42.26 ? 3   G   A "C2'" 1 
ATOM   48   O "O2'" . G   A 1 3  ? 19.768  -22.314 2.913   1.00 43.36 ? 3   G   A "O2'" 1 
ATOM   49   C "C1'" . G   A 1 3  ? 21.715  -21.419 3.941   1.00 42.02 ? 3   G   A "C1'" 1 
ATOM   50   N N9    . G   A 1 3  ? 22.095  -20.305 4.825   1.00 37.05 ? 3   G   A N9    1 
ATOM   51   C C8    . G   A 1 3  ? 23.168  -19.464 4.677   1.00 38.73 ? 3   G   A C8    1 
ATOM   52   N N7    . G   A 1 3  ? 23.260  -18.580 5.629   1.00 39.47 ? 3   G   A N7    1 
ATOM   53   C C5    . G   A 1 3  ? 22.187  -18.868 6.465   1.00 37.24 ? 3   G   A C5    1 
ATOM   54   C C6    . G   A 1 3  ? 21.766  -18.262 7.671   1.00 38.33 ? 3   G   A C6    1 
ATOM   55   O O6    . G   A 1 3  ? 22.266  -17.298 8.268   1.00 41.36 ? 3   G   A O6    1 
ATOM   56   N N1    . G   A 1 3  ? 20.632  -18.882 8.188   1.00 39.89 ? 3   G   A N1    1 
ATOM   57   C C2    . G   A 1 3  ? 19.972  -19.947 7.617   1.00 41.09 ? 3   G   A C2    1 
ATOM   58   N N2    . G   A 1 3  ? 18.883  -20.424 8.261   1.00 38.99 ? 3   G   A N2    1 
ATOM   59   N N3    . G   A 1 3  ? 20.366  -20.516 6.490   1.00 40.16 ? 3   G   A N3    1 
ATOM   60   C C4    . G   A 1 3  ? 21.462  -19.932 5.977   1.00 38.68 ? 3   G   A C4    1 
ATOM   61   P P     . C   A 1 4  ? 19.417  -19.783 0.046   1.00 47.58 ? 4   C   A P     1 
ATOM   62   O OP1   . C   A 1 4  ? 18.859  -20.297 -1.228  1.00 52.70 ? 4   C   A OP1   1 
ATOM   63   O OP2   . C   A 1 4  ? 20.168  -18.507 0.082   1.00 52.54 ? 4   C   A OP2   1 
ATOM   64   O "O5'" . C   A 1 4  ? 18.245  -19.666 1.117   1.00 42.47 ? 4   C   A "O5'" 1 
ATOM   65   C "C5'" . C   A 1 4  ? 17.271  -20.682 1.227   1.00 43.45 ? 4   C   A "C5'" 1 
ATOM   66   C "C4'" . C   A 1 4  ? 16.425  -20.493 2.454   1.00 44.53 ? 4   C   A "C4'" 1 
ATOM   67   O "O4'" . C   A 1 4  ? 17.268  -20.525 3.635   1.00 47.16 ? 4   C   A "O4'" 1 
ATOM   68   C "C3'" . C   A 1 4  ? 15.695  -19.168 2.579   1.00 45.39 ? 4   C   A "C3'" 1 
ATOM   69   O "O3'" . C   A 1 4  ? 14.512  -19.101 1.811   1.00 49.53 ? 4   C   A "O3'" 1 
ATOM   70   C "C2'" . C   A 1 4  ? 15.428  -19.089 4.068   1.00 44.78 ? 4   C   A "C2'" 1 
ATOM   71   O "O2'" . C   A 1 4  ? 14.365  -19.958 4.400   1.00 45.89 ? 4   C   A "O2'" 1 
ATOM   72   C "C1'" . C   A 1 4  ? 16.717  -19.686 4.634   1.00 45.34 ? 4   C   A "C1'" 1 
ATOM   73   N N1    . C   A 1 4  ? 17.700  -18.633 4.979   1.00 42.28 ? 4   C   A N1    1 
ATOM   74   C C2    . C   A 1 4  ? 17.525  -17.937 6.181   1.00 42.59 ? 4   C   A C2    1 
ATOM   75   O O2    . C   A 1 4  ? 16.564  -18.231 6.923   1.00 45.35 ? 4   C   A O2    1 
ATOM   76   N N3    . C   A 1 4  ? 18.409  -16.964 6.506   1.00 38.55 ? 4   C   A N3    1 
ATOM   77   C C4    . C   A 1 4  ? 19.422  -16.686 5.684   1.00 37.48 ? 4   C   A C4    1 
ATOM   78   N N4    . C   A 1 4  ? 20.272  -15.731 6.052   1.00 35.98 ? 4   C   A N4    1 
ATOM   79   C C5    . C   A 1 4  ? 19.622  -17.378 4.456   1.00 39.15 ? 4   C   A C5    1 
ATOM   80   C C6    . C   A 1 4  ? 18.742  -18.333 4.140   1.00 41.81 ? 4   C   A C6    1 
ATOM   81   P P     . G   A 1 5  ? 14.106  -17.719 1.095   1.00 54.78 ? 5   G   A P     1 
ATOM   82   O OP1   . G   A 1 5  ? 12.922  -18.041 0.254   1.00 58.05 ? 5   G   A OP1   1 
ATOM   83   O OP2   . G   A 1 5  ? 15.339  -17.097 0.551   1.00 48.85 ? 5   G   A OP2   1 
ATOM   84   O "O5'" . G   A 1 5  ? 13.707  -16.733 2.276   1.00 42.48 ? 5   G   A "O5'" 1 
ATOM   85   C "C5'" . G   A 1 5  ? 12.523  -16.933 3.001   1.00 45.53 ? 5   G   A "C5'" 1 
ATOM   86   C "C4'" . G   A 1 5  ? 12.539  -16.185 4.304   1.00 46.62 ? 5   G   A "C4'" 1 
ATOM   87   O "O4'" . G   A 1 5  ? 13.741  -16.481 5.057   1.00 47.40 ? 5   G   A "O4'" 1 
ATOM   88   C "C3'" . G   A 1 5  ? 12.535  -14.669 4.248   1.00 43.12 ? 5   G   A "C3'" 1 
ATOM   89   O "O3'" . G   A 1 5  ? 11.273  -14.128 3.886   1.00 50.79 ? 5   G   A "O3'" 1 
ATOM   90   C "C2'" . G   A 1 5  ? 12.948  -14.322 5.667   1.00 44.01 ? 5   G   A "C2'" 1 
ATOM   91   O "O2'" . G   A 1 5  ? 11.851  -14.507 6.543   1.00 50.73 ? 5   G   A "O2'" 1 
ATOM   92   C "C1'" . G   A 1 5  ? 13.990  -15.417 5.955   1.00 47.21 ? 5   G   A "C1'" 1 
ATOM   93   N N9    . G   A 1 5  ? 15.351  -14.894 5.751   1.00 42.33 ? 5   G   A N9    1 
ATOM   94   C C8    . G   A 1 5  ? 16.234  -15.151 4.730   1.00 41.36 ? 5   G   A C8    1 
ATOM   95   N N7    . G   A 1 5  ? 17.341  -14.461 4.845   1.00 40.94 ? 5   G   A N7    1 
ATOM   96   C C5    . G   A 1 5  ? 17.163  -13.704 5.998   1.00 38.53 ? 5   G   A C5    1 
ATOM   97   C C6    . G   A 1 5  ? 18.024  -12.778 6.620   1.00 38.83 ? 5   G   A C6    1 
ATOM   98   O O6    . G   A 1 5  ? 19.150  -12.443 6.248   1.00 37.33 ? 5   G   A O6    1 
ATOM   99   N N1    . G   A 1 5  ? 17.462  -12.222 7.766   1.00 39.11 ? 5   G   A N1    1 
ATOM   100  C C2    . G   A 1 5  ? 16.218  -12.543 8.251   1.00 41.67 ? 5   G   A C2    1 
ATOM   101  N N2    . G   A 1 5  ? 15.843  -11.903 9.364   1.00 39.86 ? 5   G   A N2    1 
ATOM   102  N N3    . G   A 1 5  ? 15.394  -13.416 7.685   1.00 41.38 ? 5   G   A N3    1 
ATOM   103  C C4    . G   A 1 5  ? 15.938  -13.952 6.567   1.00 40.28 ? 5   G   A C4    1 
ATOM   104  P P     . U   A 1 6  ? 11.133  -12.636 3.279   1.00 49.73 ? 6   U   A P     1 
ATOM   105  O OP1   . U   A 1 6  ? 9.736   -12.501 2.798   1.00 52.56 ? 6   U   A OP1   1 
ATOM   106  O OP2   . U   A 1 6  ? 12.227  -12.372 2.310   1.00 48.38 ? 6   U   A OP2   1 
ATOM   107  O "O5'" . U   A 1 6  ? 11.342  -11.671 4.536   1.00 48.01 ? 6   U   A "O5'" 1 
ATOM   108  C "C5'" . U   A 1 6  ? 10.489  -11.748 5.670   1.00 50.15 ? 6   U   A "C5'" 1 
ATOM   109  C "C4'" . U   A 1 6  ? 10.839  -10.720 6.722   1.00 46.06 ? 6   U   A "C4'" 1 
ATOM   110  O "O4'" . U   A 1 6  ? 12.118  -11.032 7.324   1.00 43.88 ? 6   U   A "O4'" 1 
ATOM   111  C "C3'" . U   A 1 6  ? 11.005  -9.297  6.233   1.00 49.11 ? 6   U   A "C3'" 1 
ATOM   112  O "O3'" . U   A 1 6  ? 9.776   -8.631  6.051   1.00 51.15 ? 6   U   A "O3'" 1 
ATOM   113  C "C2'" . U   A 1 6  ? 11.875  -8.665  7.309   1.00 49.66 ? 6   U   A "C2'" 1 
ATOM   114  O "O2'" . U   A 1 6  ? 11.089  -8.272  8.420   1.00 52.71 ? 6   U   A "O2'" 1 
ATOM   115  C "C1'" . U   A 1 6  ? 12.762  -9.841  7.723   1.00 44.32 ? 6   U   A "C1'" 1 
ATOM   116  N N1    . U   A 1 6  ? 14.102  -9.782  7.100   1.00 44.25 ? 6   U   A N1    1 
ATOM   117  C C2    . U   A 1 6  ? 14.997  -8.907  7.663   1.00 42.68 ? 6   U   A C2    1 
ATOM   118  O O2    . U   A 1 6  ? 14.684  -8.216  8.612   1.00 42.94 ? 6   U   A O2    1 
ATOM   119  N N3    . U   A 1 6  ? 16.242  -8.882  7.074   1.00 41.01 ? 6   U   A N3    1 
ATOM   120  C C4    . U   A 1 6  ? 16.671  -9.639  5.993   1.00 42.46 ? 6   U   A C4    1 
ATOM   121  O O4    . U   A 1 6  ? 17.825  -9.519  5.562   1.00 41.19 ? 6   U   A O4    1 
ATOM   122  C C5    . U   A 1 6  ? 15.685  -10.528 5.469   1.00 40.21 ? 6   U   A C5    1 
ATOM   123  C C6    . U   A 1 6  ? 14.469  -10.563 6.029   1.00 45.23 ? 6   U   A C6    1 
ATOM   124  P P     . C   A 1 7  ? 9.612   -7.622  4.819   1.00 53.75 ? 7   C   A P     1 
ATOM   125  O OP1   . C   A 1 7  ? 8.204   -7.160  4.812   1.00 60.03 ? 7   C   A OP1   1 
ATOM   126  O OP2   . C   A 1 7  ? 10.185  -8.265  3.600   1.00 50.98 ? 7   C   A OP2   1 
ATOM   127  O "O5'" . C   A 1 7  ? 10.533  -6.391  5.216   1.00 46.37 ? 7   C   A "O5'" 1 
ATOM   128  C "C5'" . C   A 1 7  ? 10.186  -5.578  6.319   1.00 44.52 ? 7   C   A "C5'" 1 
ATOM   129  C "C4'" . C   A 1 7  ? 11.299  -4.637  6.688   1.00 44.81 ? 7   C   A "C4'" 1 
ATOM   130  O "O4'" . C   A 1 7  ? 12.462  -5.386  7.123   1.00 50.29 ? 7   C   A "O4'" 1 
ATOM   131  C "C3'" . C   A 1 7  ? 11.845  -3.763  5.582   1.00 49.90 ? 7   C   A "C3'" 1 
ATOM   132  O "O3'" . C   A 1 7  ? 11.004  -2.669  5.252   1.00 48.65 ? 7   C   A "O3'" 1 
ATOM   133  C "C2'" . C   A 1 7  ? 13.196  -3.361  6.151   1.00 47.90 ? 7   C   A "C2'" 1 
ATOM   134  O "O2'" . C   A 1 7  ? 13.028  -2.400  7.181   1.00 51.36 ? 7   C   A "O2'" 1 
ATOM   135  C "C1'" . C   A 1 7  ? 13.634  -4.670  6.804   1.00 43.89 ? 7   C   A "C1'" 1 
ATOM   136  N N1    . C   A 1 7  ? 14.457  -5.482  5.883   1.00 46.14 ? 7   C   A N1    1 
ATOM   137  C C2    . C   A 1 7  ? 15.806  -5.164  5.713   1.00 46.33 ? 7   C   A C2    1 
ATOM   138  O O2    . C   A 1 7  ? 16.277  -4.226  6.367   1.00 47.24 ? 7   C   A O2    1 
ATOM   139  N N3    . C   A 1 7  ? 16.568  -5.888  4.856   1.00 41.49 ? 7   C   A N3    1 
ATOM   140  C C4    . C   A 1 7  ? 16.021  -6.895  4.168   1.00 42.83 ? 7   C   A C4    1 
ATOM   141  N N4    . C   A 1 7  ? 16.782  -7.602  3.326   1.00 38.88 ? 7   C   A N4    1 
ATOM   142  C C5    . C   A 1 7  ? 14.645  -7.230  4.313   1.00 46.59 ? 7   C   A C5    1 
ATOM   143  C C6    . C   A 1 7  ? 13.906  -6.508  5.168   1.00 47.36 ? 7   C   A C6    1 
HETATM 144  P P     . 1MA A 1 8  ? 10.954  -2.113  3.742   1.00 50.87 ? 8   1MA A P     1 
HETATM 145  O OP1   . 1MA A 1 8  ? 9.998   -0.940  3.815   1.00 62.02 ? 8   1MA A OP1   1 
HETATM 146  O OP2   . 1MA A 1 8  ? 10.690  -3.224  2.722   1.00 46.22 ? 8   1MA A OP2   1 
HETATM 147  O "O5'" . 1MA A 1 8  ? 12.421  -1.550  3.478   1.00 52.10 ? 8   1MA A "O5'" 1 
HETATM 148  C "C5'" . 1MA A 1 8  ? 12.916  -0.441  4.219   1.00 52.56 ? 8   1MA A "C5'" 1 
HETATM 149  C "C4'" . 1MA A 1 8  ? 14.329  -0.087  3.821   1.00 49.99 ? 8   1MA A "C4'" 1 
HETATM 150  O "O4'" . 1MA A 1 8  ? 15.248  -1.110  4.298   1.00 50.45 ? 8   1MA A "O4'" 1 
HETATM 151  C "C3'" . 1MA A 1 8  ? 14.598  -0.001  2.325   1.00 50.02 ? 8   1MA A "C3'" 1 
HETATM 152  O "O3'" . 1MA A 1 8  ? 14.271  1.267   1.791   1.00 55.71 ? 8   1MA A "O3'" 1 
HETATM 153  C "C2'" . 1MA A 1 8  ? 16.077  -0.323  2.237   1.00 49.04 ? 8   1MA A "C2'" 1 
HETATM 154  O "O2'" . 1MA A 1 8  ? 16.834  0.794   2.671   1.00 48.27 ? 8   1MA A "O2'" 1 
HETATM 155  C "C1'" . 1MA A 1 8  ? 16.192  -1.414  3.297   1.00 48.21 ? 8   1MA A "C1'" 1 
HETATM 156  N N9    . 1MA A 1 8  ? 15.872  -2.756  2.762   1.00 49.58 ? 8   1MA A N9    1 
HETATM 157  C C8    . 1MA A 1 8  ? 14.830  -3.616  2.769   1.00 47.83 ? 8   1MA A C8    1 
HETATM 158  N N7    . 1MA A 1 8  ? 15.190  -4.722  2.055   1.00 46.14 ? 8   1MA A N7    1 
HETATM 159  C C5    . 1MA A 1 8  ? 16.457  -4.547  1.620   1.00 43.16 ? 8   1MA A C5    1 
HETATM 160  C C6    . 1MA A 1 8  ? 17.365  -5.439  0.805   1.00 41.16 ? 8   1MA A C6    1 
HETATM 161  N N6    . 1MA A 1 8  ? 16.938  -6.650  0.375   1.00 41.20 ? 8   1MA A N6    1 
HETATM 162  N N1    . 1MA A 1 8  ? 18.666  -5.005  0.487   1.00 42.83 ? 8   1MA A N1    1 
HETATM 163  C CM1   . 1MA A 1 8  ? 19.516  -5.855  -0.296  1.00 42.17 ? 8   1MA A CM1   1 
HETATM 164  C C2    . 1MA A 1 8  ? 19.125  -3.741  0.922   1.00 39.46 ? 8   1MA A C2    1 
HETATM 165  N N3    . 1MA A 1 8  ? 18.253  -2.899  1.712   1.00 42.85 ? 8   1MA A N3    1 
HETATM 166  C C4    . 1MA A 1 8  ? 16.893  -3.335  2.053   1.00 44.12 ? 8   1MA A C4    1 
ATOM   167  P P     . C   A 1 9  ? 13.621  1.399   0.329   1.00 53.72 ? 9   C   A P     1 
ATOM   168  O OP1   . C   A 1 9  ? 13.237  2.827   0.195   1.00 59.12 ? 9   C   A OP1   1 
ATOM   169  O OP2   . C   A 1 9  ? 12.622  0.324   0.105   1.00 49.61 ? 9   C   A OP2   1 
ATOM   170  O "O5'" . C   A 1 9  ? 14.847  1.166   -0.646  1.00 45.97 ? 9   C   A "O5'" 1 
ATOM   171  C "C5'" . C   A 1 9  ? 15.967  2.026   -0.558  1.00 49.94 ? 9   C   A "C5'" 1 
ATOM   172  C "C4'" . C   A 1 9  ? 17.160  1.470   -1.285  1.00 50.55 ? 9   C   A "C4'" 1 
ATOM   173  O "O4'" . C   A 1 9  ? 17.625  0.252   -0.641  1.00 49.70 ? 9   C   A "O4'" 1 
ATOM   174  C "C3'" . C   A 1 9  ? 16.931  1.050   -2.723  1.00 49.81 ? 9   C   A "C3'" 1 
ATOM   175  O "O3'" . C   A 1 9  ? 16.881  2.149   -3.615  1.00 58.49 ? 9   C   A "O3'" 1 
ATOM   176  C "C2'" . C   A 1 9  ? 18.103  0.114   -2.956  1.00 48.59 ? 9   C   A "C2'" 1 
ATOM   177  O "O2'" . C   A 1 9  ? 19.301  0.865   -3.075  1.00 51.42 ? 9   C   A "O2'" 1 
ATOM   178  C "C1'" . C   A 1 9  ? 18.138  -0.631  -1.618  1.00 48.38 ? 9   C   A "C1'" 1 
ATOM   179  N N1    . C   A 1 9  ? 17.287  -1.849  -1.654  1.00 47.37 ? 9   C   A N1    1 
ATOM   180  C C2    . C   A 1 9  ? 17.780  -2.962  -2.331  1.00 41.72 ? 9   C   A C2    1 
ATOM   181  O O2    . C   A 1 9  ? 18.901  -2.897  -2.846  1.00 43.62 ? 9   C   A O2    1 
ATOM   182  N N3    . C   A 1 9  ? 17.034  -4.085  -2.414  1.00 45.27 ? 9   C   A N3    1 
ATOM   183  C C4    . C   A 1 9  ? 15.825  -4.146  -1.850  1.00 47.00 ? 9   C   A C4    1 
ATOM   184  N N4    . C   A 1 9  ? 15.154  -5.297  -1.981  1.00 39.36 ? 9   C   A N4    1 
ATOM   185  C C5    . C   A 1 9  ? 15.277  -3.021  -1.148  1.00 47.07 ? 9   C   A C5    1 
ATOM   186  C C6    . C   A 1 9  ? 16.035  -1.906  -1.076  1.00 47.65 ? 9   C   A C6    1 
ATOM   187  P P     . G   A 1 10 ? 15.970  2.114   -4.943  1.00 57.08 ? 10  G   A P     1 
ATOM   188  O OP1   . G   A 1 10 ? 16.133  3.453   -5.550  1.00 60.80 ? 10  G   A OP1   1 
ATOM   189  O OP2   . G   A 1 10 ? 14.609  1.594   -4.651  1.00 53.02 ? 10  G   A OP2   1 
ATOM   190  O "O5'" . G   A 1 10 ? 16.720  1.098   -5.911  1.00 52.95 ? 10  G   A "O5'" 1 
ATOM   191  C "C5'" . G   A 1 10 ? 18.020  1.392   -6.386  1.00 46.91 ? 10  G   A "C5'" 1 
ATOM   192  C "C4'" . G   A 1 10 ? 18.543  0.301   -7.278  1.00 48.69 ? 10  G   A "C4'" 1 
ATOM   193  O "O4'" . G   A 1 10 ? 18.802  -0.896  -6.507  1.00 53.81 ? 10  G   A "O4'" 1 
ATOM   194  C "C3'" . G   A 1 10 ? 17.617  -0.170  -8.385  1.00 52.50 ? 10  G   A "C3'" 1 
ATOM   195  O "O3'" . G   A 1 10 ? 17.654  0.683   -9.512  1.00 56.67 ? 10  G   A "O3'" 1 
ATOM   196  C "C2'" . G   A 1 10 ? 18.158  -1.559  -8.685  1.00 51.22 ? 10  G   A "C2'" 1 
ATOM   197  O "O2'" . G   A 1 10 ? 19.357  -1.457  -9.446  1.00 51.39 ? 10  G   A "O2'" 1 
ATOM   198  C "C1'" . G   A 1 10 ? 18.517  -2.040  -7.285  1.00 48.68 ? 10  G   A "C1'" 1 
ATOM   199  N N9    . G   A 1 10 ? 17.407  -2.754  -6.630  1.00 46.97 ? 10  G   A N9    1 
ATOM   200  C C8    . G   A 1 10 ? 16.626  -2.254  -5.615  1.00 47.14 ? 10  G   A C8    1 
ATOM   201  N N7    . G   A 1 10 ? 15.738  -3.110  -5.203  1.00 48.41 ? 10  G   A N7    1 
ATOM   202  C C5    . G   A 1 10 ? 15.956  -4.238  -5.984  1.00 43.90 ? 10  G   A C5    1 
ATOM   203  C C6    . G   A 1 10 ? 15.288  -5.489  -5.985  1.00 43.99 ? 10  G   A C6    1 
ATOM   204  O O6    . G   A 1 10 ? 14.342  -5.866  -5.273  1.00 44.73 ? 10  G   A O6    1 
ATOM   205  N N1    . G   A 1 10 ? 15.833  -6.336  -6.927  1.00 39.25 ? 10  G   A N1    1 
ATOM   206  C C2    . G   A 1 10 ? 16.868  -6.020  -7.761  1.00 42.67 ? 10  G   A C2    1 
ATOM   207  N N2    . G   A 1 10 ? 17.248  -6.970  -8.613  1.00 44.85 ? 10  G   A N2    1 
ATOM   208  N N3    . G   A 1 10 ? 17.496  -4.866  -7.778  1.00 45.23 ? 10  G   A N3    1 
ATOM   209  C C4    . G   A 1 10 ? 16.984  -4.030  -6.864  1.00 41.04 ? 10  G   A C4    1 
ATOM   210  P P     . U   A 1 11 ? 16.399  0.780   -10.501 1.00 53.46 ? 11  U   A P     1 
ATOM   211  O OP1   . U   A 1 11 ? 16.731  1.835   -11.492 1.00 63.92 ? 11  U   A OP1   1 
ATOM   212  O OP2   . U   A 1 11 ? 15.171  0.884   -9.681  1.00 50.53 ? 11  U   A OP2   1 
ATOM   213  O "O5'" . U   A 1 11 ? 16.384  -0.614  -11.275 1.00 51.86 ? 11  U   A "O5'" 1 
ATOM   214  C "C5'" . U   A 1 11 ? 17.449  -0.996  -12.128 1.00 41.53 ? 11  U   A "C5'" 1 
ATOM   215  C "C4'" . U   A 1 11 ? 17.218  -2.378  -12.692 1.00 48.61 ? 11  U   A "C4'" 1 
ATOM   216  O "O4'" . U   A 1 11 ? 17.285  -3.358  -11.621 1.00 52.80 ? 11  U   A "O4'" 1 
ATOM   217  C "C3'" . U   A 1 11 ? 15.861  -2.636  -13.334 1.00 48.31 ? 11  U   A "C3'" 1 
ATOM   218  O "O3'" . U   A 1 11 ? 15.755  -2.166  -14.670 1.00 52.55 ? 11  U   A "O3'" 1 
ATOM   219  C "C2'" . U   A 1 11 ? 15.735  -4.146  -13.229 1.00 48.31 ? 11  U   A "C2'" 1 
ATOM   220  O "O2'" . U   A 1 11 ? 16.555  -4.760  -14.212 1.00 49.47 ? 11  U   A "O2'" 1 
ATOM   221  C "C1'" . U   A 1 11 ? 16.361  -4.399  -11.861 1.00 47.30 ? 11  U   A "C1'" 1 
ATOM   222  N N1    . U   A 1 11 ? 15.360  -4.392  -10.765 1.00 45.46 ? 11  U   A N1    1 
ATOM   223  C C2    . U   A 1 11 ? 14.609  -5.526  -10.539 1.00 45.49 ? 11  U   A C2    1 
ATOM   224  O O2    . U   A 1 11 ? 14.728  -6.533  -11.215 1.00 46.09 ? 11  U   A O2    1 
ATOM   225  N N3    . U   A 1 11 ? 13.713  -5.442  -9.498  1.00 41.75 ? 11  U   A N3    1 
ATOM   226  C C4    . U   A 1 11 ? 13.509  -4.362  -8.670  1.00 44.37 ? 11  U   A C4    1 
ATOM   227  O O4    . U   A 1 11 ? 12.671  -4.423  -7.772  1.00 42.88 ? 11  U   A O4    1 
ATOM   228  C C5    . U   A 1 11 ? 14.323  -3.229  -8.966  1.00 45.28 ? 11  U   A C5    1 
ATOM   229  C C6    . U   A 1 11 ? 15.197  -3.284  -9.970  1.00 44.81 ? 11  U   A C6    1 
ATOM   230  P P     . C   A 1 12 ? 14.337  -1.640  -15.225 1.00 54.09 ? 12  C   A P     1 
ATOM   231  O OP1   . C   A 1 12 ? 14.550  -1.049  -16.570 1.00 47.93 ? 12  C   A OP1   1 
ATOM   232  O OP2   . C   A 1 12 ? 13.714  -0.844  -14.136 1.00 49.03 ? 12  C   A OP2   1 
ATOM   233  O "O5'" . C   A 1 12 ? 13.469  -2.967  -15.398 1.00 49.66 ? 12  C   A "O5'" 1 
ATOM   234  C "C5'" . C   A 1 12 ? 13.871  -3.971  -16.319 1.00 48.52 ? 12  C   A "C5'" 1 
ATOM   235  C "C4'" . C   A 1 12 ? 13.128  -5.267  -16.099 1.00 50.20 ? 12  C   A "C4'" 1 
ATOM   236  O "O4'" . C   A 1 12 ? 13.384  -5.774  -14.763 1.00 46.92 ? 12  C   A "O4'" 1 
ATOM   237  C "C3'" . C   A 1 12 ? 11.612  -5.201  -16.176 1.00 48.36 ? 12  C   A "C3'" 1 
ATOM   238  O "O3'" . C   A 1 12 ? 11.127  -5.183  -17.504 1.00 54.14 ? 12  C   A "O3'" 1 
ATOM   239  C "C2'" . C   A 1 12 ? 11.201  -6.445  -15.405 1.00 46.93 ? 12  C   A "C2'" 1 
ATOM   240  O "O2'" . C   A 1 12 ? 11.395  -7.595  -16.208 1.00 46.29 ? 12  C   A "O2'" 1 
ATOM   241  C "C1'" . C   A 1 12 ? 12.244  -6.462  -14.289 1.00 44.27 ? 12  C   A "C1'" 1 
ATOM   242  N N1    . C   A 1 12 ? 11.755  -5.779  -13.071 1.00 45.21 ? 12  C   A N1    1 
ATOM   243  C C2    . C   A 1 12 ? 10.833  -6.432  -12.244 1.00 47.95 ? 12  C   A C2    1 
ATOM   244  O O2    . C   A 1 12 ? 10.438  -7.572  -12.549 1.00 50.90 ? 12  C   A O2    1 
ATOM   245  N N3    . C   A 1 12 ? 10.380  -5.814  -11.130 1.00 43.11 ? 12  C   A N3    1 
ATOM   246  C C4    . C   A 1 12 ? 10.810  -4.593  -10.844 1.00 43.45 ? 12  C   A C4    1 
ATOM   247  N N4    . C   A 1 12 ? 10.338  -4.030  -9.745  1.00 46.53 ? 12  C   A N4    1 
ATOM   248  C C5    . C   A 1 12 ? 11.742  -3.894  -11.663 1.00 46.47 ? 12  C   A C5    1 
ATOM   249  C C6    . C   A 1 12 ? 12.186  -4.519  -12.761 1.00 47.04 ? 12  C   A C6    1 
ATOM   250  P P     . G   A 1 13 ? 9.758   -4.420  -17.858 1.00 50.64 ? 13  G   A P     1 
ATOM   251  O OP1   . G   A 1 13 ? 9.661   -4.412  -19.340 1.00 49.06 ? 13  G   A OP1   1 
ATOM   252  O OP2   . G   A 1 13 ? 9.682   -3.166  -17.078 1.00 51.40 ? 13  G   A OP2   1 
ATOM   253  O "O5'" . G   A 1 13 ? 8.622   -5.388  -17.314 1.00 49.69 ? 13  G   A "O5'" 1 
ATOM   254  C "C5'" . G   A 1 13 ? 8.427   -6.660  -17.907 1.00 47.81 ? 13  G   A "C5'" 1 
ATOM   255  C "C4'" . G   A 1 13 ? 7.496   -7.512  -17.084 1.00 47.77 ? 13  G   A "C4'" 1 
ATOM   256  O "O4'" . G   A 1 13 ? 8.037   -7.699  -15.754 1.00 48.08 ? 13  G   A "O4'" 1 
ATOM   257  C "C3'" . G   A 1 13 ? 6.109   -6.950  -16.839 1.00 46.21 ? 13  G   A "C3'" 1 
ATOM   258  O "O3'" . G   A 1 13 ? 5.253   -7.151  -17.945 1.00 51.62 ? 13  G   A "O3'" 1 
ATOM   259  C "C2'" . G   A 1 13 ? 5.671   -7.706  -15.597 1.00 47.41 ? 13  G   A "C2'" 1 
ATOM   260  O "O2'" . G   A 1 13 ? 5.282   -9.022  -15.955 1.00 47.97 ? 13  G   A "O2'" 1 
ATOM   261  C "C1'" . G   A 1 13 ? 6.985   -7.796  -14.820 1.00 47.04 ? 13  G   A "C1'" 1 
ATOM   262  N N9    . G   A 1 13 ? 7.154   -6.713  -13.828 1.00 47.55 ? 13  G   A N9    1 
ATOM   263  C C8    . G   A 1 13 ? 8.002   -5.637  -13.961 1.00 46.10 ? 13  G   A C8    1 
ATOM   264  N N7    . G   A 1 13 ? 7.972   -4.832  -12.935 1.00 44.30 ? 13  G   A N7    1 
ATOM   265  C C5    . G   A 1 13 ? 7.064   -5.411  -12.057 1.00 42.55 ? 13  G   A C5    1 
ATOM   266  C C6    . G   A 1 13 ? 6.627   -4.988  -10.770 1.00 43.67 ? 13  G   A C6    1 
ATOM   267  O O6    . G   A 1 13 ? 6.955   -3.996  -10.117 1.00 44.23 ? 13  G   A O6    1 
ATOM   268  N N1    . G   A 1 13 ? 5.695   -5.851  -10.229 1.00 44.17 ? 13  G   A N1    1 
ATOM   269  C C2    . G   A 1 13 ? 5.249   -6.997  -10.842 1.00 45.54 ? 13  G   A C2    1 
ATOM   270  N N2    . G   A 1 13 ? 4.344   -7.691  -10.137 1.00 43.61 ? 13  G   A N2    1 
ATOM   271  N N3    . G   A 1 13 ? 5.649   -7.419  -12.035 1.00 42.07 ? 13  G   A N3    1 
ATOM   272  C C4    . G   A 1 13 ? 6.550   -6.578  -12.591 1.00 44.07 ? 13  G   A C4    1 
ATOM   273  P P     . A   A 1 14 ? 4.065   -6.118  -18.274 1.00 47.80 ? 14  A   A P     1 
ATOM   274  O OP1   . A   A 1 14 ? 3.542   -6.446  -19.618 1.00 48.58 ? 14  A   A OP1   1 
ATOM   275  O OP2   . A   A 1 14 ? 4.485   -4.737  -17.946 1.00 46.11 ? 14  A   A OP2   1 
ATOM   276  O "O5'" . A   A 1 14 ? 2.960   -6.453  -17.186 1.00 49.23 ? 14  A   A "O5'" 1 
ATOM   277  C "C5'" . A   A 1 14 ? 2.390   -7.742  -17.085 1.00 49.10 ? 14  A   A "C5'" 1 
ATOM   278  C "C4'" . A   A 1 14 ? 1.519   -7.824  -15.866 1.00 46.48 ? 14  A   A "C4'" 1 
ATOM   279  O "O4'" . A   A 1 14 ? 2.346   -7.816  -14.675 1.00 44.57 ? 14  A   A "O4'" 1 
ATOM   280  C "C3'" . A   A 1 14 ? 0.580   -6.652  -15.670 1.00 46.11 ? 14  A   A "C3'" 1 
ATOM   281  O "O3'" . A   A 1 14 ? -0.592  -6.775  -16.450 1.00 53.98 ? 14  A   A "O3'" 1 
ATOM   282  C "C2'" . A   A 1 14 ? 0.325   -6.687  -14.173 1.00 46.19 ? 14  A   A "C2'" 1 
ATOM   283  O "O2'" . A   A 1 14 ? -0.604  -7.708  -13.858 1.00 42.67 ? 14  A   A "O2'" 1 
ATOM   284  C "C1'" . A   A 1 14 ? 1.697   -7.105  -13.646 1.00 47.08 ? 14  A   A "C1'" 1 
ATOM   285  N N9    . A   A 1 14 ? 2.529   -5.937  -13.301 1.00 49.22 ? 14  A   A N9    1 
ATOM   286  C C8    . A   A 1 14 ? 3.456   -5.313  -14.093 1.00 44.80 ? 14  A   A C8    1 
ATOM   287  N N7    . A   A 1 14 ? 4.035   -4.285  -13.516 1.00 43.76 ? 14  A   A N7    1 
ATOM   288  C C5    . A   A 1 14 ? 3.457   -4.225  -12.264 1.00 42.31 ? 14  A   A C5    1 
ATOM   289  C C6    . A   A 1 14 ? 3.656   -3.363  -11.172 1.00 44.68 ? 14  A   A C6    1 
ATOM   290  N N6    . A   A 1 14 ? 4.523   -2.356  -11.167 1.00 41.31 ? 14  A   A N6    1 
ATOM   291  N N1    . A   A 1 14 ? 2.914   -3.575  -10.061 1.00 44.98 ? 14  A   A N1    1 
ATOM   292  C C2    . A   A 1 14 ? 2.045   -4.594  -10.066 1.00 45.13 ? 14  A   A C2    1 
ATOM   293  N N3    . A   A 1 14 ? 1.773   -5.477  -11.028 1.00 46.43 ? 14  A   A N3    1 
ATOM   294  C C4    . A   A 1 14 ? 2.522   -5.235  -12.116 1.00 45.27 ? 14  A   A C4    1 
ATOM   295  P P     . C   A 1 15 ? -1.410  -5.478  -16.943 1.00 49.51 ? 15  C   A P     1 
ATOM   296  O OP1   . C   A 1 15 ? -2.598  -6.007  -17.667 1.00 49.89 ? 15  C   A OP1   1 
ATOM   297  O OP2   . C   A 1 15 ? -0.483  -4.555  -17.633 1.00 53.45 ? 15  C   A OP2   1 
ATOM   298  O "O5'" . C   A 1 15 ? -1.926  -4.804  -15.598 1.00 46.47 ? 15  C   A "O5'" 1 
ATOM   299  C "C5'" . C   A 1 15 ? -3.003  -5.387  -14.881 1.00 45.14 ? 15  C   A "C5'" 1 
ATOM   300  C "C4'" . C   A 1 15 ? -3.179  -4.749  -13.529 1.00 44.79 ? 15  C   A "C4'" 1 
ATOM   301  O "O4'" . C   A 1 15 ? -1.929  -4.820  -12.802 1.00 50.41 ? 15  C   A "O4'" 1 
ATOM   302  C "C3'" . C   A 1 15 ? -3.514  -3.269  -13.518 1.00 45.91 ? 15  C   A "C3'" 1 
ATOM   303  O "O3'" . C   A 1 15 ? -4.878  -2.989  -13.774 1.00 48.68 ? 15  C   A "O3'" 1 
ATOM   304  C "C2'" . C   A 1 15 ? -3.056  -2.844  -12.132 1.00 45.27 ? 15  C   A "C2'" 1 
ATOM   305  O "O2'" . C   A 1 15 ? -3.988  -3.258  -11.153 1.00 48.48 ? 15  C   A "O2'" 1 
ATOM   306  C "C1'" . C   A 1 15 ? -1.796  -3.688  -11.966 1.00 48.01 ? 15  C   A "C1'" 1 
ATOM   307  N N1    . C   A 1 15 ? -0.580  -2.934  -12.351 1.00 47.54 ? 15  C   A N1    1 
ATOM   308  C C2    . C   A 1 15 ? -0.068  -2.033  -11.401 1.00 45.76 ? 15  C   A C2    1 
ATOM   309  O O2    . C   A 1 15 ? -0.649  -1.930  -10.310 1.00 45.17 ? 15  C   A O2    1 
ATOM   310  N N3    . C   A 1 15 ? 1.035   -1.300  -11.687 1.00 42.91 ? 15  C   A N3    1 
ATOM   311  C C4    . C   A 1 15 ? 1.609   -1.442  -12.882 1.00 42.57 ? 15  C   A C4    1 
ATOM   312  N N4    . C   A 1 15 ? 2.684   -0.701  -13.118 1.00 40.61 ? 15  C   A N4    1 
ATOM   313  C C5    . C   A 1 15 ? 1.111   -2.343  -13.881 1.00 43.64 ? 15  C   A C5    1 
ATOM   314  C C6    . C   A 1 15 ? 0.018   -3.072  -13.580 1.00 44.86 ? 15  C   A C6    1 
ATOM   315  P P     . G   A 1 16 ? -5.268  -1.677  -14.611 1.00 47.45 ? 16  G   A P     1 
ATOM   316  O OP1   . G   A 1 16 ? -6.693  -1.779  -15.000 1.00 50.32 ? 16  G   A OP1   1 
ATOM   317  O OP2   . G   A 1 16 ? -4.229  -1.481  -15.648 1.00 45.70 ? 16  G   A OP2   1 
ATOM   318  O "O5'" . G   A 1 16 ? -5.110  -0.489  -13.564 1.00 45.00 ? 16  G   A "O5'" 1 
ATOM   319  C "C5'" . G   A 1 16 ? -5.878  -0.480  -12.374 1.00 45.29 ? 16  G   A "C5'" 1 
ATOM   320  C "C4'" . G   A 1 16 ? -5.492  0.663   -11.475 1.00 43.03 ? 16  G   A "C4'" 1 
ATOM   321  O "O4'" . G   A 1 16 ? -4.222  0.392   -10.833 1.00 47.37 ? 16  G   A "O4'" 1 
ATOM   322  C "C3'" . G   A 1 16 ? -5.269  1.995   -12.157 1.00 44.37 ? 16  G   A "C3'" 1 
ATOM   323  O "O3'" . G   A 1 16 ? -6.476  2.656   -12.451 1.00 44.44 ? 16  G   A "O3'" 1 
ATOM   324  C "C2'" . G   A 1 16 ? -4.413  2.731   -11.139 1.00 43.36 ? 16  G   A "C2'" 1 
ATOM   325  O "O2'" . G   A 1 16 ? -5.207  3.188   -10.049 1.00 39.10 ? 16  G   A "O2'" 1 
ATOM   326  C "C1'" . G   A 1 16 ? -3.517  1.600   -10.642 1.00 43.30 ? 16  G   A "C1'" 1 
ATOM   327  N N9    . G   A 1 16 ? -2.258  1.545   -11.405 1.00 42.35 ? 16  G   A N9    1 
ATOM   328  C C8    . G   A 1 16 ? -1.975  0.803   -12.524 1.00 43.83 ? 16  G   A C8    1 
ATOM   329  N N7    . G   A 1 16 ? -0.763  0.996   -12.968 1.00 42.48 ? 16  G   A N7    1 
ATOM   330  C C5    . G   A 1 16 ? -0.219  1.927   -12.094 1.00 42.36 ? 16  G   A C5    1 
ATOM   331  C C6    . G   A 1 16 ? 1.070   2.526   -12.064 1.00 44.29 ? 16  G   A C6    1 
ATOM   332  O O6    . G   A 1 16 ? 2.023   2.341   -12.841 1.00 49.61 ? 16  G   A O6    1 
ATOM   333  N N1    . G   A 1 16 ? 1.207   3.420   -11.004 1.00 43.18 ? 16  G   A N1    1 
ATOM   334  C C2    . G   A 1 16 ? 0.220   3.704   -10.086 1.00 44.42 ? 16  G   A C2    1 
ATOM   335  N N2    . G   A 1 16 ? 0.532   4.594   -9.138  1.00 40.00 ? 16  G   A N2    1 
ATOM   336  N N3    . G   A 1 16 ? -0.981  3.146   -10.093 1.00 43.94 ? 16  G   A N3    1 
ATOM   337  C C4    . G   A 1 16 ? -1.129  2.275   -11.123 1.00 44.27 ? 16  G   A C4    1 
ATOM   338  P P     . A   A 1 17 ? -6.928  2.925   -13.960 1.00 45.01 ? 17  A   A P     1 
ATOM   339  O OP1   . A   A 1 17 ? -7.847  1.833   -14.331 1.00 43.14 ? 17  A   A OP1   1 
ATOM   340  O OP2   . A   A 1 17 ? -5.769  3.085   -14.873 1.00 42.31 ? 17  A   A OP2   1 
ATOM   341  O "O5'" . A   A 1 17 ? -7.675  4.319   -13.790 1.00 43.91 ? 17  A   A "O5'" 1 
ATOM   342  C "C5'" . A   A 1 17 ? -8.743  4.720   -14.626 1.00 42.43 ? 17  A   A "C5'" 1 
ATOM   343  C "C4'" . A   A 1 17 ? -9.265  6.055   -14.168 1.00 40.04 ? 17  A   A "C4'" 1 
ATOM   344  O "O4'" . A   A 1 17 ? -9.591  5.970   -12.759 1.00 40.55 ? 17  A   A "O4'" 1 
ATOM   345  C "C3'" . A   A 1 17 ? -8.273  7.204   -14.238 1.00 37.53 ? 17  A   A "C3'" 1 
ATOM   346  O "O3'" . A   A 1 17 ? -8.166  7.767   -15.523 1.00 40.93 ? 17  A   A "O3'" 1 
ATOM   347  C "C2'" . A   A 1 17 ? -8.812  8.159   -13.191 1.00 41.50 ? 17  A   A "C2'" 1 
ATOM   348  O "O2'" . A   A 1 17 ? -9.970  8.824   -13.668 1.00 42.73 ? 17  A   A "O2'" 1 
ATOM   349  C "C1'" . A   A 1 17 ? -9.232  7.172   -12.105 1.00 43.53 ? 17  A   A "C1'" 1 
ATOM   350  N N9    . A   A 1 17 ? -8.094  6.891   -11.203 1.00 43.02 ? 17  A   A N9    1 
ATOM   351  C C8    . A   A 1 17 ? -7.393  5.713   -11.026 1.00 41.87 ? 17  A   A C8    1 
ATOM   352  N N7    . A   A 1 17 ? -6.400  5.805   -10.162 1.00 38.27 ? 17  A   A N7    1 
ATOM   353  C C5    . A   A 1 17 ? -6.446  7.134   -9.761  1.00 38.62 ? 17  A   A C5    1 
ATOM   354  C C6    . A   A 1 17 ? -5.662  7.872   -8.862  1.00 40.59 ? 17  A   A C6    1 
ATOM   355  N N6    . A   A 1 17 ? -4.634  7.363   -8.179  1.00 38.10 ? 17  A   A N6    1 
ATOM   356  N N1    . A   A 1 17 ? -5.983  9.172   -8.686  1.00 41.07 ? 17  A   A N1    1 
ATOM   357  C C2    . A   A 1 17 ? -7.012  9.679   -9.374  1.00 41.59 ? 17  A   A C2    1 
ATOM   358  N N3    . A   A 1 17 ? -7.829  9.085   -10.240 1.00 38.14 ? 17  A   A N3    1 
ATOM   359  C C4    . A   A 1 17 ? -7.482  7.806   -10.390 1.00 37.73 ? 17  A   A C4    1 
ATOM   360  P P     . A   A 1 18 ? -6.769  8.378   -16.019 1.00 43.94 ? 18  A   A P     1 
ATOM   361  O OP1   . A   A 1 18 ? -6.948  8.868   -17.406 1.00 45.58 ? 18  A   A OP1   1 
ATOM   362  O OP2   . A   A 1 18 ? -5.691  7.395   -15.770 1.00 39.63 ? 18  A   A OP2   1 
ATOM   363  O "O5'" . A   A 1 18 ? -6.563  9.633   -15.067 1.00 43.10 ? 18  A   A "O5'" 1 
ATOM   364  C "C5'" . A   A 1 18 ? -7.420  10.760  -15.157 1.00 41.36 ? 18  A   A "C5'" 1 
ATOM   365  C "C4'" . A   A 1 18 ? -6.969  11.860  -14.229 1.00 43.72 ? 18  A   A "C4'" 1 
ATOM   366  O "O4'" . A   A 1 18 ? -6.879  11.344  -12.876 1.00 43.67 ? 18  A   A "O4'" 1 
ATOM   367  C "C3'" . A   A 1 18 ? -5.586  12.430  -14.497 1.00 43.13 ? 18  A   A "C3'" 1 
ATOM   368  O "O3'" . A   A 1 18 ? -5.579  13.406  -15.515 1.00 41.76 ? 18  A   A "O3'" 1 
ATOM   369  C "C2'" . A   A 1 18 ? -5.179  12.982  -13.144 1.00 42.01 ? 18  A   A "C2'" 1 
ATOM   370  O "O2'" . A   A 1 18 ? -5.788  14.246  -12.938 1.00 45.07 ? 18  A   A "O2'" 1 
ATOM   371  C "C1'" . A   A 1 18 ? -5.810  11.961  -12.195 1.00 45.27 ? 18  A   A "C1'" 1 
ATOM   372  N N9    . A   A 1 18 ? -4.862  10.913  -11.775 1.00 43.22 ? 18  A   A N9    1 
ATOM   373  C C8    . A   A 1 18 ? -4.860  9.592   -12.123 1.00 40.83 ? 18  A   A C8    1 
ATOM   374  N N7    . A   A 1 18 ? -3.884  8.907   -11.569 1.00 43.53 ? 18  A   A N7    1 
ATOM   375  C C5    . A   A 1 18 ? -3.212  9.840   -10.810 1.00 40.67 ? 18  A   A C5    1 
ATOM   376  C C6    . A   A 1 18 ? -2.087  9.748   -9.989  1.00 44.50 ? 18  A   A C6    1 
ATOM   377  N N6    . A   A 1 18 ? -1.421  8.617   -9.785  1.00 45.19 ? 18  A   A N6    1 
ATOM   378  N N1    . A   A 1 18 ? -1.664  10.871  -9.371  1.00 50.55 ? 18  A   A N1    1 
ATOM   379  C C2    . A   A 1 18 ? -2.333  12.017  -9.574  1.00 48.63 ? 18  A   A C2    1 
ATOM   380  N N3    . A   A 1 18 ? -3.411  12.227  -10.331 1.00 47.43 ? 18  A   A N3    1 
ATOM   381  C C4    . A   A 1 18 ? -3.801  11.082  -10.925 1.00 44.64 ? 18  A   A C4    1 
ATOM   382  P P     . G   A 1 19 ? -4.342  13.455  -16.540 1.00 45.52 ? 19  G   A P     1 
ATOM   383  O OP1   . G   A 1 19 ? -4.504  14.645  -17.414 1.00 49.91 ? 19  G   A OP1   1 
ATOM   384  O OP2   . G   A 1 19 ? -4.231  12.115  -17.187 1.00 40.91 ? 19  G   A OP2   1 
ATOM   385  O "O5'" . G   A 1 19 ? -3.091  13.722  -15.592 1.00 45.04 ? 19  G   A "O5'" 1 
ATOM   386  C "C5'" . G   A 1 19 ? -2.966  14.941  -14.871 1.00 40.93 ? 19  G   A "C5'" 1 
ATOM   387  C "C4'" . G   A 1 19 ? -1.662  15.000  -14.118 1.00 43.42 ? 19  G   A "C4'" 1 
ATOM   388  O "O4'" . G   A 1 19 ? -1.593  13.921  -13.145 1.00 39.08 ? 19  G   A "O4'" 1 
ATOM   389  C "C3'" . G   A 1 19 ? -0.406  14.814  -14.963 1.00 43.14 ? 19  G   A "C3'" 1 
ATOM   390  O "O3'" . G   A 1 19 ? 0.001   15.994  -15.630 1.00 43.24 ? 19  G   A "O3'" 1 
ATOM   391  C "C2'" . G   A 1 19 ? 0.596   14.330  -13.937 1.00 42.18 ? 19  G   A "C2'" 1 
ATOM   392  O "O2'" . G   A 1 19 ? 0.996   15.408  -13.113 1.00 47.29 ? 19  G   A "O2'" 1 
ATOM   393  C "C1'" . G   A 1 19 ? -0.276  13.398  -13.106 1.00 46.47 ? 19  G   A "C1'" 1 
ATOM   394  N N9    . G   A 1 19 ? -0.303  12.051  -13.708 1.00 46.77 ? 19  G   A N9    1 
ATOM   395  C C8    . G   A 1 19 ? -1.438  11.298  -13.892 1.00 44.15 ? 19  G   A C8    1 
ATOM   396  N N7    . G   A 1 19 ? -1.202  10.146  -14.456 1.00 42.91 ? 19  G   A N7    1 
ATOM   397  C C5    . G   A 1 19 ? 0.170   10.134  -14.671 1.00 42.72 ? 19  G   A C5    1 
ATOM   398  C C6    . G   A 1 19 ? 0.979   9.130   -15.263 1.00 40.45 ? 19  G   A C6    1 
ATOM   399  O O6    . G   A 1 19 ? 0.649   8.038   -15.735 1.00 38.90 ? 19  G   A O6    1 
ATOM   400  N N1    . G   A 1 19 ? 2.309   9.499   -15.288 1.00 39.96 ? 19  G   A N1    1 
ATOM   401  C C2    . G   A 1 19 ? 2.806   10.673  -14.800 1.00 41.97 ? 19  G   A C2    1 
ATOM   402  N N2    . G   A 1 19 ? 4.136   10.798  -14.947 1.00 42.27 ? 19  G   A N2    1 
ATOM   403  N N3    . G   A 1 19 ? 2.069   11.626  -14.242 1.00 39.50 ? 19  G   A N3    1 
ATOM   404  C C4    . G   A 1 19 ? 0.755   11.302  -14.216 1.00 44.01 ? 19  G   A C4    1 
ATOM   405  P P     . U   A 1 20 ? 0.332   15.959  -17.199 1.00 47.75 ? 20  U   A P     1 
ATOM   406  O OP1   . U   A 1 20 ? 0.530   17.347  -17.701 1.00 52.68 ? 20  U   A OP1   1 
ATOM   407  O OP2   . U   A 1 20 ? -0.702  15.092  -17.816 1.00 47.03 ? 20  U   A OP2   1 
ATOM   408  O "O5'" . U   A 1 20 ? 1.752   15.242  -17.282 1.00 46.37 ? 20  U   A "O5'" 1 
ATOM   409  C "C5'" . U   A 1 20 ? 2.904   15.824  -16.687 1.00 45.02 ? 20  U   A "C5'" 1 
ATOM   410  C "C4'" . U   A 1 20 ? 4.173   15.221  -17.244 1.00 43.21 ? 20  U   A "C4'" 1 
ATOM   411  O "O4'" . U   A 1 20 ? 4.266   13.833  -16.847 1.00 43.03 ? 20  U   A "O4'" 1 
ATOM   412  C "C3'" . U   A 1 20 ? 4.276   15.172  -18.757 1.00 41.22 ? 20  U   A "C3'" 1 
ATOM   413  O "O3'" . U   A 1 20 ? 4.687   16.401  -19.315 1.00 44.23 ? 20  U   A "O3'" 1 
ATOM   414  C "C2'" . U   A 1 20 ? 5.267   14.049  -18.983 1.00 40.06 ? 20  U   A "C2'" 1 
ATOM   415  O "O2'" . U   A 1 20 ? 6.589   14.494  -18.726 1.00 39.23 ? 20  U   A "O2'" 1 
ATOM   416  C "C1'" . U   A 1 20 ? 4.881   13.083  -17.866 1.00 41.65 ? 20  U   A "C1'" 1 
ATOM   417  N N1    . U   A 1 20 ? 3.951   12.013  -18.298 1.00 36.90 ? 20  U   A N1    1 
ATOM   418  C C2    . U   A 1 20 ? 4.415   11.055  -19.178 1.00 38.52 ? 20  U   A C2    1 
ATOM   419  O O2    . U   A 1 20 ? 5.544   11.076  -19.625 1.00 41.14 ? 20  U   A O2    1 
ATOM   420  N N3    . U   A 1 20 ? 3.518   10.080  -19.535 1.00 38.66 ? 20  U   A N3    1 
ATOM   421  C C4    . U   A 1 20 ? 2.215   9.963   -19.074 1.00 41.56 ? 20  U   A C4    1 
ATOM   422  O O4    . U   A 1 20 ? 1.501   9.030   -19.458 1.00 41.30 ? 20  U   A O4    1 
ATOM   423  C C5    . U   A 1 20 ? 1.818   10.993  -18.162 1.00 39.31 ? 20  U   A C5    1 
ATOM   424  C C6    . U   A 1 20 ? 2.676   11.956  -17.815 1.00 36.69 ? 20  U   A C6    1 
ATOM   425  P P     . C   A 1 21 ? 4.000   16.942  -20.660 1.00 46.68 ? 21  C   A P     1 
ATOM   426  O OP1   . C   A 1 21 ? 4.346   18.386  -20.742 1.00 49.68 ? 21  C   A OP1   1 
ATOM   427  O OP2   . C   A 1 21 ? 2.594   16.472  -20.720 1.00 47.58 ? 21  C   A OP2   1 
ATOM   428  O "O5'" . C   A 1 21 ? 4.740   16.163  -21.829 1.00 45.15 ? 21  C   A "O5'" 1 
ATOM   429  C "C5'" . C   A 1 21 ? 6.156   16.097  -21.878 1.00 44.16 ? 21  C   A "C5'" 1 
ATOM   430  C "C4'" . C   A 1 21 ? 6.611   14.889  -22.651 1.00 40.87 ? 21  C   A "C4'" 1 
ATOM   431  O "O4'" . C   A 1 21 ? 6.225   13.679  -21.957 1.00 42.93 ? 21  C   A "O4'" 1 
ATOM   432  C "C3'" . C   A 1 21 ? 6.008   14.720  -24.031 1.00 44.36 ? 21  C   A "C3'" 1 
ATOM   433  O "O3'" . C   A 1 21 ? 6.638   15.559  -24.988 1.00 43.59 ? 21  C   A "O3'" 1 
ATOM   434  C "C2'" . C   A 1 21 ? 6.186   13.220  -24.288 1.00 45.25 ? 21  C   A "C2'" 1 
ATOM   435  O "O2'" . C   A 1 21 ? 7.515   12.925  -24.696 1.00 45.69 ? 21  C   A "O2'" 1 
ATOM   436  C "C1'" . C   A 1 21 ? 5.995   12.642  -22.884 1.00 40.29 ? 21  C   A "C1'" 1 
ATOM   437  N N1    . C   A 1 21 ? 4.639   12.094  -22.676 1.00 41.22 ? 21  C   A N1    1 
ATOM   438  C C2    . C   A 1 21 ? 4.395   10.804  -23.155 1.00 41.59 ? 21  C   A C2    1 
ATOM   439  O O2    . C   A 1 21 ? 5.316   10.205  -23.732 1.00 41.83 ? 21  C   A O2    1 
ATOM   440  N N3    . C   A 1 21 ? 3.174   10.245  -22.997 1.00 39.26 ? 21  C   A N3    1 
ATOM   441  C C4    . C   A 1 21 ? 2.214   10.926  -22.380 1.00 40.29 ? 21  C   A C4    1 
ATOM   442  N N4    . C   A 1 21 ? 1.029   10.319  -22.252 1.00 37.13 ? 21  C   A N4    1 
ATOM   443  C C5    . C   A 1 21 ? 2.435   12.243  -21.876 1.00 36.75 ? 21  C   A C5    1 
ATOM   444  C C6    . C   A 1 21 ? 3.651   12.791  -22.037 1.00 38.57 ? 21  C   A C6    1 
ATOM   445  P P     . G   A 1 22 ? 5.951   15.877  -26.403 1.00 49.17 ? 22  G   A P     1 
ATOM   446  O OP1   . G   A 1 22 ? 6.910   16.727  -27.149 1.00 52.07 ? 22  G   A OP1   1 
ATOM   447  O OP2   . G   A 1 22 ? 4.548   16.329  -26.205 1.00 47.58 ? 22  G   A OP2   1 
ATOM   448  O "O5'" . G   A 1 22 ? 5.912   14.466  -27.129 1.00 41.74 ? 22  G   A "O5'" 1 
ATOM   449  C "C5'" . G   A 1 22 ? 4.950   14.187  -28.130 1.00 42.55 ? 22  G   A "C5'" 1 
ATOM   450  C "C4'" . G   A 1 22 ? 5.034   12.746  -28.532 1.00 42.03 ? 22  G   A "C4'" 1 
ATOM   451  O "O4'" . G   A 1 22 ? 4.842   11.923  -27.359 1.00 44.25 ? 22  G   A "O4'" 1 
ATOM   452  C "C3'" . G   A 1 22 ? 3.979   12.253  -29.504 1.00 46.41 ? 22  G   A "C3'" 1 
ATOM   453  O "O3'" . G   A 1 22 ? 4.300   12.550  -30.842 1.00 49.73 ? 22  G   A "O3'" 1 
ATOM   454  C "C2'" . G   A 1 22 ? 3.947   10.757  -29.224 1.00 46.88 ? 22  G   A "C2'" 1 
ATOM   455  O "O2'" . G   A 1 22 ? 5.041   10.097  -29.849 1.00 46.85 ? 22  G   A "O2'" 1 
ATOM   456  C "C1'" . G   A 1 22 ? 4.177   10.732  -27.715 1.00 44.37 ? 22  G   A "C1'" 1 
ATOM   457  N N9    . G   A 1 22 ? 2.923   10.653  -26.955 1.00 39.38 ? 22  G   A N9    1 
ATOM   458  C C8    . G   A 1 22 ? 2.432   11.586  -26.073 1.00 42.16 ? 22  G   A C8    1 
ATOM   459  N N7    . G   A 1 22 ? 1.300   11.207  -25.536 1.00 42.23 ? 22  G   A N7    1 
ATOM   460  C C5    . G   A 1 22 ? 1.047   9.962   -26.100 1.00 37.89 ? 22  G   A C5    1 
ATOM   461  C C6    . G   A 1 22 ? -0.029  9.070   -25.907 1.00 39.09 ? 22  G   A C6    1 
ATOM   462  O O6    . G   A 1 22 ? -1.009  9.198   -25.165 1.00 39.37 ? 22  G   A O6    1 
ATOM   463  N N1    . G   A 1 22 ? 0.117   7.918   -26.666 1.00 39.05 ? 22  G   A N1    1 
ATOM   464  C C2    . G   A 1 22 ? 1.158   7.651   -27.508 1.00 41.06 ? 22  G   A C2    1 
ATOM   465  N N2    . G   A 1 22 ? 1.105   6.479   -28.156 1.00 41.14 ? 22  G   A N2    1 
ATOM   466  N N3    . G   A 1 22 ? 2.170   8.478   -27.706 1.00 43.25 ? 22  G   A N3    1 
ATOM   467  C C4    . G   A 1 22 ? 2.045   9.603   -26.971 1.00 40.04 ? 22  G   A C4    1 
ATOM   468  P P     . C   A 1 23 ? 3.183   13.077  -31.858 1.00 46.97 ? 23  C   A P     1 
ATOM   469  O OP1   . C   A 1 23 ? 3.933   13.556  -33.042 1.00 53.20 ? 23  C   A OP1   1 
ATOM   470  O OP2   . C   A 1 23 ? 2.278   14.023  -31.147 1.00 46.27 ? 23  C   A OP2   1 
ATOM   471  O "O5'" . C   A 1 23 ? 2.403   11.756  -32.275 1.00 44.54 ? 23  C   A "O5'" 1 
ATOM   472  C "C5'" . C   A 1 23 ? 3.090   10.680  -32.893 1.00 45.91 ? 23  C   A "C5'" 1 
ATOM   473  C "C4'" . C   A 1 23 ? 2.236   9.439   -32.948 1.00 47.38 ? 23  C   A "C4'" 1 
ATOM   474  O "O4'" . C   A 1 23 ? 1.975   8.949   -31.609 1.00 46.91 ? 23  C   A "O4'" 1 
ATOM   475  C "C3'" . C   A 1 23 ? 0.852   9.608   -33.551 1.00 45.06 ? 23  C   A "C3'" 1 
ATOM   476  O "O3'" . C   A 1 23 ? 0.878   9.611   -34.965 1.00 50.76 ? 23  C   A "O3'" 1 
ATOM   477  C "C2'" . C   A 1 23 ? 0.092   8.427   -32.973 1.00 44.22 ? 23  C   A "C2'" 1 
ATOM   478  O "O2'" . C   A 1 23 ? 0.394   7.241   -33.693 1.00 43.96 ? 23  C   A "O2'" 1 
ATOM   479  C "C1'" . C   A 1 23 ? 0.714   8.315   -31.573 1.00 47.38 ? 23  C   A "C1'" 1 
ATOM   480  N N1    . C   A 1 23 ? -0.129  8.944   -30.527 1.00 43.51 ? 23  C   A N1    1 
ATOM   481  C C2    . C   A 1 23 ? -1.237  8.217   -30.071 1.00 40.75 ? 23  C   A C2    1 
ATOM   482  O O2    . C   A 1 23 ? -1.464  7.086   -30.551 1.00 38.70 ? 23  C   A O2    1 
ATOM   483  N N3    . C   A 1 23 ? -2.037  8.761   -29.124 1.00 38.64 ? 23  C   A N3    1 
ATOM   484  C C4    . C   A 1 23 ? -1.757  9.969   -28.635 1.00 40.99 ? 23  C   A C4    1 
ATOM   485  N N4    . C   A 1 23 ? -2.581  10.458  -27.705 1.00 36.82 ? 23  C   A N4    1 
ATOM   486  C C5    . C   A 1 23 ? -0.636  10.733  -29.088 1.00 38.16 ? 23  C   A C5    1 
ATOM   487  C C6    . C   A 1 23 ? 0.144   10.189  -30.030 1.00 39.03 ? 23  C   A C6    1 
ATOM   488  O "O5'" . U   B 1 1  ? -12.277 12.420  -19.123 1.00 51.27 ? 24  U   B "O5'" 1 
ATOM   489  C "C5'" . U   B 1 1  ? -13.397 12.273  -18.263 1.00 44.28 ? 24  U   B "C5'" 1 
ATOM   490  C "C4'" . U   B 1 1  ? -14.504 11.519  -18.948 1.00 46.35 ? 24  U   B "C4'" 1 
ATOM   491  O "O4'" . U   B 1 1  ? -14.995 12.309  -20.067 1.00 43.37 ? 24  U   B "O4'" 1 
ATOM   492  C "C3'" . U   B 1 1  ? -14.111 10.185  -19.573 1.00 45.38 ? 24  U   B "C3'" 1 
ATOM   493  O "O3'" . U   B 1 1  ? -14.089 9.107   -18.642 1.00 42.89 ? 24  U   B "O3'" 1 
ATOM   494  C "C2'" . U   B 1 1  ? -15.155 10.019  -20.673 1.00 44.69 ? 24  U   B "C2'" 1 
ATOM   495  O "O2'" . U   B 1 1  ? -16.386 9.569   -20.133 1.00 43.04 ? 24  U   B "O2'" 1 
ATOM   496  C "C1'" . U   B 1 1  ? -15.340 11.466  -21.143 1.00 42.65 ? 24  U   B "C1'" 1 
ATOM   497  N N1    . U   B 1 1  ? -14.464 11.801  -22.292 1.00 43.33 ? 24  U   B N1    1 
ATOM   498  C C2    . U   B 1 1  ? -14.649 11.137  -23.491 1.00 41.13 ? 24  U   B C2    1 
ATOM   499  O O2    . U   B 1 1  ? -15.511 10.295  -23.649 1.00 44.07 ? 24  U   B O2    1 
ATOM   500  N N3    . U   B 1 1  ? -13.797 11.479  -24.513 1.00 37.76 ? 24  U   B N3    1 
ATOM   501  C C4    . U   B 1 1  ? -12.788 12.421  -24.461 1.00 41.18 ? 24  U   B C4    1 
ATOM   502  O O4    . U   B 1 1  ? -12.093 12.631  -25.461 1.00 38.50 ? 24  U   B O4    1 
ATOM   503  C C5    . U   B 1 1  ? -12.659 13.074  -23.190 1.00 43.14 ? 24  U   B C5    1 
ATOM   504  C C6    . U   B 1 1  ? -13.477 12.756  -22.178 1.00 44.37 ? 24  U   B C6    1 
ATOM   505  P P     . U   B 1 2  ? -12.791 8.163   -18.495 1.00 44.40 ? 25  U   B P     1 
ATOM   506  O OP1   . U   B 1 2  ? -13.143 6.995   -17.652 1.00 44.98 ? 25  U   B OP1   1 
ATOM   507  O OP2   . U   B 1 2  ? -11.652 9.002   -18.069 1.00 46.41 ? 25  U   B OP2   1 
ATOM   508  O "O5'" . U   B 1 2  ? -12.484 7.657   -19.978 1.00 45.17 ? 25  U   B "O5'" 1 
ATOM   509  C "C5'" . U   B 1 2  ? -13.342 6.739   -20.644 1.00 41.56 ? 25  U   B "C5'" 1 
ATOM   510  C "C4'" . U   B 1 2  ? -13.083 6.712   -22.133 1.00 42.76 ? 25  U   B "C4'" 1 
ATOM   511  O "O4'" . U   B 1 2  ? -13.207 8.052   -22.681 1.00 43.41 ? 25  U   B "O4'" 1 
ATOM   512  C "C3'" . U   B 1 2  ? -11.693 6.277   -22.570 1.00 44.10 ? 25  U   B "C3'" 1 
ATOM   513  O "O3'" . U   B 1 2  ? -11.513 4.873   -22.549 1.00 48.76 ? 25  U   B "O3'" 1 
ATOM   514  C "C2'" . U   B 1 2  ? -11.579 6.895   -23.955 1.00 37.45 ? 25  U   B "C2'" 1 
ATOM   515  O "O2'" . U   B 1 2  ? -12.339 6.165   -24.897 1.00 41.46 ? 25  U   B "O2'" 1 
ATOM   516  C "C1'" . U   B 1 2  ? -12.287 8.223   -23.743 1.00 40.30 ? 25  U   B "C1'" 1 
ATOM   517  N N1    . U   B 1 2  ? -11.335 9.294   -23.389 1.00 41.24 ? 25  U   B N1    1 
ATOM   518  C C2    . U   B 1 2  ? -10.517 9.796   -24.395 1.00 42.35 ? 25  U   B C2    1 
ATOM   519  O O2    . U   B 1 2  ? -10.572 9.376   -25.543 1.00 40.54 ? 25  U   B O2    1 
ATOM   520  N N3    . U   B 1 2  ? -9.643  10.793  -24.013 1.00 36.05 ? 25  U   B N3    1 
ATOM   521  C C4    . U   B 1 2  ? -9.533  11.311  -22.732 1.00 42.40 ? 25  U   B C4    1 
ATOM   522  O O4    . U   B 1 2  ? -8.722  12.201  -22.486 1.00 40.70 ? 25  U   B O4    1 
ATOM   523  C C5    . U   B 1 2  ? -10.416 10.739  -21.757 1.00 42.70 ? 25  U   B C5    1 
ATOM   524  C C6    . U   B 1 2  ? -11.267 9.772   -22.108 1.00 42.38 ? 25  U   B C6    1 
ATOM   525  P P     . G   B 1 3  ? -10.046 4.236   -22.388 1.00 43.85 ? 26  G   B P     1 
ATOM   526  O OP1   . G   B 1 3  ? -10.187 2.942   -21.681 1.00 39.50 ? 26  G   B OP1   1 
ATOM   527  O OP2   . G   B 1 3  ? -9.115  5.272   -21.867 1.00 44.72 ? 26  G   B OP2   1 
ATOM   528  O "O5'" . G   B 1 3  ? -9.604  3.935   -23.880 1.00 46.53 ? 26  G   B "O5'" 1 
ATOM   529  C "C5'" . G   B 1 3  ? -10.229 2.917   -24.641 1.00 43.94 ? 26  G   B "C5'" 1 
ATOM   530  C "C4'" . G   B 1 3  ? -9.402  2.605   -25.858 1.00 44.16 ? 26  G   B "C4'" 1 
ATOM   531  O "O4'" . G   B 1 3  ? -9.393  3.756   -26.747 1.00 45.83 ? 26  G   B "O4'" 1 
ATOM   532  C "C3'" . G   B 1 3  ? -7.928  2.350   -25.587 1.00 43.56 ? 26  G   B "C3'" 1 
ATOM   533  O "O3'" . G   B 1 3  ? -7.662  1.038   -25.133 1.00 49.67 ? 26  G   B "O3'" 1 
ATOM   534  C "C2'" . G   B 1 3  ? -7.292  2.662   -26.925 1.00 40.26 ? 26  G   B "C2'" 1 
ATOM   535  O "O2'" . G   B 1 3  ? -7.516  1.583   -27.817 1.00 39.20 ? 26  G   B "O2'" 1 
ATOM   536  C "C1'" . G   B 1 3  ? -8.131  3.862   -27.376 1.00 43.01 ? 26  G   B "C1'" 1 
ATOM   537  N N9    . G   B 1 3  ? -7.516  5.141   -26.983 1.00 35.14 ? 26  G   B N9    1 
ATOM   538  C C8    . G   B 1 3  ? -7.897  5.986   -25.976 1.00 40.10 ? 26  G   B C8    1 
ATOM   539  N N7    . G   B 1 3  ? -7.143  7.048   -25.864 1.00 34.85 ? 26  G   B N7    1 
ATOM   540  C C5    . G   B 1 3  ? -6.203  6.884   -26.862 1.00 34.06 ? 26  G   B C5    1 
ATOM   541  C C6    . G   B 1 3  ? -5.122  7.716   -27.238 1.00 36.83 ? 26  G   B C6    1 
ATOM   542  O O6    . G   B 1 3  ? -4.777  8.799   -26.748 1.00 38.40 ? 26  G   B O6    1 
ATOM   543  N N1    . G   B 1 3  ? -4.411  7.176   -28.297 1.00 35.06 ? 26  G   B N1    1 
ATOM   544  C C2    . G   B 1 3  ? -4.706  5.995   -28.926 1.00 36.46 ? 26  G   B C2    1 
ATOM   545  N N2    . G   B 1 3  ? -3.895  5.644   -29.929 1.00 41.68 ? 26  G   B N2    1 
ATOM   546  N N3    . G   B 1 3  ? -5.705  5.209   -28.592 1.00 36.87 ? 26  G   B N3    1 
ATOM   547  C C4    . G   B 1 3  ? -6.410  5.714   -27.554 1.00 36.99 ? 26  G   B C4    1 
ATOM   548  P P     . C   B 1 4  ? -6.394  0.744   -24.188 1.00 43.67 ? 27  C   B P     1 
ATOM   549  O OP1   . C   B 1 4  ? -6.468  -0.698  -23.839 1.00 45.74 ? 27  C   B OP1   1 
ATOM   550  O OP2   . C   B 1 4  ? -6.336  1.799   -23.140 1.00 41.34 ? 27  C   B OP2   1 
ATOM   551  O "O5'" . C   B 1 4  ? -5.131  0.924   -25.139 1.00 41.69 ? 27  C   B "O5'" 1 
ATOM   552  C "C5'" . C   B 1 4  ? -4.908  0.040   -26.226 1.00 42.68 ? 27  C   B "C5'" 1 
ATOM   553  C "C4'" . C   B 1 4  ? -3.700  0.448   -27.038 1.00 40.57 ? 27  C   B "C4'" 1 
ATOM   554  O "O4'" . C   B 1 4  ? -3.920  1.745   -27.655 1.00 44.42 ? 27  C   B "O4'" 1 
ATOM   555  C "C3'" . C   B 1 4  ? -2.416  0.641   -26.259 1.00 39.38 ? 27  C   B "C3'" 1 
ATOM   556  O "O3'" . C   B 1 4  ? -1.774  -0.567  -25.948 1.00 48.42 ? 27  C   B "O3'" 1 
ATOM   557  C "C2'" . C   B 1 4  ? -1.604  1.531   -27.177 1.00 44.42 ? 27  C   B "C2'" 1 
ATOM   558  O "O2'" . C   B 1 4  ? -1.062  0.772   -28.244 1.00 47.21 ? 27  C   B "O2'" 1 
ATOM   559  C "C1'" . C   B 1 4  ? -2.692  2.453   -27.724 1.00 44.92 ? 27  C   B "C1'" 1 
ATOM   560  N N1    . C   B 1 4  ? -2.785  3.689   -26.907 1.00 41.44 ? 27  C   B N1    1 
ATOM   561  C C2    . C   B 1 4  ? -1.895  4.705   -27.211 1.00 42.11 ? 27  C   B C2    1 
ATOM   562  O O2    . C   B 1 4  ? -1.120  4.516   -28.155 1.00 47.99 ? 27  C   B O2    1 
ATOM   563  N N3    . C   B 1 4  ? -1.902  5.850   -26.495 1.00 39.56 ? 27  C   B N3    1 
ATOM   564  C C4    . C   B 1 4  ? -2.758  5.990   -25.490 1.00 37.88 ? 27  C   B C4    1 
ATOM   565  N N4    . C   B 1 4  ? -2.734  7.130   -24.805 1.00 37.48 ? 27  C   B N4    1 
ATOM   566  C C5    . C   B 1 4  ? -3.674  4.962   -25.141 1.00 39.59 ? 27  C   B C5    1 
ATOM   567  C C6    . C   B 1 4  ? -3.653  3.836   -25.864 1.00 40.95 ? 27  C   B C6    1 
ATOM   568  P P     . G   B 1 5  ? -0.981  -0.676  -24.564 1.00 45.77 ? 28  G   B P     1 
ATOM   569  O OP1   . G   B 1 5  ? -0.598  -2.101  -24.432 1.00 53.78 ? 28  G   B OP1   1 
ATOM   570  O OP2   . G   B 1 5  ? -1.730  0.024   -23.487 1.00 42.19 ? 28  G   B OP2   1 
ATOM   571  O "O5'" . G   B 1 5  ? 0.309   0.204   -24.825 1.00 42.44 ? 28  G   B "O5'" 1 
ATOM   572  C "C5'" . G   B 1 5  ? 1.277   -0.224  -25.759 1.00 41.08 ? 28  G   B "C5'" 1 
ATOM   573  C "C4'" . G   B 1 5  ? 2.276   0.863   -26.048 1.00 43.82 ? 28  G   B "C4'" 1 
ATOM   574  O "O4'" . G   B 1 5  ? 1.595   2.053   -26.535 1.00 46.02 ? 28  G   B "O4'" 1 
ATOM   575  C "C3'" . G   B 1 5  ? 3.096   1.391   -24.881 1.00 38.91 ? 28  G   B "C3'" 1 
ATOM   576  O "O3'" . G   B 1 5  ? 4.121   0.503   -24.447 1.00 38.84 ? 28  G   B "O3'" 1 
ATOM   577  C "C2'" . G   B 1 5  ? 3.602   2.707   -25.456 1.00 39.83 ? 28  G   B "C2'" 1 
ATOM   578  O "O2'" . G   B 1 5  ? 4.614   2.473   -26.429 1.00 41.87 ? 28  G   B "O2'" 1 
ATOM   579  C "C1'" . G   B 1 5  ? 2.349   3.198   -26.189 1.00 43.60 ? 28  G   B "C1'" 1 
ATOM   580  N N9    . G   B 1 5  ? 1.547   4.044   -25.295 1.00 43.46 ? 28  G   B N9    1 
ATOM   581  C C8    . G   B 1 5  ? 0.370   3.749   -24.658 1.00 41.21 ? 28  G   B C8    1 
ATOM   582  N N7    . G   B 1 5  ? -0.032  4.738   -23.900 1.00 41.42 ? 28  G   B N7    1 
ATOM   583  C C5    . G   B 1 5  ? 0.940   5.723   -24.048 1.00 39.39 ? 28  G   B C5    1 
ATOM   584  C C6    . G   B 1 5  ? 1.058   7.014   -23.470 1.00 40.23 ? 28  G   B C6    1 
ATOM   585  O O6    . G   B 1 5  ? 0.284   7.578   -22.687 1.00 40.89 ? 28  G   B O6    1 
ATOM   586  N N1    . G   B 1 5  ? 2.205   7.671   -23.897 1.00 36.67 ? 28  G   B N1    1 
ATOM   587  C C2    . G   B 1 5  ? 3.131   7.145   -24.768 1.00 42.30 ? 28  G   B C2    1 
ATOM   588  N N2    . G   B 1 5  ? 4.194   7.920   -25.072 1.00 40.77 ? 28  G   B N2    1 
ATOM   589  N N3    . G   B 1 5  ? 3.030   5.940   -25.307 1.00 40.88 ? 28  G   B N3    1 
ATOM   590  C C4    . G   B 1 5  ? 1.920   5.300   -24.903 1.00 38.52 ? 28  G   B C4    1 
ATOM   591  P P     . U   B 1 6  ? 4.557   0.400   -22.892 1.00 40.23 ? 29  U   B P     1 
ATOM   592  O OP1   . U   B 1 6  ? 5.501   -0.740  -22.799 1.00 49.46 ? 29  U   B OP1   1 
ATOM   593  O OP2   . U   B 1 6  ? 3.415   0.414   -21.938 1.00 41.12 ? 29  U   B OP2   1 
ATOM   594  O "O5'" . U   B 1 6  ? 5.349   1.750   -22.620 1.00 39.33 ? 29  U   B "O5'" 1 
ATOM   595  C "C5'" . U   B 1 6  ? 6.400   2.184   -23.464 1.00 32.27 ? 29  U   B "C5'" 1 
ATOM   596  C "C4'" . U   B 1 6  ? 6.700   3.641   -23.220 1.00 37.61 ? 29  U   B "C4'" 1 
ATOM   597  O "O4'" . U   B 1 6  ? 5.523   4.436   -23.522 1.00 38.89 ? 29  U   B "O4'" 1 
ATOM   598  C "C3'" . U   B 1 6  ? 7.051   4.022   -21.787 1.00 34.88 ? 29  U   B "C3'" 1 
ATOM   599  O "O3'" . U   B 1 6  ? 8.414   3.755   -21.468 1.00 40.35 ? 29  U   B "O3'" 1 
ATOM   600  C "C2'" . U   B 1 6  ? 6.679   5.502   -21.739 1.00 36.46 ? 29  U   B "C2'" 1 
ATOM   601  O "O2'" . U   B 1 6  ? 7.689   6.312   -22.324 1.00 40.58 ? 29  U   B "O2'" 1 
ATOM   602  C "C1'" . U   B 1 6  ? 5.451   5.545   -22.655 1.00 38.48 ? 29  U   B "C1'" 1 
ATOM   603  N N1    . U   B 1 6  ? 4.171   5.484   -21.905 1.00 38.75 ? 29  U   B N1    1 
ATOM   604  C C2    . U   B 1 6  ? 3.766   6.634   -21.256 1.00 39.80 ? 29  U   B C2    1 
ATOM   605  O O2    . U   B 1 6  ? 4.428   7.659   -21.278 1.00 39.68 ? 29  U   B O2    1 
ATOM   606  N N3    . U   B 1 6  ? 2.573   6.552   -20.569 1.00 38.15 ? 29  U   B N3    1 
ATOM   607  C C4    . U   B 1 6  ? 1.763   5.448   -20.482 1.00 37.89 ? 29  U   B C4    1 
ATOM   608  O O4    . U   B 1 6  ? 0.724   5.528   -19.832 1.00 40.82 ? 29  U   B O4    1 
ATOM   609  C C5    . U   B 1 6  ? 2.240   4.296   -21.185 1.00 37.02 ? 29  U   B C5    1 
ATOM   610  C C6    . U   B 1 6  ? 3.402   4.346   -21.851 1.00 35.56 ? 29  U   B C6    1 
ATOM   611  P P     . C   B 1 7  ? 8.866   3.271   -19.996 1.00 41.46 ? 30  C   B P     1 
ATOM   612  O OP1   . C   B 1 7  ? 10.258  2.797   -20.147 1.00 50.07 ? 30  C   B OP1   1 
ATOM   613  O OP2   . C   B 1 7  ? 7.858   2.379   -19.386 1.00 46.30 ? 30  C   B OP2   1 
ATOM   614  O "O5'" . C   B 1 7  ? 8.907   4.614   -19.137 1.00 41.58 ? 30  C   B "O5'" 1 
ATOM   615  C "C5'" . C   B 1 7  ? 9.658   5.725   -19.595 1.00 41.31 ? 30  C   B "C5'" 1 
ATOM   616  C "C4'" . C   B 1 7  ? 9.298   6.987   -18.856 1.00 44.82 ? 30  C   B "C4'" 1 
ATOM   617  O "O4'" . C   B 1 7  ? 8.005   7.493   -19.288 1.00 43.39 ? 30  C   B "O4'" 1 
ATOM   618  C "C3'" . C   B 1 7  ? 9.156   6.885   -17.347 1.00 42.98 ? 30  C   B "C3'" 1 
ATOM   619  O "O3'" . C   B 1 7  ? 10.411  6.843   -16.685 1.00 47.65 ? 30  C   B "O3'" 1 
ATOM   620  C "C2'" . C   B 1 7  ? 8.354   8.139   -17.027 1.00 43.49 ? 30  C   B "C2'" 1 
ATOM   621  O "O2'" . C   B 1 7  ? 9.202   9.282   -17.080 1.00 40.60 ? 30  C   B "O2'" 1 
ATOM   622  C "C1'" . C   B 1 7  ? 7.400   8.201   -18.224 1.00 42.23 ? 30  C   B "C1'" 1 
ATOM   623  N N1    . C   B 1 7  ? 6.070   7.611   -17.930 1.00 41.45 ? 30  C   B N1    1 
ATOM   624  C C2    . C   B 1 7  ? 5.151   8.380   -17.225 1.00 40.58 ? 30  C   B C2    1 
ATOM   625  O O2    . C   B 1 7  ? 5.479   9.523   -16.859 1.00 41.84 ? 30  C   B O2    1 
ATOM   626  N N3    . C   B 1 7  ? 3.941   7.855   -16.947 1.00 36.21 ? 30  C   B N3    1 
ATOM   627  C C4    . C   B 1 7  ? 3.629   6.629   -17.362 1.00 39.16 ? 30  C   B C4    1 
ATOM   628  N N4    . C   B 1 7  ? 2.412   6.169   -17.067 1.00 40.78 ? 30  C   B N4    1 
ATOM   629  C C5    . C   B 1 7  ? 4.538   5.807   -18.078 1.00 37.91 ? 30  C   B C5    1 
ATOM   630  C C6    . C   B 1 7  ? 5.735   6.346   -18.332 1.00 42.06 ? 30  C   B C6    1 
HETATM 631  P P     . 1MA B 1 8  ? 10.550  6.240   -15.200 1.00 44.18 ? 31  1MA B P     1 
HETATM 632  O OP1   . 1MA B 1 8  ? 12.025  6.273   -14.866 1.00 44.78 ? 31  1MA B OP1   1 
HETATM 633  O OP2   . 1MA B 1 8  ? 9.835   4.884   -15.147 1.00 48.75 ? 31  1MA B OP2   1 
HETATM 634  O "O5'" . 1MA B 1 8  ? 9.736   7.242   -14.250 1.00 44.58 ? 31  1MA B "O5'" 1 
HETATM 635  C "C5'" . 1MA B 1 8  ? 10.174  8.574   -14.013 1.00 45.54 ? 31  1MA B "C5'" 1 
HETATM 636  C "C4'" . 1MA B 1 8  ? 9.208   9.337   -13.133 1.00 44.16 ? 31  1MA B "C4'" 1 
HETATM 637  O "O4'" . 1MA B 1 8  ? 7.980   9.633   -13.855 1.00 46.34 ? 31  1MA B "O4'" 1 
HETATM 638  C "C3'" . 1MA B 1 8  ? 8.746   8.624   -11.873 1.00 47.02 ? 31  1MA B "C3'" 1 
HETATM 639  O "O3'" . 1MA B 1 8  ? 9.661   8.787   -10.807 1.00 52.14 ? 31  1MA B "O3'" 1 
HETATM 640  C "C2'" . 1MA B 1 8  ? 7.382   9.251   -11.603 1.00 49.54 ? 31  1MA B "C2'" 1 
HETATM 641  O "O2'" . 1MA B 1 8  ? 7.519   10.537  -11.014 1.00 50.33 ? 31  1MA B "O2'" 1 
HETATM 642  C "C1'" . 1MA B 1 8  ? 6.860   9.430   -13.021 1.00 44.38 ? 31  1MA B "C1'" 1 
HETATM 643  N N9    . 1MA B 1 8  ? 6.157   8.234   -13.512 1.00 42.46 ? 31  1MA B N9    1 
HETATM 644  C C8    . 1MA B 1 8  ? 6.455   7.183   -14.304 1.00 42.69 ? 31  1MA B C8    1 
HETATM 645  N N7    . 1MA B 1 8  ? 5.345   6.404   -14.390 1.00 40.05 ? 31  1MA B N7    1 
HETATM 646  C C5    . 1MA B 1 8  ? 4.375   6.982   -13.664 1.00 36.02 ? 31  1MA B C5    1 
HETATM 647  C C6    . 1MA B 1 8  ? 2.956   6.550   -13.432 1.00 34.90 ? 31  1MA B C6    1 
HETATM 648  N N6    . 1MA B 1 8  ? 2.490   5.407   -13.985 1.00 38.72 ? 31  1MA B N6    1 
HETATM 649  N N1    . 1MA B 1 8  ? 2.120   7.332   -12.632 1.00 38.92 ? 31  1MA B N1    1 
HETATM 650  C CM1   . 1MA B 1 8  ? 0.770   6.893   -12.425 1.00 44.06 ? 31  1MA B CM1   1 
HETATM 651  C C2    . 1MA B 1 8  ? 2.612   8.520   -12.039 1.00 37.75 ? 31  1MA B C2    1 
HETATM 652  N N3    . 1MA B 1 8  ? 3.982   8.946   -12.267 1.00 39.26 ? 31  1MA B N3    1 
HETATM 653  C C4    . 1MA B 1 8  ? 4.863   8.124   -13.109 1.00 38.98 ? 31  1MA B C4    1 
ATOM   654  P P     . C   B 1 9  ? 9.964   7.584   -9.786  1.00 48.44 ? 32  C   B P     1 
ATOM   655  O OP1   . C   B 1 9  ? 11.056  8.118   -8.933  1.00 54.53 ? 32  C   B OP1   1 
ATOM   656  O OP2   . C   B 1 9  ? 10.177  6.293   -10.489 1.00 46.82 ? 32  C   B OP2   1 
ATOM   657  O "O5'" . C   B 1 9  ? 8.647   7.498   -8.901  1.00 47.74 ? 32  C   B "O5'" 1 
ATOM   658  C "C5'" . C   B 1 9  ? 8.288   8.574   -8.056  1.00 45.06 ? 32  C   B "C5'" 1 
ATOM   659  C "C4'" . C   B 1 9  ? 6.867   8.450   -7.574  1.00 50.01 ? 32  C   B "C4'" 1 
ATOM   660  O "O4'" . C   B 1 9  ? 5.960   8.517   -8.706  1.00 49.25 ? 32  C   B "O4'" 1 
ATOM   661  C "C3'" . C   B 1 9  ? 6.487   7.146   -6.886  1.00 47.86 ? 32  C   B "C3'" 1 
ATOM   662  O "O3'" . C   B 1 9  ? 6.915   7.062   -5.541  1.00 50.62 ? 32  C   B "O3'" 1 
ATOM   663  C "C2'" . C   B 1 9  ? 4.974   7.138   -7.041  1.00 50.16 ? 32  C   B "C2'" 1 
ATOM   664  O "O2'" . C   B 1 9  ? 4.370   8.045   -6.126  1.00 48.03 ? 32  C   B "O2'" 1 
ATOM   665  C "C1'" . C   B 1 9  ? 4.832   7.701   -8.457  1.00 48.41 ? 32  C   B "C1'" 1 
ATOM   666  N N1    . C   B 1 9  ? 4.811   6.612   -9.459  1.00 45.03 ? 32  C   B N1    1 
ATOM   667  C C2    . C   B 1 9  ? 3.583   6.003   -9.715  1.00 43.30 ? 32  C   B C2    1 
ATOM   668  O O2    . C   B 1 9  ? 2.583   6.424   -9.110  1.00 44.68 ? 32  C   B O2    1 
ATOM   669  N N3    . C   B 1 9  ? 3.517   4.994   -10.614 1.00 41.44 ? 32  C   B N3    1 
ATOM   670  C C4    . C   B 1 9  ? 4.623   4.591   -11.237 1.00 39.18 ? 32  C   B C4    1 
ATOM   671  N N4    . C   B 1 9  ? 4.516   3.598   -12.120 1.00 34.58 ? 32  C   B N4    1 
ATOM   672  C C5    . C   B 1 9  ? 5.886   5.193   -10.977 1.00 40.97 ? 32  C   B C5    1 
ATOM   673  C C6    . C   B 1 9  ? 5.941   6.188   -10.090 1.00 40.15 ? 32  C   B C6    1 
ATOM   674  P P     . G   B 1 10 ? 7.315   5.639   -4.902  1.00 48.70 ? 33  G   B P     1 
ATOM   675  O OP1   . G   B 1 10 ? 7.954   5.932   -3.598  1.00 56.44 ? 33  G   B OP1   1 
ATOM   676  O OP2   . G   B 1 10 ? 8.049   4.829   -5.893  1.00 47.92 ? 33  G   B OP2   1 
ATOM   677  O "O5'" . G   B 1 10 ? 5.920   4.907   -4.654  1.00 45.90 ? 33  G   B "O5'" 1 
ATOM   678  C "C5'" . G   B 1 10 ? 4.901   5.510   -3.878  1.00 43.88 ? 33  G   B "C5'" 1 
ATOM   679  C "C4'" . G   B 1 10 ? 3.605   4.744   -3.985  1.00 49.80 ? 33  G   B "C4'" 1 
ATOM   680  O "O4'" . G   B 1 10 ? 3.042   4.863   -5.323  1.00 52.17 ? 33  G   B "O4'" 1 
ATOM   681  C "C3'" . G   B 1 10 ? 3.698   3.245   -3.768  1.00 51.37 ? 33  G   B "C3'" 1 
ATOM   682  O "O3'" . G   B 1 10 ? 3.799   2.899   -2.396  1.00 54.77 ? 33  G   B "O3'" 1 
ATOM   683  C "C2'" . G   B 1 10 ? 2.430   2.740   -4.450  1.00 51.11 ? 33  G   B "C2'" 1 
ATOM   684  O "O2'" . G   B 1 10 ? 1.292   2.984   -3.638  1.00 56.91 ? 33  G   B "O2'" 1 
ATOM   685  C "C1'" . G   B 1 10 ? 2.350   3.674   -5.659  1.00 46.87 ? 33  G   B "C1'" 1 
ATOM   686  N N9    . G   B 1 10 ? 2.966   3.075   -6.867  1.00 48.25 ? 33  G   B N9    1 
ATOM   687  C C8    . G   B 1 10 ? 4.225   3.342   -7.362  1.00 46.21 ? 33  G   B C8    1 
ATOM   688  N N7    . G   B 1 10 ? 4.519   2.667   -8.439  1.00 43.20 ? 33  G   B N7    1 
ATOM   689  C C5    . G   B 1 10 ? 3.384   1.906   -8.689  1.00 44.07 ? 33  G   B C5    1 
ATOM   690  C C6    . G   B 1 10 ? 3.117   0.978   -9.733  1.00 42.79 ? 33  G   B C6    1 
ATOM   691  O O6    . G   B 1 10 ? 3.862   0.645   -10.657 1.00 40.68 ? 33  G   B O6    1 
ATOM   692  N N1    . G   B 1 10 ? 1.852   0.402   -9.625  1.00 43.09 ? 33  G   B N1    1 
ATOM   693  C C2    . G   B 1 10 ? 0.958   0.692   -8.623  1.00 45.18 ? 33  G   B C2    1 
ATOM   694  N N2    . G   B 1 10 ? -0.213  0.044   -8.681  1.00 45.20 ? 33  G   B N2    1 
ATOM   695  N N3    . G   B 1 10 ? 1.191   1.561   -7.646  1.00 44.38 ? 33  G   B N3    1 
ATOM   696  C C4    . G   B 1 10 ? 2.416   2.133   -7.729  1.00 45.07 ? 33  G   B C4    1 
ATOM   697  P P     . U   B 1 11 ? 4.539   1.553   -1.931  1.00 51.92 ? 34  U   B P     1 
ATOM   698  O OP1   . U   B 1 11 ? 4.500   1.576   -0.449  1.00 57.63 ? 34  U   B OP1   1 
ATOM   699  O OP2   . U   B 1 11 ? 5.843   1.394   -2.622  1.00 48.84 ? 34  U   B OP2   1 
ATOM   700  O "O5'" . U   B 1 11 ? 3.539   0.406   -2.395  1.00 50.73 ? 34  U   B "O5'" 1 
ATOM   701  C "C5'" . U   B 1 11 ? 2.298   0.231   -1.731  1.00 52.26 ? 34  U   B "C5'" 1 
ATOM   702  C "C4'" . U   B 1 11 ? 1.457   -0.828  -2.393  1.00 50.54 ? 34  U   B "C4'" 1 
ATOM   703  O "O4'" . U   B 1 11 ? 1.178   -0.435  -3.758  1.00 56.71 ? 34  U   B "O4'" 1 
ATOM   704  C "C3'" . U   B 1 11 ? 2.103   -2.195  -2.528  1.00 50.80 ? 34  U   B "C3'" 1 
ATOM   705  O "O3'" . U   B 1 11 ? 2.015   -2.949  -1.337  1.00 54.13 ? 34  U   B "O3'" 1 
ATOM   706  C "C2'" . U   B 1 11 ? 1.347   -2.799  -3.704  1.00 48.68 ? 34  U   B "C2'" 1 
ATOM   707  O "O2'" . U   B 1 11 ? 0.058   -3.219  -3.293  1.00 53.44 ? 34  U   B "O2'" 1 
ATOM   708  C "C1'" . U   B 1 11 ? 1.166   -1.573  -4.595  1.00 51.46 ? 34  U   B "C1'" 1 
ATOM   709  N N1    . U   B 1 11 ? 2.248   -1.425  -5.600  1.00 50.10 ? 34  U   B N1    1 
ATOM   710  C C2    . U   B 1 11 ? 2.124   -2.178  -6.736  1.00 47.33 ? 34  U   B C2    1 
ATOM   711  O O2    . U   B 1 11 ? 1.178   -2.933  -6.896  1.00 51.82 ? 34  U   B O2    1 
ATOM   712  N N3    . U   B 1 11 ? 3.127   -2.023  -7.652  1.00 41.94 ? 34  U   B N3    1 
ATOM   713  C C4    . U   B 1 11 ? 4.225   -1.189  -7.555  1.00 47.01 ? 34  U   B C4    1 
ATOM   714  O O4    . U   B 1 11 ? 5.059   -1.137  -8.484  1.00 43.70 ? 34  U   B O4    1 
ATOM   715  C C5    . U   B 1 11 ? 4.270   -0.431  -6.338  1.00 45.25 ? 34  U   B C5    1 
ATOM   716  C C6    . U   B 1 11 ? 3.306   -0.564  -5.427  1.00 44.48 ? 34  U   B C6    1 
ATOM   717  P P     . C   B 1 12 ? 3.193   -3.956  -0.913  1.00 60.90 ? 35  C   B P     1 
ATOM   718  O OP1   . C   B 1 12 ? 2.841   -4.397  0.458   1.00 68.84 ? 35  C   B OP1   1 
ATOM   719  O OP2   . C   B 1 12 ? 4.533   -3.370  -1.154  1.00 48.92 ? 35  C   B OP2   1 
ATOM   720  O "O5'" . C   B 1 12 ? 3.001   -5.200  -1.892  1.00 56.02 ? 35  C   B "O5'" 1 
ATOM   721  C "C5'" . C   B 1 12 ? 1.791   -5.942  -1.884  1.00 51.71 ? 35  C   B "C5'" 1 
ATOM   722  C "C4'" . C   B 1 12 ? 1.702   -6.863  -3.069  1.00 51.33 ? 35  C   B "C4'" 1 
ATOM   723  O "O4'" . C   B 1 12 ? 1.634   -6.077  -4.286  1.00 54.79 ? 35  C   B "O4'" 1 
ATOM   724  C "C3'" . C   B 1 12 ? 2.897   -7.776  -3.307  1.00 52.83 ? 35  C   B "C3'" 1 
ATOM   725  O "O3'" . C   B 1 12 ? 2.945   -8.908  -2.454  1.00 56.42 ? 35  C   B "O3'" 1 
ATOM   726  C "C2'" . C   B 1 12 ? 2.744   -8.119  -4.780  1.00 50.97 ? 35  C   B "C2'" 1 
ATOM   727  O "O2'" . C   B 1 12 ? 1.695   -9.059  -4.959  1.00 52.56 ? 35  C   B "O2'" 1 
ATOM   728  C "C1'" . C   B 1 12 ? 2.277   -6.777  -5.340  1.00 51.79 ? 35  C   B "C1'" 1 
ATOM   729  N N1    . C   B 1 12 ? 3.402   -5.956  -5.852  1.00 47.48 ? 35  C   B N1    1 
ATOM   730  C C2    . C   B 1 12 ? 3.834   -6.143  -7.171  1.00 46.21 ? 35  C   B C2    1 
ATOM   731  O O2    . C   B 1 12 ? 3.291   -6.990  -7.893  1.00 46.94 ? 35  C   B O2    1 
ATOM   732  N N3    . C   B 1 12 ? 4.842   -5.389  -7.646  1.00 45.02 ? 35  C   B N3    1 
ATOM   733  C C4    . C   B 1 12 ? 5.409   -4.485  -6.858  1.00 45.24 ? 35  C   B C4    1 
ATOM   734  N N4    . C   B 1 12 ? 6.403   -3.776  -7.387  1.00 45.97 ? 35  C   B N4    1 
ATOM   735  C C5    . C   B 1 12 ? 5.001   -4.264  -5.514  1.00 42.76 ? 35  C   B C5    1 
ATOM   736  C C6    . C   B 1 12 ? 4.001   -5.016  -5.058  1.00 46.97 ? 35  C   B C6    1 
ATOM   737  P P     . G   B 1 13 ? 4.359   -9.585  -2.078  1.00 57.95 ? 36  G   B P     1 
ATOM   738  O OP1   . G   B 1 13 ? 4.071   -10.626 -1.063  1.00 66.74 ? 36  G   B OP1   1 
ATOM   739  O OP2   . G   B 1 13 ? 5.386   -8.558  -1.771  1.00 46.51 ? 36  G   B OP2   1 
ATOM   740  O "O5'" . G   B 1 13 ? 4.817   -10.305 -3.423  1.00 53.35 ? 36  G   B "O5'" 1 
ATOM   741  C "C5'" . G   B 1 13 ? 4.015   -11.305 -4.025  1.00 48.77 ? 36  G   B "C5'" 1 
ATOM   742  C "C4'" . G   B 1 13 ? 4.536   -11.666 -5.393  1.00 51.76 ? 36  G   B "C4'" 1 
ATOM   743  O "O4'" . G   B 1 13 ? 4.392   -10.539 -6.292  1.00 52.04 ? 36  G   B "O4'" 1 
ATOM   744  C "C3'" . G   B 1 13 ? 6.013   -12.022 -5.487  1.00 54.08 ? 36  G   B "C3'" 1 
ATOM   745  O "O3'" . G   B 1 13 ? 6.279   -13.354 -5.079  1.00 55.65 ? 36  G   B "O3'" 1 
ATOM   746  C "C2'" . G   B 1 13 ? 6.310   -11.773 -6.961  1.00 52.59 ? 36  G   B "C2'" 1 
ATOM   747  O "O2'" . G   B 1 13 ? 5.822   -12.847 -7.744  1.00 50.31 ? 36  G   B "O2'" 1 
ATOM   748  C "C1'" . G   B 1 13 ? 5.440   -10.546 -7.242  1.00 50.26 ? 36  G   B "C1'" 1 
ATOM   749  N N9    . G   B 1 13 ? 6.198   -9.288  -7.115  1.00 47.86 ? 36  G   B N9    1 
ATOM   750  C C8    . G   B 1 13 ? 6.211   -8.431  -6.036  1.00 46.95 ? 36  G   B C8    1 
ATOM   751  N N7    . G   B 1 13 ? 6.989   -7.398  -6.217  1.00 44.59 ? 36  G   B N7    1 
ATOM   752  C C5    . G   B 1 13 ? 7.514   -7.584  -7.485  1.00 42.76 ? 36  G   B C5    1 
ATOM   753  C C6    . G   B 1 13 ? 8.419   -6.783  -8.227  1.00 45.17 ? 36  G   B C6    1 
ATOM   754  O O6    . G   B 1 13 ? 8.954   -5.719  -7.905  1.00 44.49 ? 36  G   B O6    1 
ATOM   755  N N1    . G   B 1 13 ? 8.689   -7.341  -9.470  1.00 45.92 ? 36  G   B N1    1 
ATOM   756  C C2    . G   B 1 13 ? 8.159   -8.519  -9.945  1.00 44.47 ? 36  G   B C2    1 
ATOM   757  N N2    . G   B 1 13 ? 8.560   -8.877  -11.174 1.00 45.06 ? 36  G   B N2    1 
ATOM   758  N N3    . G   B 1 13 ? 7.311   -9.283  -9.265  1.00 45.35 ? 36  G   B N3    1 
ATOM   759  C C4    . G   B 1 13 ? 7.037   -8.751  -8.052  1.00 44.93 ? 36  G   B C4    1 
ATOM   760  P P     . A   B 1 14 ? 7.750   -13.827 -4.635  1.00 51.75 ? 37  A   B P     1 
ATOM   761  O OP1   . A   B 1 14 ? 7.615   -15.250 -4.259  1.00 61.42 ? 37  A   B OP1   1 
ATOM   762  O OP2   . A   B 1 14 ? 8.323   -12.888 -3.647  1.00 57.38 ? 37  A   B OP2   1 
ATOM   763  O "O5'" . A   B 1 14 ? 8.613   -13.777 -5.969  1.00 53.07 ? 37  A   B "O5'" 1 
ATOM   764  C "C5'" . A   B 1 14 ? 8.368   -14.697 -7.021  1.00 56.50 ? 37  A   B "C5'" 1 
ATOM   765  C "C4'" . A   B 1 14 ? 9.236   -14.402 -8.217  1.00 56.35 ? 37  A   B "C4'" 1 
ATOM   766  O "O4'" . A   B 1 14 ? 8.900   -13.098 -8.758  1.00 55.27 ? 37  A   B "O4'" 1 
ATOM   767  C "C3'" . A   B 1 14 ? 10.725  -14.308 -7.937  1.00 57.86 ? 37  A   B "C3'" 1 
ATOM   768  O "O3'" . A   B 1 14 ? 11.372  -15.567 -7.843  1.00 63.61 ? 37  A   B "O3'" 1 
ATOM   769  C "C2'" . A   B 1 14 ? 11.228  -13.439 -9.081  1.00 52.78 ? 37  A   B "C2'" 1 
ATOM   770  O "O2'" . A   B 1 14 ? 11.355  -14.193 -10.275 1.00 53.94 ? 37  A   B "O2'" 1 
ATOM   771  C "C1'" . A   B 1 14 ? 10.071  -12.456 -9.233  1.00 52.48 ? 37  A   B "C1'" 1 
ATOM   772  N N9    . A   B 1 14 ? 10.299  -11.239 -8.427  1.00 51.67 ? 37  A   B N9    1 
ATOM   773  C C8    . A   B 1 14 ? 9.839   -10.980 -7.156  1.00 49.50 ? 37  A   B C8    1 
ATOM   774  N N7    . A   B 1 14 ? 10.214  -9.810  -6.693  1.00 48.75 ? 37  A   B N7    1 
ATOM   775  C C5    . A   B 1 14 ? 10.969  -9.259  -7.725  1.00 45.55 ? 37  A   B C5    1 
ATOM   776  C C6    . A   B 1 14 ? 11.647  -8.030  -7.852  1.00 44.20 ? 37  A   B C6    1 
ATOM   777  N N6    . A   B 1 14 ? 11.675  -7.097  -6.896  1.00 44.39 ? 37  A   B N6    1 
ATOM   778  N N1    . A   B 1 14 ? 12.315  -7.795  -8.999  1.00 43.88 ? 37  A   B N1    1 
ATOM   779  C C2    . A   B 1 14 ? 12.284  -8.734  -9.952  1.00 46.85 ? 37  A   B C2    1 
ATOM   780  N N3    . A   B 1 14 ? 11.677  -9.924  -9.959  1.00 49.05 ? 37  A   B N3    1 
ATOM   781  C C4    . A   B 1 14 ? 11.035  -10.132 -8.796  1.00 46.41 ? 37  A   B C4    1 
ATOM   782  P P     . C   B 1 15 ? 12.602  -15.747 -6.822  1.00 55.80 ? 38  C   B P     1 
ATOM   783  O OP1   . C   B 1 15 ? 12.979  -17.181 -6.833  1.00 70.61 ? 38  C   B OP1   1 
ATOM   784  O OP2   . C   B 1 15 ? 12.249  -15.070 -5.549  1.00 49.40 ? 38  C   B OP2   1 
ATOM   785  O "O5'" . C   B 1 15 ? 13.780  -14.916 -7.498  1.00 58.00 ? 38  C   B "O5'" 1 
ATOM   786  C "C5'" . C   B 1 15 ? 14.240  -15.236 -8.800  1.00 53.57 ? 38  C   B "C5'" 1 
ATOM   787  C "C4'" . C   B 1 15 ? 15.099  -14.137 -9.375  1.00 55.75 ? 38  C   B "C4'" 1 
ATOM   788  O "O4'" . C   B 1 15 ? 14.313  -12.928 -9.550  1.00 60.74 ? 38  C   B "O4'" 1 
ATOM   789  C "C3'" . C   B 1 15 ? 16.274  -13.666 -8.534  1.00 55.73 ? 38  C   B "C3'" 1 
ATOM   790  O "O3'" . C   B 1 15 ? 17.390  -14.532 -8.572  1.00 55.38 ? 38  C   B "O3'" 1 
ATOM   791  C "C2'" . C   B 1 15 ? 16.559  -12.304 -9.141  1.00 51.69 ? 38  C   B "C2'" 1 
ATOM   792  O "O2'" . C   B 1 15 ? 17.206  -12.472 -10.390 1.00 52.20 ? 38  C   B "O2'" 1 
ATOM   793  C "C1'" . C   B 1 15 ? 15.141  -11.793 -9.384  1.00 50.00 ? 38  C   B "C1'" 1 
ATOM   794  N N1    . C   B 1 15 ? 14.670  -11.038 -8.204  1.00 51.67 ? 38  C   B N1    1 
ATOM   795  C C2    . C   B 1 15 ? 15.100  -9.714  -8.059  1.00 46.67 ? 38  C   B C2    1 
ATOM   796  O O2    . C   B 1 15 ? 15.816  -9.241  -8.952  1.00 47.00 ? 38  C   B O2    1 
ATOM   797  N N3    . C   B 1 15 ? 14.725  -8.999  -6.967  1.00 45.09 ? 38  C   B N3    1 
ATOM   798  C C4    . C   B 1 15 ? 13.949  -9.570  -6.040  1.00 46.49 ? 38  C   B C4    1 
ATOM   799  N N4    . C   B 1 15 ? 13.587  -8.848  -4.977  1.00 39.81 ? 38  C   B N4    1 
ATOM   800  C C5    . C   B 1 15 ? 13.497  -10.920 -6.163  1.00 48.15 ? 38  C   B C5    1 
ATOM   801  C C6    . C   B 1 15 ? 13.884  -11.617 -7.245  1.00 48.88 ? 38  C   B C6    1 
ATOM   802  P P     . G   B 1 16 ? 18.384  -14.568 -7.316  1.00 55.60 ? 39  G   B P     1 
ATOM   803  O OP1   . G   B 1 16 ? 19.381  -15.657 -7.522  1.00 54.29 ? 39  G   B OP1   1 
ATOM   804  O OP2   . G   B 1 16 ? 17.541  -14.506 -6.093  1.00 54.80 ? 39  G   B OP2   1 
ATOM   805  O "O5'" . G   B 1 16 ? 19.142  -13.174 -7.397  1.00 57.90 ? 39  G   B "O5'" 1 
ATOM   806  C "C5'" . G   B 1 16 ? 19.923  -12.834 -8.531  1.00 52.11 ? 39  G   B "C5'" 1 
ATOM   807  C "C4'" . G   B 1 16 ? 20.455  -11.433 -8.408  1.00 51.23 ? 39  G   B "C4'" 1 
ATOM   808  O "O4'" . G   B 1 16 ? 19.360  -10.489 -8.316  1.00 48.73 ? 39  G   B "O4'" 1 
ATOM   809  C "C3'" . G   B 1 16 ? 21.277  -11.139 -7.168  1.00 52.03 ? 39  G   B "C3'" 1 
ATOM   810  O "O3'" . G   B 1 16 ? 22.601  -11.637 -7.258  1.00 56.03 ? 39  G   B "O3'" 1 
ATOM   811  C "C2'" . G   B 1 16 ? 21.194  -9.620  -7.091  1.00 47.93 ? 39  G   B "C2'" 1 
ATOM   812  O "O2'" . G   B 1 16 ? 22.038  -9.040  -8.076  1.00 51.81 ? 39  G   B "O2'" 1 
ATOM   813  C "C1'" . G   B 1 16 ? 19.752  -9.383  -7.529  1.00 46.81 ? 39  G   B "C1'" 1 
ATOM   814  N N9    . G   B 1 16 ? 18.817  -9.246  -6.395  1.00 46.83 ? 39  G   B N9    1 
ATOM   815  C C8    . G   B 1 16 ? 17.955  -10.200 -5.884  1.00 46.48 ? 39  G   B C8    1 
ATOM   816  N N7    . G   B 1 16 ? 17.228  -9.774  -4.883  1.00 38.74 ? 39  G   B N7    1 
ATOM   817  C C5    . G   B 1 16 ? 17.631  -8.450  -4.725  1.00 44.02 ? 39  G   B C5    1 
ATOM   818  C C6    . G   B 1 16 ? 17.199  -7.455  -3.803  1.00 40.78 ? 39  G   B C6    1 
ATOM   819  O O6    . G   B 1 16 ? 16.354  -7.531  -2.906  1.00 40.55 ? 39  G   B O6    1 
ATOM   820  N N1    . G   B 1 16 ? 17.876  -6.259  -3.988  1.00 40.00 ? 39  G   B N1    1 
ATOM   821  C C2    . G   B 1 16 ? 18.833  -6.030  -4.945  1.00 44.73 ? 39  G   B C2    1 
ATOM   822  N N2    . G   B 1 16 ? 19.349  -4.791  -4.946  1.00 44.36 ? 39  G   B N2    1 
ATOM   823  N N3    . G   B 1 16 ? 19.242  -6.937  -5.826  1.00 41.55 ? 39  G   B N3    1 
ATOM   824  C C4    . G   B 1 16 ? 18.609  -8.112  -5.652  1.00 41.81 ? 39  G   B C4    1 
ATOM   825  P P     . A   B 1 17 ? 23.373  -12.116 -5.938  1.00 50.52 ? 40  A   B P     1 
ATOM   826  O OP1   . A   B 1 17 ? 23.821  -13.517 -6.117  1.00 65.90 ? 40  A   B OP1   1 
ATOM   827  O OP2   . A   B 1 17 ? 22.546  -11.760 -4.760  1.00 55.87 ? 40  A   B OP2   1 
ATOM   828  O "O5'" . A   B 1 17 ? 24.672  -11.205 -5.925  1.00 51.55 ? 40  A   B "O5'" 1 
ATOM   829  C "C5'" . A   B 1 17 ? 24.542  -9.803  -6.035  1.00 49.52 ? 40  A   B "C5'" 1 
ATOM   830  C "C4'" . A   B 1 17 ? 25.567  -9.045  -5.234  1.00 45.84 ? 40  A   B "C4'" 1 
ATOM   831  O "O4'" . A   B 1 17 ? 25.525  -7.687  -5.727  1.00 47.48 ? 40  A   B "O4'" 1 
ATOM   832  C "C3'" . A   B 1 17 ? 25.305  -8.962  -3.727  1.00 46.07 ? 40  A   B "C3'" 1 
ATOM   833  O "O3'" . A   B 1 17 ? 26.543  -8.816  -2.998  1.00 46.53 ? 40  A   B "O3'" 1 
ATOM   834  C "C2'" . A   B 1 17 ? 24.485  -7.681  -3.610  1.00 41.31 ? 40  A   B "C2'" 1 
ATOM   835  O "O2'" . A   B 1 17 ? 24.592  -7.051  -2.354  1.00 43.83 ? 40  A   B "O2'" 1 
ATOM   836  C "C1'" . A   B 1 17 ? 25.101  -6.812  -4.707  1.00 46.57 ? 40  A   B "C1'" 1 
ATOM   837  N N9    . A   B 1 17 ? 24.200  -5.816  -5.301  1.00 45.20 ? 40  A   B N9    1 
ATOM   838  C C8    . A   B 1 17 ? 22.852  -5.611  -5.118  1.00 47.58 ? 40  A   B C8    1 
ATOM   839  N N7    . A   B 1 17 ? 22.369  -4.586  -5.798  1.00 49.02 ? 40  A   B N7    1 
ATOM   840  C C5    . A   B 1 17 ? 23.474  -4.078  -6.471  1.00 45.93 ? 40  A   B C5    1 
ATOM   841  C C6    . A   B 1 17 ? 23.648  -2.996  -7.358  1.00 47.37 ? 40  A   B C6    1 
ATOM   842  N N6    . A   B 1 17 ? 22.671  -2.183  -7.763  1.00 49.56 ? 40  A   B N6    1 
ATOM   843  N N1    . A   B 1 17 ? 24.888  -2.772  -7.843  1.00 50.06 ? 40  A   B N1    1 
ATOM   844  C C2    . A   B 1 17 ? 25.883  -3.585  -7.463  1.00 47.37 ? 40  A   B C2    1 
ATOM   845  N N3    . A   B 1 17 ? 25.846  -4.625  -6.633  1.00 45.94 ? 40  A   B N3    1 
ATOM   846  C C4    . A   B 1 17 ? 24.601  -4.825  -6.168  1.00 44.39 ? 40  A   B C4    1 
ATOM   847  P P     . A   B 1 18 ? 26.990  -9.878  -1.856  1.00 43.91 ? 41  A   B P     1 
ATOM   848  O OP1   . A   B 1 18 ? 27.999  -10.785 -2.446  1.00 43.76 ? 41  A   B OP1   1 
ATOM   849  O OP2   . A   B 1 18 ? 25.804  -10.437 -1.171  1.00 43.10 ? 41  A   B OP2   1 
ATOM   850  O "O5'" . A   B 1 18 ? 27.769  -9.014  -0.767  1.00 43.07 ? 41  A   B "O5'" 1 
ATOM   851  C "C5'" . A   B 1 18 ? 27.091  -8.129  0.124   1.00 42.64 ? 41  A   B "C5'" 1 
ATOM   852  C "C4'" . A   B 1 18 ? 27.605  -6.722  -0.038  1.00 42.98 ? 41  A   B "C4'" 1 
ATOM   853  O "O4'" . A   B 1 18 ? 27.091  -6.156  -1.256  1.00 42.25 ? 41  A   B "O4'" 1 
ATOM   854  C "C3'" . A   B 1 18 ? 27.238  -5.698  1.026   1.00 42.59 ? 41  A   B "C3'" 1 
ATOM   855  O "O3'" . A   B 1 18 ? 28.116  -5.767  2.133   1.00 43.72 ? 41  A   B "O3'" 1 
ATOM   856  C "C2'" . A   B 1 18 ? 27.395  -4.370  0.293   1.00 41.29 ? 41  A   B "C2'" 1 
ATOM   857  O "O2'" . A   B 1 18 ? 28.740  -3.931  0.401   1.00 43.07 ? 41  A   B "O2'" 1 
ATOM   858  C "C1'" . A   B 1 18 ? 27.139  -4.756  -1.170  1.00 43.50 ? 41  A   B "C1'" 1 
ATOM   859  N N9    . A   B 1 18 ? 25.929  -4.163  -1.770  1.00 39.98 ? 41  A   B N9    1 
ATOM   860  C C8    . A   B 1 18 ? 25.889  -3.583  -3.016  1.00 39.60 ? 41  A   B C8    1 
ATOM   861  N N7    . A   B 1 18 ? 24.710  -3.132  -3.360  1.00 39.19 ? 41  A   B N7    1 
ATOM   862  C C5    . A   B 1 18 ? 23.917  -3.451  -2.268  1.00 40.49 ? 41  A   B C5    1 
ATOM   863  C C6    . A   B 1 18 ? 22.556  -3.234  -2.001  1.00 41.70 ? 41  A   B C6    1 
ATOM   864  N N6    . A   B 1 18 ? 21.732  -2.635  -2.856  1.00 40.53 ? 41  A   B N6    1 
ATOM   865  N N1    . A   B 1 18 ? 22.063  -3.666  -0.816  1.00 41.66 ? 41  A   B N1    1 
ATOM   866  C C2    . A   B 1 18 ? 22.894  -4.265  0.039   1.00 39.78 ? 41  A   B C2    1 
ATOM   867  N N3    . A   B 1 18 ? 24.195  -4.521  -0.098  1.00 42.97 ? 41  A   B N3    1 
ATOM   868  C C4    . A   B 1 18 ? 24.653  -4.089  -1.281  1.00 40.89 ? 41  A   B C4    1 
ATOM   869  P P     . G   B 1 19 ? 27.622  -6.249  3.583   1.00 41.95 ? 42  G   B P     1 
ATOM   870  O OP1   . G   B 1 19 ? 28.827  -6.242  4.445   1.00 42.83 ? 42  G   B OP1   1 
ATOM   871  O OP2   . G   B 1 19 ? 26.871  -7.516  3.451   1.00 43.47 ? 42  G   B OP2   1 
ATOM   872  O "O5'" . G   B 1 19 ? 26.651  -5.090  4.068   1.00 45.88 ? 42  G   B "O5'" 1 
ATOM   873  C "C5'" . G   B 1 19 ? 27.152  -3.794  4.366   1.00 43.69 ? 42  G   B "C5'" 1 
ATOM   874  C "C4'" . G   B 1 19 ? 26.071  -2.928  4.951   1.00 44.60 ? 42  G   B "C4'" 1 
ATOM   875  O "O4'" . G   B 1 19 ? 25.049  -2.694  3.950   1.00 45.88 ? 42  G   B "O4'" 1 
ATOM   876  C "C3'" . G   B 1 19 ? 25.300  -3.530  6.115   1.00 44.31 ? 42  G   B "C3'" 1 
ATOM   877  O "O3'" . G   B 1 19 ? 25.963  -3.412  7.358   1.00 48.55 ? 42  G   B "O3'" 1 
ATOM   878  C "C2'" . G   B 1 19 ? 23.996  -2.764  6.064   1.00 45.37 ? 42  G   B "C2'" 1 
ATOM   879  O "O2'" . G   B 1 19 ? 24.198  -1.454  6.570   1.00 47.55 ? 42  G   B "O2'" 1 
ATOM   880  C "C1'" . G   B 1 19 ? 23.777  -2.679  4.560   1.00 43.77 ? 42  G   B "C1'" 1 
ATOM   881  N N9    . G   B 1 19 ? 23.006  -3.834  4.059   1.00 45.37 ? 42  G   B N9    1 
ATOM   882  C C8    . G   B 1 19 ? 23.448  -4.902  3.314   1.00 41.83 ? 42  G   B C8    1 
ATOM   883  N N7    . G   B 1 19 ? 22.498  -5.756  3.026   1.00 38.70 ? 42  G   B N7    1 
ATOM   884  C C5    . G   B 1 19 ? 21.359  -5.227  3.618   1.00 40.78 ? 42  G   B C5    1 
ATOM   885  C C6    . G   B 1 19 ? 20.017  -5.700  3.664   1.00 40.84 ? 42  G   B C6    1 
ATOM   886  O O6    . G   B 1 19 ? 19.529  -6.719  3.165   1.00 40.73 ? 42  G   B O6    1 
ATOM   887  N N1    . G   B 1 19 ? 19.187  -4.846  4.377   1.00 40.95 ? 42  G   B N1    1 
ATOM   888  C C2    . G   B 1 19 ? 19.606  -3.683  4.984   1.00 47.00 ? 42  G   B C2    1 
ATOM   889  N N2    . G   B 1 19 ? 18.667  -2.981  5.646   1.00 47.18 ? 42  G   B N2    1 
ATOM   890  N N3    . G   B 1 19 ? 20.850  -3.227  4.949   1.00 44.99 ? 42  G   B N3    1 
ATOM   891  C C4    . G   B 1 19 ? 21.664  -4.042  4.255   1.00 44.06 ? 42  G   B C4    1 
ATOM   892  P P     . U   B 1 20 ? 25.719  -4.518  8.495   1.00 48.12 ? 43  U   B P     1 
ATOM   893  O OP1   . U   B 1 20 ? 26.386  -4.083  9.745   1.00 51.28 ? 43  U   B OP1   1 
ATOM   894  O OP2   . U   B 1 20 ? 26.067  -5.853  7.947   1.00 48.86 ? 43  U   B OP2   1 
ATOM   895  O "O5'" . U   B 1 20 ? 24.146  -4.453  8.735   1.00 46.22 ? 43  U   B "O5'" 1 
ATOM   896  C "C5'" . U   B 1 20 ? 23.564  -3.336  9.383   1.00 42.93 ? 43  U   B "C5'" 1 
ATOM   897  C "C4'" . U   B 1 20 ? 22.100  -3.560  9.632   1.00 48.58 ? 43  U   B "C4'" 1 
ATOM   898  O "O4'" . U   B 1 20 ? 21.404  -3.736  8.371   1.00 45.77 ? 43  U   B "O4'" 1 
ATOM   899  C "C3'" . U   B 1 20 ? 21.754  -4.812  10.423  1.00 48.04 ? 43  U   B "C3'" 1 
ATOM   900  O "O3'" . U   B 1 20 ? 21.905  -4.630  11.819  1.00 47.86 ? 43  U   B "O3'" 1 
ATOM   901  C "C2'" . U   B 1 20 ? 20.319  -5.070  10.006  1.00 45.41 ? 43  U   B "C2'" 1 
ATOM   902  O "O2'" . U   B 1 20 ? 19.467  -4.154  10.675  1.00 50.16 ? 43  U   B "O2'" 1 
ATOM   903  C "C1'" . U   B 1 20 ? 20.363  -4.678  8.530   1.00 44.34 ? 43  U   B "C1'" 1 
ATOM   904  N N1    . U   B 1 20 ? 20.618  -5.829  7.628   1.00 42.75 ? 43  U   B N1    1 
ATOM   905  C C2    . U   B 1 20 ? 19.548  -6.631  7.285   1.00 45.30 ? 43  U   B C2    1 
ATOM   906  O O2    . U   B 1 20 ? 18.423  -6.431  7.722   1.00 43.30 ? 43  U   B O2    1 
ATOM   907  N N3    . U   B 1 20 ? 19.844  -7.671  6.421   1.00 41.05 ? 43  U   B N3    1 
ATOM   908  C C4    . U   B 1 20 ? 21.063  -7.987  5.860   1.00 42.36 ? 43  U   B C4    1 
ATOM   909  O O4    . U   B 1 20 ? 21.176  -8.960  5.096   1.00 41.58 ? 43  U   B O4    1 
ATOM   910  C C5    . U   B 1 20 ? 22.111  -7.100  6.268   1.00 44.91 ? 43  U   B C5    1 
ATOM   911  C C6    . U   B 1 20 ? 21.860  -6.084  7.102   1.00 42.93 ? 43  U   B C6    1 
ATOM   912  P P     . C   B 1 21 ? 22.678  -5.721  12.710  1.00 53.96 ? 44  C   B P     1 
ATOM   913  O OP1   . C   B 1 21 ? 23.236  -4.964  13.861  1.00 59.47 ? 44  C   B OP1   1 
ATOM   914  O OP2   . C   B 1 21 ? 23.557  -6.563  11.865  1.00 53.19 ? 44  C   B OP2   1 
ATOM   915  O "O5'" . C   B 1 21 ? 21.520  -6.690  13.222  1.00 52.36 ? 44  C   B "O5'" 1 
ATOM   916  C "C5'" . C   B 1 21 ? 20.473  -6.184  14.033  1.00 49.46 ? 44  C   B "C5'" 1 
ATOM   917  C "C4'" . C   B 1 21 ? 19.175  -6.898  13.769  1.00 54.20 ? 44  C   B "C4'" 1 
ATOM   918  O "O4'" . C   B 1 21 ? 18.852  -6.843  12.355  1.00 51.47 ? 44  C   B "O4'" 1 
ATOM   919  C "C3'" . C   B 1 21 ? 19.136  -8.381  14.087  1.00 49.19 ? 44  C   B "C3'" 1 
ATOM   920  O "O3'" . C   B 1 21 ? 18.963  -8.631  15.468  1.00 56.01 ? 44  C   B "O3'" 1 
ATOM   921  C "C2'" . C   B 1 21 ? 17.959  -8.849  13.250  1.00 48.38 ? 44  C   B "C2'" 1 
ATOM   922  O "O2'" . C   B 1 21 ? 16.745  -8.467  13.883  1.00 55.61 ? 44  C   B "O2'" 1 
ATOM   923  C "C1'" . C   B 1 21 ? 18.126  -7.997  11.990  1.00 45.04 ? 44  C   B "C1'" 1 
ATOM   924  N N1    . C   B 1 21 ? 18.863  -8.706  10.911  1.00 48.22 ? 44  C   B N1    1 
ATOM   925  C C2    . C   B 1 21 ? 18.185  -9.616  10.087  1.00 43.16 ? 44  C   B C2    1 
ATOM   926  O O2    . C   B 1 21 ? 16.983  -9.812  10.294  1.00 43.46 ? 44  C   B O2    1 
ATOM   927  N N3    . C   B 1 21 ? 18.852  -10.266 9.096   1.00 40.01 ? 44  C   B N3    1 
ATOM   928  C C4    . C   B 1 21 ? 20.160  -10.030 8.922   1.00 42.04 ? 44  C   B C4    1 
ATOM   929  N N4    . C   B 1 21 ? 20.800  -10.682 7.951   1.00 37.76 ? 44  C   B N4    1 
ATOM   930  C C5    . C   B 1 21 ? 20.881  -9.113  9.743   1.00 42.19 ? 44  C   B C5    1 
ATOM   931  C C6    . C   B 1 21 ? 20.201  -8.482  10.709  1.00 47.85 ? 44  C   B C6    1 
ATOM   932  P P     . G   B 1 22 ? 19.518  -9.983  16.138  1.00 54.23 ? 45  G   B P     1 
ATOM   933  O OP1   . G   B 1 22 ? 19.247  -9.807  17.579  1.00 64.54 ? 45  G   B OP1   1 
ATOM   934  O OP2   . G   B 1 22 ? 20.881  -10.313 15.640  1.00 54.13 ? 45  G   B OP2   1 
ATOM   935  O "O5'" . G   B 1 22 ? 18.539  -11.130 15.618  1.00 49.25 ? 45  G   B "O5'" 1 
ATOM   936  C "C5'" . G   B 1 22 ? 17.166  -11.115 15.955  1.00 44.24 ? 45  G   B "C5'" 1 
ATOM   937  C "C4'" . G   B 1 22 ? 16.394  -12.198 15.240  1.00 46.99 ? 45  G   B "C4'" 1 
ATOM   938  O "O4'" . G   B 1 22 ? 16.313  -11.930 13.815  1.00 44.79 ? 45  G   B "O4'" 1 
ATOM   939  C "C3'" . G   B 1 22 ? 16.945  -13.613 15.304  1.00 43.90 ? 45  G   B "C3'" 1 
ATOM   940  O "O3'" . G   B 1 22 ? 16.698  -14.234 16.550  1.00 43.53 ? 45  G   B "O3'" 1 
ATOM   941  C "C2'" . G   B 1 22 ? 16.210  -14.282 14.150  1.00 43.94 ? 45  G   B "C2'" 1 
ATOM   942  O "O2'" . G   B 1 22 ? 14.869  -14.559 14.530  1.00 46.98 ? 45  G   B "O2'" 1 
ATOM   943  C "C1'" . G   B 1 22 ? 16.196  -13.153 13.113  1.00 44.49 ? 45  G   B "C1'" 1 
ATOM   944  N N9    . G   B 1 22 ? 17.327  -13.270 12.174  1.00 43.86 ? 45  G   B N9    1 
ATOM   945  C C8    . G   B 1 22 ? 18.514  -12.580 12.233  1.00 43.40 ? 45  G   B C8    1 
ATOM   946  N N7    . G   B 1 22 ? 19.342  -12.918 11.280  1.00 40.81 ? 45  G   B N7    1 
ATOM   947  C C5    . G   B 1 22 ? 18.663  -13.888 10.561  1.00 38.06 ? 45  G   B C5    1 
ATOM   948  C C6    . G   B 1 22 ? 19.055  -14.601 9.408   1.00 39.21 ? 45  G   B C6    1 
ATOM   949  O O6    . G   B 1 22 ? 20.114  -14.523 8.778   1.00 46.02 ? 45  G   B O6    1 
ATOM   950  N N1    . G   B 1 22 ? 18.076  -15.485 8.978   1.00 42.43 ? 45  G   B N1    1 
ATOM   951  C C2    . G   B 1 22 ? 16.860  -15.660 9.593   1.00 43.24 ? 45  G   B C2    1 
ATOM   952  N N2    . G   B 1 22 ? 16.068  -16.568 9.007   1.00 39.42 ? 45  G   B N2    1 
ATOM   953  N N3    . G   B 1 22 ? 16.470  -14.991 10.675  1.00 41.74 ? 45  G   B N3    1 
ATOM   954  C C4    . G   B 1 22 ? 17.416  -14.123 11.099  1.00 40.50 ? 45  G   B C4    1 
ATOM   955  P P     . C   B 1 23 ? 17.618  -15.432 17.089  1.00 45.19 ? 46  C   B P     1 
ATOM   956  O OP1   . C   B 1 23 ? 17.157  -15.650 18.477  1.00 49.34 ? 46  C   B OP1   1 
ATOM   957  O OP2   . C   B 1 23 ? 19.057  -15.143 16.845  1.00 44.83 ? 46  C   B OP2   1 
ATOM   958  O "O5'" . C   B 1 23 ? 17.197  -16.694 16.212  1.00 40.83 ? 46  C   B "O5'" 1 
ATOM   959  C "C5'" . C   B 1 23 ? 15.840  -17.096 16.122  1.00 40.71 ? 46  C   B "C5'" 1 
ATOM   960  C "C4'" . C   B 1 23 ? 15.641  -18.109 15.024  1.00 41.67 ? 46  C   B "C4'" 1 
ATOM   961  O "O4'" . C   B 1 23 ? 15.889  -17.493 13.738  1.00 45.08 ? 46  C   B "O4'" 1 
ATOM   962  C "C3'" . C   B 1 23 ? 16.578  -19.304 15.054  1.00 42.41 ? 46  C   B "C3'" 1 
ATOM   963  O "O3'" . C   B 1 23 ? 16.134  -20.313 15.932  1.00 44.55 ? 46  C   B "O3'" 1 
ATOM   964  C "C2'" . C   B 1 23 ? 16.603  -19.760 13.605  1.00 44.91 ? 46  C   B "C2'" 1 
ATOM   965  O "O2'" . C   B 1 23 ? 15.467  -20.556 13.313  1.00 48.81 ? 46  C   B "O2'" 1 
ATOM   966  C "C1'" . C   B 1 23 ? 16.475  -18.433 12.859  1.00 46.39 ? 46  C   B "C1'" 1 
ATOM   967  N N1    . C   B 1 23 ? 17.787  -17.913 12.408  1.00 45.19 ? 46  C   B N1    1 
ATOM   968  C C2    . C   B 1 23 ? 18.340  -18.443 11.239  1.00 40.32 ? 46  C   B C2    1 
ATOM   969  O O2    . C   B 1 23 ? 17.711  -19.337 10.645  1.00 38.26 ? 46  C   B O2    1 
ATOM   970  N N3    . C   B 1 23 ? 19.539  -17.977 10.809  1.00 39.92 ? 46  C   B N3    1 
ATOM   971  C C4    . C   B 1 23 ? 20.161  -17.008 11.500  1.00 43.07 ? 46  C   B C4    1 
ATOM   972  N N4    . C   B 1 23 ? 21.338  -16.549 11.050  1.00 37.87 ? 46  C   B N4    1 
ATOM   973  C C5    . C   B 1 23 ? 19.605  -16.453 12.694  1.00 40.59 ? 46  C   B C5    1 
ATOM   974  C C6    . C   B 1 23 ? 18.432  -16.932 13.111  1.00 41.13 ? 46  C   B C6    1 
ATOM   975  O "O5'" . U   C 1 1  ? 2.542   12.439  -2.164  1.00 69.96 ? 1   U   C "O5'" 1 
ATOM   976  C "C5'" . U   C 1 1  ? 2.607   13.846  -2.020  1.00 61.85 ? 1   U   C "C5'" 1 
ATOM   977  C "C4'" . U   C 1 1  ? 1.920   14.551  -3.164  1.00 65.20 ? 1   U   C "C4'" 1 
ATOM   978  O "O4'" . U   C 1 1  ? 2.487   14.128  -4.433  1.00 67.30 ? 1   U   C "O4'" 1 
ATOM   979  C "C3'" . U   C 1 1  ? 0.437   14.282  -3.326  1.00 60.93 ? 1   U   C "C3'" 1 
ATOM   980  O "O3'" . U   C 1 1  ? -0.353  15.024  -2.424  1.00 60.04 ? 1   U   C "O3'" 1 
ATOM   981  C "C2'" . U   C 1 1  ? 0.199   14.647  -4.783  1.00 62.19 ? 1   U   C "C2'" 1 
ATOM   982  O "O2'" . U   C 1 1  ? 0.164   16.056  -4.943  1.00 63.36 ? 1   U   C "O2'" 1 
ATOM   983  C "C1'" . U   C 1 1  ? 1.481   14.126  -5.427  1.00 65.16 ? 1   U   C "C1'" 1 
ATOM   984  N N1    . U   C 1 1  ? 1.303   12.743  -5.912  1.00 70.84 ? 1   U   C N1    1 
ATOM   985  C C2    . U   C 1 1  ? 0.689   12.580  -7.137  1.00 67.60 ? 1   U   C C2    1 
ATOM   986  O O2    . U   C 1 1  ? 0.319   13.534  -7.801  1.00 69.07 ? 1   U   C O2    1 
ATOM   987  N N3    . U   C 1 1  ? 0.543   11.265  -7.539  1.00 65.18 ? 1   U   C N3    1 
ATOM   988  C C4    . U   C 1 1  ? 0.933   10.128  -6.840  1.00 63.77 ? 1   U   C C4    1 
ATOM   989  O O4    . U   C 1 1  ? 0.735   9.001   -7.306  1.00 62.60 ? 1   U   C O4    1 
ATOM   990  C C5    . U   C 1 1  ? 1.552   10.393  -5.577  1.00 67.71 ? 1   U   C C5    1 
ATOM   991  C C6    . U   C 1 1  ? 1.711   11.657  -5.166  1.00 70.66 ? 1   U   C C6    1 
ATOM   992  P P     . U   C 1 2  ? -1.844  14.540  -2.085  1.00 61.26 ? 2   U   C P     1 
ATOM   993  O OP1   . U   C 1 2  ? -2.389  15.495  -1.081  1.00 54.77 ? 2   U   C OP1   1 
ATOM   994  O OP2   . U   C 1 2  ? -1.807  13.065  -1.857  1.00 62.40 ? 2   U   C OP2   1 
ATOM   995  O "O5'" . U   C 1 2  ? -2.648  14.810  -3.427  1.00 57.50 ? 2   U   C "O5'" 1 
ATOM   996  C "C5'" . U   C 1 2  ? -2.907  16.136  -3.861  1.00 53.86 ? 2   U   C "C5'" 1 
ATOM   997  C "C4'" . U   C 1 2  ? -3.865  16.124  -5.015  1.00 50.37 ? 2   U   C "C4'" 1 
ATOM   998  O "O4'" . U   C 1 2  ? -3.283  15.368  -6.105  1.00 49.46 ? 2   U   C "O4'" 1 
ATOM   999  C "C3'" . U   C 1 2  ? -5.184  15.428  -4.739  1.00 47.70 ? 2   U   C "C3'" 1 
ATOM   1000 O "O3'" . U   C 1 2  ? -6.119  16.298  -4.136  1.00 52.55 ? 2   U   C "O3'" 1 
ATOM   1001 C "C2'" . U   C 1 2  ? -5.613  14.967  -6.120  1.00 53.81 ? 2   U   C "C2'" 1 
ATOM   1002 O "O2'" . U   C 1 2  ? -6.155  16.056  -6.858  1.00 54.15 ? 2   U   C "O2'" 1 
ATOM   1003 C "C1'" . U   C 1 2  ? -4.273  14.600  -6.744  1.00 49.75 ? 2   U   C "C1'" 1 
ATOM   1004 N N1    . U   C 1 2  ? -3.930  13.164  -6.600  1.00 52.75 ? 2   U   C N1    1 
ATOM   1005 C C2    . U   C 1 2  ? -4.670  12.242  -7.326  1.00 47.17 ? 2   U   C C2    1 
ATOM   1006 O O2    . U   C 1 2  ? -5.606  12.556  -8.035  1.00 47.12 ? 2   U   C O2    1 
ATOM   1007 N N3    . U   C 1 2  ? -4.285  10.933  -7.187  1.00 45.01 ? 2   U   C N3    1 
ATOM   1008 C C4    . U   C 1 2  ? -3.248  10.451  -6.414  1.00 49.86 ? 2   U   C C4    1 
ATOM   1009 O O4    . U   C 1 2  ? -3.034  9.239   -6.393  1.00 44.95 ? 2   U   C O4    1 
ATOM   1010 C C5    . U   C 1 2  ? -2.514  11.462  -5.705  1.00 54.73 ? 2   U   C C5    1 
ATOM   1011 C C6    . U   C 1 2  ? -2.868  12.750  -5.819  1.00 53.64 ? 2   U   C C6    1 
ATOM   1012 P P     . G   C 1 3  ? -7.324  15.715  -3.253  1.00 52.77 ? 3   G   C P     1 
ATOM   1013 O OP1   . G   C 1 3  ? -7.988  16.899  -2.657  1.00 56.58 ? 3   G   C OP1   1 
ATOM   1014 O OP2   . G   C 1 3  ? -6.780  14.617  -2.401  1.00 49.32 ? 3   G   C OP2   1 
ATOM   1015 O "O5'" . G   C 1 3  ? -8.357  15.141  -4.321  1.00 51.18 ? 3   G   C "O5'" 1 
ATOM   1016 C "C5'" . G   C 1 3  ? -8.954  16.006  -5.271  1.00 51.28 ? 3   G   C "C5'" 1 
ATOM   1017 C "C4'" . G   C 1 3  ? -9.885  15.262  -6.191  1.00 51.49 ? 3   G   C "C4'" 1 
ATOM   1018 O "O4'" . G   C 1 3  ? -9.137  14.349  -7.030  1.00 51.16 ? 3   G   C "O4'" 1 
ATOM   1019 C "C3'" . G   C 1 3  ? -10.906 14.377  -5.507  1.00 53.45 ? 3   G   C "C3'" 1 
ATOM   1020 O "O3'" . G   C 1 3  ? -12.018 15.097  -5.026  1.00 52.37 ? 3   G   C "O3'" 1 
ATOM   1021 C "C2'" . G   C 1 3  ? -11.251 13.371  -6.591  1.00 54.19 ? 3   G   C "C2'" 1 
ATOM   1022 O "O2'" . G   C 1 3  ? -12.100 13.975  -7.555  1.00 54.41 ? 3   G   C "O2'" 1 
ATOM   1023 C "C1'" . G   C 1 3  ? -9.887  13.171  -7.244  1.00 53.25 ? 3   G   C "C1'" 1 
ATOM   1024 N N9    . G   C 1 3  ? -9.123  12.033  -6.690  1.00 47.43 ? 3   G   C N9    1 
ATOM   1025 C C8    . G   C 1 3  ? -8.100  12.113  -5.773  1.00 47.19 ? 3   G   C C8    1 
ATOM   1026 N N7    . G   C 1 3  ? -7.567  10.951  -5.496  1.00 46.73 ? 3   G   C N7    1 
ATOM   1027 C C5    . G   C 1 3  ? -8.270  10.045  -6.286  1.00 43.33 ? 3   G   C C5    1 
ATOM   1028 C C6    . G   C 1 3  ? -8.146  8.636   -6.420  1.00 41.64 ? 3   G   C C6    1 
ATOM   1029 O O6    . G   C 1 3  ? -7.357  7.878   -5.849  1.00 40.77 ? 3   G   C O6    1 
ATOM   1030 N N1    . G   C 1 3  ? -9.058  8.111   -7.329  1.00 41.13 ? 3   G   C N1    1 
ATOM   1031 C C2    . G   C 1 3  ? -9.980  8.852   -8.020  1.00 43.53 ? 3   G   C C2    1 
ATOM   1032 N N2    . G   C 1 3  ? -10.777 8.184   -8.860  1.00 42.26 ? 3   G   C N2    1 
ATOM   1033 N N3    . G   C 1 3  ? -10.109 10.163  -7.912  1.00 48.11 ? 3   G   C N3    1 
ATOM   1034 C C4    . G   C 1 3  ? -9.233  10.699  -7.032  1.00 47.65 ? 3   G   C C4    1 
ATOM   1035 P P     . C   C 1 4  ? -12.617 14.726  -3.591  1.00 59.77 ? 4   C   C P     1 
ATOM   1036 O OP1   . C   C 1 4  ? -13.369 15.914  -3.115  1.00 68.21 ? 4   C   C OP1   1 
ATOM   1037 O OP2   . C   C 1 4  ? -11.537 14.159  -2.740  1.00 58.14 ? 4   C   C OP2   1 
ATOM   1038 O "O5'" . C   C 1 4  ? -13.618 13.529  -3.912  1.00 61.72 ? 4   C   C "O5'" 1 
ATOM   1039 C "C5'" . C   C 1 4  ? -14.602 13.664  -4.926  1.00 55.85 ? 4   C   C "C5'" 1 
ATOM   1040 C "C4'" . C   C 1 4  ? -15.061 12.321  -5.442  1.00 57.04 ? 4   C   C "C4'" 1 
ATOM   1041 O "O4'" . C   C 1 4  ? -13.983 11.685  -6.181  1.00 56.04 ? 4   C   C "O4'" 1 
ATOM   1042 C "C3'" . C   C 1 4  ? -15.440 11.282  -4.396  1.00 61.45 ? 4   C   C "C3'" 1 
ATOM   1043 O "O3'" . C   C 1 4  ? -16.724 11.459  -3.826  1.00 64.65 ? 4   C   C "O3'" 1 
ATOM   1044 C "C2'" . C   C 1 4  ? -15.291 9.983   -5.169  1.00 62.24 ? 4   C   C "C2'" 1 
ATOM   1045 O "O2'" . C   C 1 4  ? -16.390 9.795   -6.054  1.00 65.18 ? 4   C   C "O2'" 1 
ATOM   1046 C "C1'" . C   C 1 4  ? -14.040 10.284  -5.996  1.00 58.49 ? 4   C   C "C1'" 1 
ATOM   1047 N N1    . C   C 1 4  ? -12.815 9.843   -5.287  1.00 55.03 ? 4   C   C N1    1 
ATOM   1048 C C2    . C   C 1 4  ? -12.453 8.504   -5.423  1.00 48.53 ? 4   C   C C2    1 
ATOM   1049 O O2    . C   C 1 4  ? -13.162 7.782   -6.129  1.00 51.56 ? 4   C   C O2    1 
ATOM   1050 N N3    . C   C 1 4  ? -11.358 8.035   -4.797  1.00 46.38 ? 4   C   C N3    1 
ATOM   1051 C C4    . C   C 1 4  ? -10.633 8.860   -4.039  1.00 48.22 ? 4   C   C C4    1 
ATOM   1052 N N4    . C   C 1 4  ? -9.553  8.360   -3.434  1.00 43.35 ? 4   C   C N4    1 
ATOM   1053 C C5    . C   C 1 4  ? -10.978 10.236  -3.873  1.00 49.45 ? 4   C   C C5    1 
ATOM   1054 C C6    . C   C 1 4  ? -12.070 10.686  -4.502  1.00 52.10 ? 4   C   C C6    1 
ATOM   1055 P P     . G   C 1 5  ? -16.969 11.075  -2.282  1.00 71.48 ? 5   G   C P     1 
ATOM   1056 O OP1   . G   C 1 5  ? -18.361 11.496  -1.988  1.00 76.10 ? 5   G   C OP1   1 
ATOM   1057 O OP2   . G   C 1 5  ? -15.849 11.575  -1.442  1.00 62.71 ? 5   G   C OP2   1 
ATOM   1058 O "O5'" . G   C 1 5  ? -16.894 9.483   -2.246  1.00 61.14 ? 5   G   C "O5'" 1 
ATOM   1059 C "C5'" . G   C 1 5  ? -17.930 8.701   -2.817  1.00 64.91 ? 5   G   C "C5'" 1 
ATOM   1060 C "C4'" . G   C 1 5  ? -17.473 7.298   -3.127  1.00 63.44 ? 5   G   C "C4'" 1 
ATOM   1061 O "O4'" . G   C 1 5  ? -16.215 7.333   -3.852  1.00 64.18 ? 5   G   C "O4'" 1 
ATOM   1062 C "C3'" . G   C 1 5  ? -17.165 6.397   -1.942  1.00 61.53 ? 5   G   C "C3'" 1 
ATOM   1063 O "O3'" . G   C 1 5  ? -18.314 5.881   -1.294  1.00 69.02 ? 5   G   C "O3'" 1 
ATOM   1064 C "C2'" . G   C 1 5  ? -16.288 5.335   -2.586  1.00 59.26 ? 5   G   C "C2'" 1 
ATOM   1065 O "O2'" . G   C 1 5  ? -17.058 4.454   -3.390  1.00 58.78 ? 5   G   C "O2'" 1 
ATOM   1066 C "C1'" . G   C 1 5  ? -15.438 6.199   -3.512  1.00 58.46 ? 5   G   C "C1'" 1 
ATOM   1067 N N9    . G   C 1 5  ? -14.224 6.633   -2.799  1.00 54.69 ? 5   G   C N9    1 
ATOM   1068 C C8    . G   C 1 5  ? -13.883 7.867   -2.286  1.00 54.74 ? 5   G   C C8    1 
ATOM   1069 N N7    . G   C 1 5  ? -12.726 7.852   -1.672  1.00 50.71 ? 5   G   C N7    1 
ATOM   1070 C C5    . G   C 1 5  ? -12.301 6.534   -1.769  1.00 49.69 ? 5   G   C C5    1 
ATOM   1071 C C6    . G   C 1 5  ? -11.125 5.898   -1.296  1.00 49.67 ? 5   G   C C6    1 
ATOM   1072 O O6    . G   C 1 5  ? -10.188 6.403   -0.664  1.00 48.04 ? 5   G   C O6    1 
ATOM   1073 N N1    . G   C 1 5  ? -11.104 4.541   -1.627  1.00 47.61 ? 5   G   C N1    1 
ATOM   1074 C C2    . G   C 1 5  ? -12.084 3.875   -2.324  1.00 45.80 ? 5   G   C C2    1 
ATOM   1075 N N2    . G   C 1 5  ? -11.894 2.566   -2.545  1.00 43.41 ? 5   G   C N2    1 
ATOM   1076 N N3    . G   C 1 5  ? -13.181 4.459   -2.771  1.00 48.71 ? 5   G   C N3    1 
ATOM   1077 C C4    . G   C 1 5  ? -13.220 5.771   -2.455  1.00 50.64 ? 5   G   C C4    1 
ATOM   1078 P P     . U   C 1 6  ? -18.367 5.781   0.314   1.00 67.83 ? 6   U   C P     1 
ATOM   1079 O OP1   . U   C 1 6  ? -19.775 5.495   0.679   1.00 76.97 ? 6   U   C OP1   1 
ATOM   1080 O OP2   . U   C 1 6  ? -17.720 6.991   0.881   1.00 71.91 ? 6   U   C OP2   1 
ATOM   1081 O "O5'" . U   C 1 6  ? -17.455 4.518   0.678   1.00 65.10 ? 6   U   C "O5'" 1 
ATOM   1082 C "C5'" . U   C 1 6  ? -17.591 3.285   -0.015  1.00 62.16 ? 6   U   C "C5'" 1 
ATOM   1083 C "C4'" . U   C 1 6  ? -16.422 2.372   0.250   1.00 60.91 ? 6   U   C "C4'" 1 
ATOM   1084 O "O4'" . U   C 1 6  ? -15.219 2.910   -0.359  1.00 59.88 ? 6   U   C "O4'" 1 
ATOM   1085 C "C3'" . U   C 1 6  ? -16.042 2.201   1.707   1.00 58.40 ? 6   U   C "C3'" 1 
ATOM   1086 O "O3'" . U   C 1 6  ? -16.862 1.279   2.386   1.00 70.62 ? 6   U   C "O3'" 1 
ATOM   1087 C "C2'" . U   C 1 6  ? -14.589 1.769   1.627   1.00 57.14 ? 6   U   C "C2'" 1 
ATOM   1088 O "O2'" . U   C 1 6  ? -14.489 0.399   1.278   1.00 60.25 ? 6   U   C "O2'" 1 
ATOM   1089 C "C1'" . U   C 1 6  ? -14.098 2.610   0.451   1.00 56.96 ? 6   U   C "C1'" 1 
ATOM   1090 N N1    . U   C 1 6  ? -13.501 3.879   0.921   1.00 52.91 ? 6   U   C N1    1 
ATOM   1091 C C2    . U   C 1 6  ? -12.243 3.796   1.477   1.00 51.38 ? 6   U   C C2    1 
ATOM   1092 O O2    . U   C 1 6  ? -11.638 2.742   1.572   1.00 52.51 ? 6   U   C O2    1 
ATOM   1093 N N3    . U   C 1 6  ? -11.720 4.990   1.906   1.00 50.66 ? 6   U   C N3    1 
ATOM   1094 C C4    . U   C 1 6  ? -12.329 6.228   1.850   1.00 49.60 ? 6   U   C C4    1 
ATOM   1095 O O4    . U   C 1 6  ? -11.727 7.211   2.282   1.00 43.90 ? 6   U   C O4    1 
ATOM   1096 C C5    . U   C 1 6  ? -13.639 6.226   1.271   1.00 50.40 ? 6   U   C C5    1 
ATOM   1097 C C6    . U   C 1 6  ? -14.169 5.078   0.835   1.00 52.27 ? 6   U   C C6    1 
ATOM   1098 P P     . C   C 1 7  ? -17.230 1.550   3.923   1.00 73.04 ? 7   C   C P     1 
ATOM   1099 O OP1   . C   C 1 7  ? -18.470 0.772   4.191   1.00 74.23 ? 7   C   C OP1   1 
ATOM   1100 O OP2   . C   C 1 7  ? -17.219 3.025   4.126   1.00 66.04 ? 7   C   C OP2   1 
ATOM   1101 O "O5'" . C   C 1 7  ? -15.995 0.948   4.742   1.00 59.05 ? 7   C   C "O5'" 1 
ATOM   1102 C "C5'" . C   C 1 7  ? -15.726 -0.446  4.752   1.00 54.34 ? 7   C   C "C5'" 1 
ATOM   1103 C "C4'" . C   C 1 7  ? -14.297 -0.739  5.142   1.00 58.76 ? 7   C   C "C4'" 1 
ATOM   1104 O "O4'" . C   C 1 7  ? -13.381 -0.002  4.283   1.00 62.19 ? 7   C   C "O4'" 1 
ATOM   1105 C "C3'" . C   C 1 7  ? -13.869 -0.342  6.548   1.00 57.85 ? 7   C   C "C3'" 1 
ATOM   1106 O "O3'" . C   C 1 7  ? -14.282 -1.269  7.539   1.00 69.41 ? 7   C   C "O3'" 1 
ATOM   1107 C "C2'" . C   C 1 7  ? -12.358 -0.269  6.408   1.00 58.96 ? 7   C   C "C2'" 1 
ATOM   1108 O "O2'" . C   C 1 7  ? -11.801 -1.573  6.370   1.00 58.02 ? 7   C   C "O2'" 1 
ATOM   1109 C "C1'" . C   C 1 7  ? -12.218 0.343   5.013   1.00 59.15 ? 7   C   C "C1'" 1 
ATOM   1110 N N1    . C   C 1 7  ? -12.096 1.825   5.083   1.00 56.32 ? 7   C   C N1    1 
ATOM   1111 C C2    . C   C 1 7  ? -10.877 2.378   5.515   1.00 53.67 ? 7   C   C C2    1 
ATOM   1112 O O2    . C   C 1 7  ? -9.933  1.618   5.811   1.00 51.09 ? 7   C   C O2    1 
ATOM   1113 N N3    . C   C 1 7  ? -10.753 3.730   5.597   1.00 50.70 ? 7   C   C N3    1 
ATOM   1114 C C4    . C   C 1 7  ? -11.790 4.515   5.276   1.00 52.57 ? 7   C   C C4    1 
ATOM   1115 N N4    . C   C 1 7  ? -11.631 5.836   5.368   1.00 50.18 ? 7   C   C N4    1 
ATOM   1116 C C5    . C   C 1 7  ? -13.042 3.988   4.841   1.00 51.69 ? 7   C   C C5    1 
ATOM   1117 C C6    . C   C 1 7  ? -13.147 2.652   4.763   1.00 56.78 ? 7   C   C C6    1 
HETATM 1118 P P     . 1MA C 1 8  ? -14.784 -0.785  8.995   1.00 64.38 ? 8   1MA C P     1 
HETATM 1119 O OP1   . 1MA C 1 8  ? -15.546 -1.974  9.562   1.00 66.65 ? 8   1MA C OP1   1 
HETATM 1120 O OP2   . 1MA C 1 8  ? -15.497 0.566   8.893   1.00 62.79 ? 8   1MA C OP2   1 
HETATM 1121 O "O5'" . 1MA C 1 8  ? -13.446 -0.588  9.834   1.00 53.27 ? 8   1MA C "O5'" 1 
HETATM 1122 C "C5'" . 1MA C 1 8  ? -12.486 -1.626  9.897   1.00 59.04 ? 8   1MA C "C5'" 1 
HETATM 1123 C "C4'" . 1MA C 1 8  ? -11.131 -1.071  10.221  1.00 57.54 ? 8   1MA C "C4'" 1 
HETATM 1124 O "O4'" . 1MA C 1 8  ? -10.679 -0.234  9.129   1.00 56.50 ? 8   1MA C "O4'" 1 
HETATM 1125 C "C3'" . 1MA C 1 8  ? -11.095 -0.147  11.420  1.00 61.02 ? 8   1MA C "C3'" 1 
HETATM 1126 O "O3'" . 1MA C 1 8  ? -11.073 -0.837  12.653  1.00 61.59 ? 8   1MA C "O3'" 1 
HETATM 1127 C "C2'" . 1MA C 1 8  ? -9.857  0.695   11.149  1.00 58.60 ? 8   1MA C "C2'" 1 
HETATM 1128 O "O2'" . 1MA C 1 8  ? -8.676  -0.039  11.437  1.00 60.62 ? 8   1MA C "O2'" 1 
HETATM 1129 C "C1'" . 1MA C 1 8  ? -9.963  0.876   9.636   1.00 55.48 ? 8   1MA C "C1'" 1 
HETATM 1130 N N9    . 1MA C 1 8  ? -10.718 2.095   9.278   1.00 59.06 ? 8   1MA C N9    1 
HETATM 1131 C C8    . 1MA C 1 8  ? -11.956 2.424   8.822   1.00 59.62 ? 8   1MA C C8    1 
HETATM 1132 N N7    . 1MA C 1 8  ? -12.018 3.783   8.695   1.00 52.39 ? 8   1MA C N7    1 
HETATM 1133 C C5    . 1MA C 1 8  ? -10.816 4.283   9.075   1.00 51.41 ? 8   1MA C C5    1 
HETATM 1134 C C6    . 1MA C 1 8  ? -10.313 5.710   9.133   1.00 51.72 ? 8   1MA C C6    1 
HETATM 1135 N N6    . 1MA C 1 8  ? -11.141 6.723   8.767   1.00 51.17 ? 8   1MA C N6    1 
HETATM 1136 N N1    . 1MA C 1 8  ? -8.991  5.968   9.572   1.00 53.91 ? 8   1MA C N1    1 
HETATM 1137 C CM1   . 1MA C 1 8  ? -8.509  7.323   9.634   1.00 53.71 ? 8   1MA C CM1   1 
HETATM 1138 C C2    . 1MA C 1 8  ? -8.141  4.891   9.953   1.00 53.56 ? 8   1MA C C2    1 
HETATM 1139 N N3    . 1MA C 1 8  ? -8.627  3.521   9.893   1.00 51.20 ? 8   1MA C N3    1 
HETATM 1140 C C4    . 1MA C 1 8  ? -10.000 3.247   9.437   1.00 51.68 ? 8   1MA C C4    1 
ATOM   1141 P P     . C   C 1 9  ? -11.877 -0.235  13.902  1.00 61.81 ? 9   C   C P     1 
ATOM   1142 O OP1   . C   C 1 9  ? -12.037 -1.330  14.887  1.00 70.71 ? 9   C   C OP1   1 
ATOM   1143 O OP2   . C   C 1 9  ? -13.076 0.484   13.403  1.00 52.29 ? 9   C   C OP2   1 
ATOM   1144 O "O5'" . C   C 1 9  ? -10.859 0.813   14.530  1.00 57.30 ? 9   C   C "O5'" 1 
ATOM   1145 C "C5'" . C   C 1 9  ? -9.558  0.409   14.924  1.00 52.77 ? 9   C   C "C5'" 1 
ATOM   1146 C "C4'" . C   C 1 9  ? -8.680  1.603   15.177  1.00 59.66 ? 9   C   C "C4'" 1 
ATOM   1147 O "O4'" . C   C 1 9  ? -8.460  2.324   13.935  1.00 57.02 ? 9   C   C "O4'" 1 
ATOM   1148 C "C3'" . C   C 1 9  ? -9.250  2.661   16.107  1.00 56.97 ? 9   C   C "C3'" 1 
ATOM   1149 O "O3'" . C   C 1 9  ? -9.150  2.335   17.478  1.00 60.36 ? 9   C   C "O3'" 1 
ATOM   1150 C "C2'" . C   C 1 9  ? -8.459  3.897   15.716  1.00 57.29 ? 9   C   C "C2'" 1 
ATOM   1151 O "O2'" . C   C 1 9  ? -7.157  3.854   16.280  1.00 60.60 ? 9   C   C "O2'" 1 
ATOM   1152 C "C1'" . C   C 1 9  ? -8.356  3.710   14.201  1.00 56.11 ? 9   C   C "C1'" 1 
ATOM   1153 N N1    . C   C 1 9  ? -9.460  4.414   13.509  1.00 56.51 ? 9   C   C N1    1 
ATOM   1154 C C2    . C   C 1 9  ? -9.348  5.791   13.259  1.00 52.98 ? 9   C   C C2    1 
ATOM   1155 O O2    . C   C 1 9  ? -8.316  6.401   13.601  1.00 50.39 ? 9   C   C O2    1 
ATOM   1156 N N3    . C   C 1 9  ? -10.371 6.427   12.637  1.00 49.30 ? 9   C   C N3    1 
ATOM   1157 C C4    . C   C 1 9  ? -11.467 5.758   12.279  1.00 50.38 ? 9   C   C C4    1 
ATOM   1158 N N4    . C   C 1 9  ? -12.456 6.427   11.674  1.00 45.97 ? 9   C   C N4    1 
ATOM   1159 C C5    . C   C 1 9  ? -11.607 4.363   12.535  1.00 55.49 ? 9   C   C C5    1 
ATOM   1160 C C6    . C   C 1 9  ? -10.590 3.739   13.143  1.00 57.40 ? 9   C   C C6    1 
ATOM   1161 P P     . G   C 1 10 ? -10.290 2.835   18.503  1.00 61.26 ? 10  G   C P     1 
ATOM   1162 O OP1   . G   C 1 10 ? -10.047 2.136   19.791  1.00 75.54 ? 10  G   C OP1   1 
ATOM   1163 O OP2   . G   C 1 10 ? -11.627 2.687   17.874  1.00 56.47 ? 10  G   C OP2   1 
ATOM   1164 O "O5'" . G   C 1 10 ? -9.983  4.391   18.688  1.00 61.84 ? 10  G   C "O5'" 1 
ATOM   1165 C "C5'" . G   C 1 10 ? -8.695  4.839   19.098  1.00 62.35 ? 10  G   C "C5'" 1 
ATOM   1166 C "C4'" . G   C 1 10 ? -8.590  6.349   19.099  1.00 63.19 ? 10  G   C "C4'" 1 
ATOM   1167 O "O4'" . G   C 1 10 ? -8.430  6.849   17.742  1.00 58.25 ? 10  G   C "O4'" 1 
ATOM   1168 C "C3'" . G   C 1 10 ? -9.790  7.117   19.638  1.00 57.58 ? 10  G   C "C3'" 1 
ATOM   1169 O "O3'" . G   C 1 10 ? -9.822  7.158   21.056  1.00 63.84 ? 10  G   C "O3'" 1 
ATOM   1170 C "C2'" . G   C 1 10 ? -9.623  8.484   18.986  1.00 53.38 ? 10  G   C "C2'" 1 
ATOM   1171 O "O2'" . G   C 1 10 ? -8.628  9.241   19.655  1.00 55.89 ? 10  G   C "O2'" 1 
ATOM   1172 C "C1'" . G   C 1 10 ? -9.085  8.093   17.609  1.00 56.15 ? 10  G   C "C1'" 1 
ATOM   1173 N N9    . G   C 1 10 ? -10.183 7.923   16.648  1.00 53.89 ? 10  G   C N9    1 
ATOM   1174 C C8    . G   C 1 10 ? -10.727 6.734   16.228  1.00 54.05 ? 10  G   C C8    1 
ATOM   1175 N N7    . G   C 1 10 ? -11.709 6.902   15.382  1.00 53.25 ? 10  G   C N7    1 
ATOM   1176 C C5    . G   C 1 10 ? -11.811 8.278   15.242  1.00 49.21 ? 10  G   C C5    1 
ATOM   1177 C C6    . G   C 1 10 ? -12.694 9.046   14.455  1.00 47.94 ? 10  G   C C6    1 
ATOM   1178 O O6    . G   C 1 10 ? -13.587 8.640   13.708  1.00 49.23 ? 10  G   C O6    1 
ATOM   1179 N N1    . G   C 1 10 ? -12.462 10.407  14.608  1.00 45.47 ? 10  G   C N1    1 
ATOM   1180 C C2    . G   C 1 10 ? -11.497 10.956  15.420  1.00 48.63 ? 10  G   C C2    1 
ATOM   1181 N N2    . G   C 1 10 ? -11.418 12.303  15.435  1.00 50.77 ? 10  G   C N2    1 
ATOM   1182 N N3    . G   C 1 10 ? -10.663 10.243  16.160  1.00 48.60 ? 10  G   C N3    1 
ATOM   1183 C C4    . G   C 1 10 ? -10.878 8.924   16.019  1.00 49.87 ? 10  G   C C4    1 
ATOM   1184 P P     . U   C 1 11 ? -11.213 7.324   21.857  1.00 66.06 ? 11  U   C P     1 
ATOM   1185 O OP1   . U   C 1 11 ? -10.877 7.177   23.294  1.00 68.65 ? 11  U   C OP1   1 
ATOM   1186 O OP2   . U   C 1 11 ? -12.273 6.473   21.256  1.00 59.20 ? 11  U   C OP2   1 
ATOM   1187 O "O5'" . U   C 1 11 ? -11.611 8.847   21.643  1.00 59.48 ? 11  U   C "O5'" 1 
ATOM   1188 C "C5'" . U   C 1 11 ? -10.780 9.880   22.131  1.00 56.19 ? 11  U   C "C5'" 1 
ATOM   1189 C "C4'" . U   C 1 11 ? -11.247 11.215  21.637  1.00 56.78 ? 11  U   C "C4'" 1 
ATOM   1190 O "O4'" . U   C 1 11 ? -11.155 11.269  20.190  1.00 61.07 ? 11  U   C "O4'" 1 
ATOM   1191 C "C3'" . U   C 1 11 ? -12.697 11.543  21.905  1.00 59.46 ? 11  U   C "C3'" 1 
ATOM   1192 O "O3'" . U   C 1 11 ? -12.946 11.927  23.242  1.00 63.62 ? 11  U   C "O3'" 1 
ATOM   1193 C "C2'" . U   C 1 11 ? -12.974 12.626  20.876  1.00 57.82 ? 11  U   C "C2'" 1 
ATOM   1194 O "O2'" . U   C 1 11 ? -12.380 13.850  21.269  1.00 55.83 ? 11  U   C "O2'" 1 
ATOM   1195 C "C1'" . U   C 1 11 ? -12.185 12.094  19.681  1.00 56.52 ? 11  U   C "C1'" 1 
ATOM   1196 N N1    . U   C 1 11 ? -13.028 11.301  18.754  1.00 56.56 ? 11  U   C N1    1 
ATOM   1197 C C2    . U   C 1 11 ? -13.900 12.001  17.921  1.00 54.77 ? 11  U   C C2    1 
ATOM   1198 O O2    . U   C 1 11 ? -14.000 13.219  17.932  1.00 51.51 ? 11  U   C O2    1 
ATOM   1199 N N3    . U   C 1 11 ? -14.659 11.220  17.069  1.00 52.63 ? 11  U   C N3    1 
ATOM   1200 C C4    . U   C 1 11 ? -14.635 9.834   16.967  1.00 51.64 ? 11  U   C C4    1 
ATOM   1201 O O4    . U   C 1 11 ? -15.379 9.277   16.147  1.00 50.53 ? 11  U   C O4    1 
ATOM   1202 C C5    . U   C 1 11 ? -13.715 9.183   17.862  1.00 48.97 ? 11  U   C C5    1 
ATOM   1203 C C6    . U   C 1 11 ? -12.963 9.919   18.701  1.00 53.83 ? 11  U   C C6    1 
ATOM   1204 P P     . C   C 1 12 ? -14.259 11.376  23.986  1.00 64.29 ? 12  C   C P     1 
ATOM   1205 O OP1   . C   C 1 12 ? -14.035 11.568  25.433  1.00 73.09 ? 12  C   C OP1   1 
ATOM   1206 O OP2   . C   C 1 12 ? -14.579 10.013  23.480  1.00 67.24 ? 12  C   C OP2   1 
ATOM   1207 O "O5'" . C   C 1 12 ? -15.407 12.377  23.517  1.00 60.00 ? 12  C   C "O5'" 1 
ATOM   1208 C "C5'" . C   C 1 12 ? -15.205 13.776  23.620  1.00 59.74 ? 12  C   C "C5'" 1 
ATOM   1209 C "C4'" . C   C 1 12 ? -16.195 14.544  22.794  1.00 56.38 ? 12  C   C "C4'" 1 
ATOM   1210 O "O4'" . C   C 1 12 ? -15.910 14.372  21.383  1.00 59.64 ? 12  C   C "O4'" 1 
ATOM   1211 C "C3'" . C   C 1 12 ? -17.636 14.104  22.928  1.00 60.28 ? 12  C   C "C3'" 1 
ATOM   1212 O "O3'" . C   C 1 12 ? -18.248 14.588  24.109  1.00 66.22 ? 12  C   C "O3'" 1 
ATOM   1213 C "C2'" . C   C 1 12 ? -18.257 14.627  21.639  1.00 58.26 ? 12  C   C "C2'" 1 
ATOM   1214 O "O2'" . C   C 1 12 ? -18.498 16.021  21.732  1.00 57.48 ? 12  C   C "O2'" 1 
ATOM   1215 C "C1'" . C   C 1 12 ? -17.115 14.394  20.643  1.00 59.07 ? 12  C   C "C1'" 1 
ATOM   1216 N N1    . C   C 1 12 ? -17.268 13.097  19.936  1.00 55.53 ? 12  C   C N1    1 
ATOM   1217 C C2    . C   C 1 12 ? -18.109 13.036  18.816  1.00 51.31 ? 12  C   C C2    1 
ATOM   1218 O O2    . C   C 1 12 ? -18.684 14.071  18.449  1.00 51.46 ? 12  C   C O2    1 
ATOM   1219 N N3    . C   C 1 12 ? -18.284 11.861  18.164  1.00 47.69 ? 12  C   C N3    1 
ATOM   1220 C C4    . C   C 1 12 ? -17.652 10.772  18.609  1.00 50.57 ? 12  C   C C4    1 
ATOM   1221 N N4    . C   C 1 12 ? -17.841 9.628   17.951  1.00 50.52 ? 12  C   C N4    1 
ATOM   1222 C C5    . C   C 1 12 ? -16.784 10.799  19.743  1.00 52.51 ? 12  C   C C5    1 
ATOM   1223 C C6    . C   C 1 12 ? -16.626 11.969  20.378  1.00 53.59 ? 12  C   C C6    1 
ATOM   1224 P P     . G   C 1 13 ? -19.412 13.733  24.813  1.00 74.35 ? 13  G   C P     1 
ATOM   1225 O OP1   . G   C 1 13 ? -19.702 14.378  26.123  1.00 74.93 ? 13  G   C OP1   1 
ATOM   1226 O OP2   . G   C 1 13 ? -19.044 12.293  24.770  1.00 62.77 ? 13  G   C OP2   1 
ATOM   1227 O "O5'" . G   C 1 13 ? -20.667 13.948  23.849  1.00 68.13 ? 13  G   C "O5'" 1 
ATOM   1228 C "C5'" . G   C 1 13 ? -21.131 15.260  23.567  1.00 64.01 ? 13  G   C "C5'" 1 
ATOM   1229 C "C4'" . G   C 1 13 ? -22.126 15.291  22.431  1.00 62.40 ? 13  G   C "C4'" 1 
ATOM   1230 O "O4'" . G   C 1 13 ? -21.491 14.935  21.174  1.00 65.08 ? 13  G   C "O4'" 1 
ATOM   1231 C "C3'" . G   C 1 13 ? -23.301 14.332  22.512  1.00 62.54 ? 13  G   C "C3'" 1 
ATOM   1232 O "O3'" . G   C 1 13 ? -24.297 14.734  23.435  1.00 61.68 ? 13  G   C "O3'" 1 
ATOM   1233 C "C2'" . G   C 1 13 ? -23.782 14.300  21.067  1.00 59.81 ? 13  G   C "C2'" 1 
ATOM   1234 O "O2'" . G   C 1 13 ? -24.514 15.480  20.754  1.00 58.48 ? 13  G   C "O2'" 1 
ATOM   1235 C "C1'" . G   C 1 13 ? -22.449 14.338  20.314  1.00 58.38 ? 13  G   C "C1'" 1 
ATOM   1236 N N9    . G   C 1 13 ? -21.996 12.980  19.951  1.00 50.93 ? 13  G   C N9    1 
ATOM   1237 C C8    . G   C 1 13 ? -21.069 12.214  20.608  1.00 51.01 ? 13  G   C C8    1 
ATOM   1238 N N7    . G   C 1 13 ? -20.893 11.049  20.046  1.00 47.18 ? 13  G   C N7    1 
ATOM   1239 C C5    . G   C 1 13 ? -21.757 11.043  18.961  1.00 45.51 ? 13  G   C C5    1 
ATOM   1240 C C6    . G   C 1 13 ? -22.005 10.040  17.982  1.00 44.97 ? 13  G   C C6    1 
ATOM   1241 O O6    . G   C 1 13 ? -21.497 8.923   17.874  1.00 45.12 ? 13  G   C O6    1 
ATOM   1242 N N1    . G   C 1 13 ? -22.954 10.436  17.048  1.00 44.84 ? 13  G   C N1    1 
ATOM   1243 C C2    . G   C 1 13 ? -23.598 11.651  17.080  1.00 47.67 ? 13  G   C C2    1 
ATOM   1244 N N2    . G   C 1 13 ? -24.492 11.849  16.102  1.00 47.03 ? 13  G   C N2    1 
ATOM   1245 N N3    . G   C 1 13 ? -23.378 12.598  17.987  1.00 45.57 ? 13  G   C N3    1 
ATOM   1246 C C4    . G   C 1 13 ? -22.445 12.230  18.889  1.00 45.17 ? 13  G   C C4    1 
ATOM   1247 P P     . A   C 1 14 ? -25.270 13.634  24.088  1.00 68.47 ? 14  A   C P     1 
ATOM   1248 O OP1   . A   C 1 14 ? -26.057 14.350  25.128  1.00 62.54 ? 14  A   C OP1   1 
ATOM   1249 O OP2   . A   C 1 14 ? -24.500 12.400  24.444  1.00 56.19 ? 14  A   C OP2   1 
ATOM   1250 O "O5'" . A   C 1 14 ? -26.251 13.238  22.898  1.00 60.32 ? 14  A   C "O5'" 1 
ATOM   1251 C "C5'" . A   C 1 14 ? -27.110 14.194  22.293  1.00 54.90 ? 14  A   C "C5'" 1 
ATOM   1252 C "C4'" . A   C 1 14 ? -27.817 13.580  21.115  1.00 56.82 ? 14  A   C "C4'" 1 
ATOM   1253 O "O4'" . A   C 1 14 ? -26.829 13.203  20.119  1.00 57.19 ? 14  A   C "O4'" 1 
ATOM   1254 C "C3'" . A   C 1 14 ? -28.557 12.280  21.402  1.00 54.26 ? 14  A   C "C3'" 1 
ATOM   1255 O "O3'" . A   C 1 14 ? -29.844 12.470  21.968  1.00 60.95 ? 14  A   C "O3'" 1 
ATOM   1256 C "C2'" . A   C 1 14 ? -28.590 11.605  20.042  1.00 52.30 ? 14  A   C "C2'" 1 
ATOM   1257 O "O2'" . A   C 1 14 ? -29.615 12.167  19.236  1.00 52.08 ? 14  A   C "O2'" 1 
ATOM   1258 C "C1'" . A   C 1 14 ? -27.226 12.009  19.470  1.00 55.96 ? 14  A   C "C1'" 1 
ATOM   1259 N N9    . A   C 1 14 ? -26.207 10.962  19.707  1.00 51.70 ? 14  A   C N9    1 
ATOM   1260 C C8    . A   C 1 14 ? -25.276 10.882  20.724  1.00 49.96 ? 14  A   C C8    1 
ATOM   1261 N N7    . A   C 1 14 ? -24.522 9.806   20.671  1.00 46.16 ? 14  A   C N7    1 
ATOM   1262 C C5    . A   C 1 14 ? -24.990 9.121   19.547  1.00 45.92 ? 14  A   C C5    1 
ATOM   1263 C C6    . A   C 1 14 ? -24.608 7.904   18.938  1.00 43.02 ? 14  A   C C6    1 
ATOM   1264 N N6    . A   C 1 14 ? -23.628 7.113   19.382  1.00 39.92 ? 14  A   C N6    1 
ATOM   1265 N N1    . A   C 1 14 ? -25.279 7.524   17.825  1.00 46.85 ? 14  A   C N1    1 
ATOM   1266 C C2    . A   C 1 14 ? -26.264 8.313   17.360  1.00 47.42 ? 14  A   C C2    1 
ATOM   1267 N N3    . A   C 1 14 ? -26.714 9.474   17.847  1.00 45.76 ? 14  A   C N3    1 
ATOM   1268 C C4    . A   C 1 14 ? -26.027 9.828   18.948  1.00 46.25 ? 14  A   C C4    1 
ATOM   1269 P P     . C   C 1 15 ? -30.439 11.373  22.990  1.00 61.25 ? 15  C   C P     1 
ATOM   1270 O OP1   . C   C 1 15 ? -31.715 11.937  23.510  1.00 71.44 ? 15  C   C OP1   1 
ATOM   1271 O OP2   . C   C 1 15 ? -29.367 10.909  23.914  1.00 50.81 ? 15  C   C OP2   1 
ATOM   1272 O "O5'" . C   C 1 15 ? -30.817 10.126  22.072  1.00 52.75 ? 15  C   C "O5'" 1 
ATOM   1273 C "C5'" . C   C 1 15 ? -31.801 10.247  21.057  1.00 49.55 ? 15  C   C "C5'" 1 
ATOM   1274 C "C4'" . C   C 1 15 ? -31.695 9.135   20.044  1.00 51.38 ? 15  C   C "C4'" 1 
ATOM   1275 O "O4'" . C   C 1 15 ? -30.348 9.070   19.502  1.00 54.13 ? 15  C   C "O4'" 1 
ATOM   1276 C "C3'" . C   C 1 15 ? -31.949 7.726   20.554  1.00 49.63 ? 15  C   C "C3'" 1 
ATOM   1277 O "O3'" . C   C 1 15 ? -33.334 7.442   20.691  1.00 53.74 ? 15  C   C "O3'" 1 
ATOM   1278 C "C2'" . C   C 1 15 ? -31.255 6.872   19.498  1.00 48.48 ? 15  C   C "C2'" 1 
ATOM   1279 O "O2'" . C   C 1 15 ? -32.065 6.766   18.335  1.00 50.06 ? 15  C   C "O2'" 1 
ATOM   1280 C "C1'" . C   C 1 15 ? -30.037 7.737   19.152  1.00 51.03 ? 15  C   C "C1'" 1 
ATOM   1281 N N1    . C   C 1 15 ? -28.817 7.307   19.876  1.00 48.82 ? 15  C   C N1    1 
ATOM   1282 C C2    . C   C 1 15 ? -28.176 6.137   19.435  1.00 46.20 ? 15  C   C C2    1 
ATOM   1283 O O2    . C   C 1 15 ? -28.631 5.508   18.459  1.00 44.93 ? 15  C   C O2    1 
ATOM   1284 N N3    . C   C 1 15 ? -27.067 5.720   20.085  1.00 42.34 ? 15  C   C N3    1 
ATOM   1285 C C4    . C   C 1 15 ? -26.595 6.412   21.125  1.00 44.80 ? 15  C   C C4    1 
ATOM   1286 N N4    . C   C 1 15 ? -25.493 5.937   21.722  1.00 43.64 ? 15  C   C N4    1 
ATOM   1287 C C5    . C   C 1 15 ? -27.231 7.600   21.600  1.00 45.78 ? 15  C   C C5    1 
ATOM   1288 C C6    . C   C 1 15 ? -28.332 8.009   20.952  1.00 48.10 ? 15  C   C C6    1 
ATOM   1289 P P     . G   C 1 16 ? -33.869 6.442   21.836  1.00 47.83 ? 16  G   C P     1 
ATOM   1290 O OP1   . G   C 1 16 ? -35.342 6.390   21.689  1.00 49.69 ? 16  G   C OP1   1 
ATOM   1291 O OP2   . G   C 1 16 ? -33.261 6.745   23.148  1.00 42.37 ? 16  G   C OP2   1 
ATOM   1292 O "O5'" . G   C 1 16 ? -33.269 5.039   21.412  1.00 45.26 ? 16  G   C "O5'" 1 
ATOM   1293 C "C5'" . G   C 1 16 ? -33.621 4.454   20.173  1.00 42.23 ? 16  G   C "C5'" 1 
ATOM   1294 C "C4'" . G   C 1 16 ? -33.071 3.068   20.086  1.00 46.92 ? 16  G   C "C4'" 1 
ATOM   1295 O "O4'" . G   C 1 16 ? -31.611 3.132   20.062  1.00 49.03 ? 16  G   C "O4'" 1 
ATOM   1296 C "C3'" . G   C 1 16 ? -33.442 2.148   21.258  1.00 46.26 ? 16  G   C "C3'" 1 
ATOM   1297 O "O3'" . G   C 1 16 ? -33.686 0.829   20.769  1.00 43.12 ? 16  G   C "O3'" 1 
ATOM   1298 C "C2'" . G   C 1 16 ? -32.165 2.142   22.093  1.00 45.10 ? 16  G   C "C2'" 1 
ATOM   1299 O "O2'" . G   C 1 16 ? -31.986 1.015   22.922  1.00 42.22 ? 16  G   C "O2'" 1 
ATOM   1300 C "C1'" . G   C 1 16 ? -31.103 2.213   20.999  1.00 44.73 ? 16  G   C "C1'" 1 
ATOM   1301 N N9    . G   C 1 16 ? -29.800 2.635   21.504  1.00 47.20 ? 16  G   C N9    1 
ATOM   1302 C C8    . G   C 1 16 ? -29.523 3.799   22.181  1.00 45.99 ? 16  G   C C8    1 
ATOM   1303 N N7    . G   C 1 16 ? -28.285 3.871   22.578  1.00 45.11 ? 16  G   C N7    1 
ATOM   1304 C C5    . G   C 1 16 ? -27.723 2.675   22.152  1.00 42.36 ? 16  G   C C5    1 
ATOM   1305 C C6    . G   C 1 16 ? -26.408 2.200   22.314  1.00 42.21 ? 16  G   C C6    1 
ATOM   1306 O O6    . G   C 1 16 ? -25.476 2.781   22.875  1.00 46.89 ? 16  G   C O6    1 
ATOM   1307 N N1    . G   C 1 16 ? -26.245 0.940   21.749  1.00 47.13 ? 16  G   C N1    1 
ATOM   1308 C C2    . G   C 1 16 ? -27.233 0.231   21.101  1.00 46.04 ? 16  G   C C2    1 
ATOM   1309 N N2    . G   C 1 16 ? -26.888 -0.968  20.620  1.00 46.90 ? 16  G   C N2    1 
ATOM   1310 N N3    . G   C 1 16 ? -28.470 0.664   20.945  1.00 44.39 ? 16  G   C N3    1 
ATOM   1311 C C4    . G   C 1 16 ? -28.642 1.889   21.494  1.00 45.22 ? 16  G   C C4    1 
ATOM   1312 P P     . A   C 1 17 ? -35.184 0.308   20.523  1.00 46.37 ? 17  A   C P     1 
ATOM   1313 O OP1   . A   C 1 17 ? -35.086 -1.119  20.135  1.00 44.12 ? 17  A   C OP1   1 
ATOM   1314 O OP2   . A   C 1 17 ? -35.964 1.252   19.705  1.00 42.87 ? 17  A   C OP2   1 
ATOM   1315 O "O5'" . A   C 1 17 ? -35.832 0.348   21.964  1.00 47.26 ? 17  A   C "O5'" 1 
ATOM   1316 C "C5'" . A   C 1 17 ? -35.390 -0.561  22.943  1.00 42.54 ? 17  A   C "C5'" 1 
ATOM   1317 C "C4'" . A   C 1 17 ? -35.014 0.148   24.208  1.00 45.57 ? 17  A   C "C4'" 1 
ATOM   1318 O "O4'" . A   C 1 17 ? -36.126 0.968   24.634  1.00 46.13 ? 17  A   C "O4'" 1 
ATOM   1319 C "C3'" . A   C 1 17 ? -34.726 -0.822  25.341  1.00 50.63 ? 17  A   C "C3'" 1 
ATOM   1320 O "O3'" . A   C 1 17 ? -33.337 -0.935  25.533  1.00 51.94 ? 17  A   C "O3'" 1 
ATOM   1321 C "C2'" . A   C 1 17 ? -35.482 -0.285  26.554  1.00 49.22 ? 17  A   C "C2'" 1 
ATOM   1322 O "O2'" . A   C 1 17 ? -34.642 0.517   27.369  1.00 53.92 ? 17  A   C "O2'" 1 
ATOM   1323 C "C1'" . A   C 1 17 ? -36.552 0.602   25.921  1.00 47.83 ? 17  A   C "C1'" 1 
ATOM   1324 N N9    . A   C 1 17 ? -37.894 -0.013  25.795  1.00 43.18 ? 17  A   C N9    1 
ATOM   1325 C C8    . A   C 1 17 ? -38.694 0.120   24.676  1.00 40.72 ? 17  A   C C8    1 
ATOM   1326 N N7    . A   C 1 17 ? -39.868 -0.434  24.778  1.00 40.73 ? 17  A   C N7    1 
ATOM   1327 C C5    . A   C 1 17 ? -39.864 -0.959  26.079  1.00 42.43 ? 17  A   C C5    1 
ATOM   1328 C C6    . A   C 1 17 ? -40.829 -1.682  26.819  1.00 38.46 ? 17  A   C C6    1 
ATOM   1329 N N6    . A   C 1 17 ? -42.032 -2.020  26.360  1.00 38.22 ? 17  A   C N6    1 
ATOM   1330 N N1    . A   C 1 17 ? -40.520 -2.067  28.072  1.00 39.50 ? 17  A   C N1    1 
ATOM   1331 C C2    . A   C 1 17 ? -39.314 -1.740  28.558  1.00 43.80 ? 17  A   C C2    1 
ATOM   1332 N N3    . A   C 1 17 ? -38.321 -1.063  27.972  1.00 44.32 ? 17  A   C N3    1 
ATOM   1333 C C4    . A   C 1 17 ? -38.658 -0.696  26.718  1.00 42.79 ? 17  A   C C4    1 
ATOM   1334 P P     . A   C 1 18 ? -32.698 -2.376  25.741  1.00 60.17 ? 18  A   C P     1 
ATOM   1335 O OP1   . A   C 1 18 ? -31.277 -2.149  26.129  1.00 57.86 ? 18  A   C OP1   1 
ATOM   1336 O OP2   . A   C 1 18 ? -33.115 -3.272  24.612  1.00 48.47 ? 18  A   C OP2   1 
ATOM   1337 O "O5'" . A   C 1 18 ? -33.473 -2.901  27.021  1.00 62.03 ? 18  A   C "O5'" 1 
ATOM   1338 C "C5'" . A   C 1 18 ? -33.036 -2.582  28.331  1.00 57.54 ? 18  A   C "C5'" 1 
ATOM   1339 C "C4'" . A   C 1 18 ? -33.393 -3.699  29.271  1.00 59.64 ? 18  A   C "C4'" 1 
ATOM   1340 O "O4'" . A   C 1 18 ? -34.841 -3.836  29.308  1.00 56.29 ? 18  A   C "O4'" 1 
ATOM   1341 C "C3'" . A   C 1 18 ? -32.846 -5.058  28.856  1.00 58.95 ? 18  A   C "C3'" 1 
ATOM   1342 O "O3'" . A   C 1 18 ? -32.529 -5.829  30.018  1.00 66.94 ? 18  A   C "O3'" 1 
ATOM   1343 C "C2'" . A   C 1 18 ? -34.017 -5.682  28.108  1.00 54.82 ? 18  A   C "C2'" 1 
ATOM   1344 O "O2'" . A   C 1 18 ? -33.995 -7.087  28.095  1.00 56.01 ? 18  A   C "O2'" 1 
ATOM   1345 C "C1'" . A   C 1 18 ? -35.223 -5.125  28.869  1.00 53.53 ? 18  A   C "C1'" 1 
ATOM   1346 N N9    . A   C 1 18 ? -36.434 -4.960  28.044  1.00 51.48 ? 18  A   C N9    1 
ATOM   1347 C C8    . A   C 1 18 ? -36.509 -4.329  26.815  1.00 48.24 ? 18  A   C C8    1 
ATOM   1348 N N7    . A   C 1 18 ? -37.715 -4.294  26.287  1.00 42.71 ? 18  A   C N7    1 
ATOM   1349 C C5    . A   C 1 18 ? -38.505 -4.935  27.233  1.00 42.49 ? 18  A   C C5    1 
ATOM   1350 C C6    . A   C 1 18 ? -39.881 -5.227  27.261  1.00 40.22 ? 18  A   C C6    1 
ATOM   1351 N N6    . A   C 1 18 ? -40.729 -4.894  26.283  1.00 38.20 ? 18  A   C N6    1 
ATOM   1352 N N1    . A   C 1 18 ? -40.361 -5.890  28.343  1.00 42.16 ? 18  A   C N1    1 
ATOM   1353 C C2    . A   C 1 18 ? -39.508 -6.228  29.326  1.00 39.13 ? 18  A   C C2    1 
ATOM   1354 N N3    . A   C 1 18 ? -38.199 -6.006  29.411  1.00 42.95 ? 18  A   C N3    1 
ATOM   1355 C C4    . A   C 1 18 ? -37.740 -5.348  28.323  1.00 45.69 ? 18  A   C C4    1 
ATOM   1356 P P     . G   C 1 19 ? -31.111 -5.629  30.768  1.00 72.79 ? 19  G   C P     1 
ATOM   1357 O OP1   . G   C 1 19 ? -30.981 -6.708  31.782  1.00 70.92 ? 19  G   C OP1   1 
ATOM   1358 O OP2   . G   C 1 19 ? -30.977 -4.218  31.222  1.00 70.79 ? 19  G   C OP2   1 
ATOM   1359 O "O5'" . G   C 1 19 ? -30.024 -5.786  29.603  1.00 69.36 ? 19  G   C "O5'" 1 
ATOM   1360 C "C5'" . G   C 1 19 ? -29.818 -7.013  28.919  1.00 60.96 ? 19  G   C "C5'" 1 
ATOM   1361 C "C4'" . G   C 1 19 ? -28.394 -7.144  28.426  1.00 61.47 ? 19  G   C "C4'" 1 
ATOM   1362 O "O4'" . G   C 1 19 ? -28.092 -6.140  27.418  1.00 54.07 ? 19  G   C "O4'" 1 
ATOM   1363 C "C3'" . G   C 1 19 ? -27.296 -6.942  29.454  1.00 57.91 ? 19  G   C "C3'" 1 
ATOM   1364 O "O3'" . G   C 1 19 ? -27.126 -8.042  30.323  1.00 62.99 ? 19  G   C "O3'" 1 
ATOM   1365 C "C2'" . G   C 1 19 ? -26.088 -6.675  28.576  1.00 56.98 ? 19  G   C "C2'" 1 
ATOM   1366 O "O2'" . G   C 1 19 ? -25.618 -7.889  28.007  1.00 61.72 ? 19  G   C "O2'" 1 
ATOM   1367 C "C1'" . G   C 1 19 ? -26.712 -5.831  27.464  1.00 53.98 ? 19  G   C "C1'" 1 
ATOM   1368 N N9    . G   C 1 19 ? -26.531 -4.383  27.696  1.00 51.59 ? 19  G   C N9    1 
ATOM   1369 C C8    . G   C 1 19 ? -27.486 -3.401  27.701  1.00 49.64 ? 19  G   C C8    1 
ATOM   1370 N N7    . G   C 1 19 ? -26.989 -2.208  27.920  1.00 49.32 ? 19  G   C N7    1 
ATOM   1371 C C5    . G   C 1 19 ? -25.620 -2.408  28.067  1.00 51.02 ? 19  G   C C5    1 
ATOM   1372 C C6    . G   C 1 19 ? -24.553 -1.490  28.329  1.00 54.58 ? 19  G   C C6    1 
ATOM   1373 O O6    . G   C 1 19 ? -24.597 -0.261  28.499  1.00 53.01 ? 19  G   C O6    1 
ATOM   1374 N N1    . G   C 1 19 ? -23.311 -2.120  28.389  1.00 52.22 ? 19  G   C N1    1 
ATOM   1375 C C2    . G   C 1 19 ? -23.121 -3.466  28.233  1.00 53.86 ? 19  G   C C2    1 
ATOM   1376 N N2    . G   C 1 19 ? -21.854 -3.897  28.338  1.00 55.08 ? 19  G   C N2    1 
ATOM   1377 N N3    . G   C 1 19 ? -24.104 -4.327  28.003  1.00 55.41 ? 19  G   C N3    1 
ATOM   1378 C C4    . G   C 1 19 ? -25.323 -3.745  27.926  1.00 52.35 ? 19  G   C C4    1 
ATOM   1379 P P     . U   C 1 20 ? -26.527 -7.796  31.790  1.00 62.59 ? 20  U   C P     1 
ATOM   1380 O OP1   . U   C 1 20 ? -26.548 -9.104  32.489  1.00 55.54 ? 20  U   C OP1   1 
ATOM   1381 O OP2   . U   C 1 20 ? -27.179 -6.595  32.380  1.00 58.39 ? 20  U   C OP2   1 
ATOM   1382 O "O5'" . U   C 1 20 ? -25.013 -7.362  31.523  1.00 63.51 ? 20  U   C "O5'" 1 
ATOM   1383 C "C5'" . U   C 1 20 ? -24.028 -8.295  31.094  1.00 61.99 ? 20  U   C "C5'" 1 
ATOM   1384 C "C4'" . U   C 1 20 ? -22.637 -7.741  31.291  1.00 57.02 ? 20  U   C "C4'" 1 
ATOM   1385 O "O4'" . U   C 1 20 ? -22.518 -6.492  30.568  1.00 55.74 ? 20  U   C "O4'" 1 
ATOM   1386 C "C3'" . U   C 1 20 ? -22.281 -7.368  32.719  1.00 56.11 ? 20  U   C "C3'" 1 
ATOM   1387 O "O3'" . U   C 1 20 ? -21.870 -8.468  33.505  1.00 57.77 ? 20  U   C "O3'" 1 
ATOM   1388 C "C2'" . U   C 1 20 ? -21.205 -6.305  32.545  1.00 53.24 ? 20  U   C "C2'" 1 
ATOM   1389 O "O2'" . U   C 1 20 ? -19.940 -6.897  32.301  1.00 58.86 ? 20  U   C "O2'" 1 
ATOM   1390 C "C1'" . U   C 1 20 ? -21.658 -5.614  31.264  1.00 55.05 ? 20  U   C "C1'" 1 
ATOM   1391 N N1    . U   C 1 20 ? -22.341 -4.318  31.495  1.00 53.56 ? 20  U   C N1    1 
ATOM   1392 C C2    . U   C 1 20 ? -21.531 -3.261  31.875  1.00 53.15 ? 20  U   C C2    1 
ATOM   1393 O O2    . U   C 1 20 ? -20.334 -3.369  32.058  1.00 57.55 ? 20  U   C O2    1 
ATOM   1394 N N3    . U   C 1 20 ? -22.166 -2.064  32.050  1.00 51.35 ? 20  U   C N3    1 
ATOM   1395 C C4    . U   C 1 20 ? -23.511 -1.828  31.875  1.00 51.35 ? 20  U   C C4    1 
ATOM   1396 O O4    . U   C 1 20 ? -23.924 -0.686  32.074  1.00 52.08 ? 20  U   C O4    1 
ATOM   1397 C C5    . U   C 1 20 ? -24.289 -2.965  31.474  1.00 45.75 ? 20  U   C C5    1 
ATOM   1398 C C6    . U   C 1 20 ? -23.693 -4.147  31.305  1.00 50.44 ? 20  U   C C6    1 
ATOM   1399 P P     . C   C 1 21 ? -22.270 -8.483  35.056  1.00 57.97 ? 21  C   C P     1 
ATOM   1400 O OP1   . C   C 1 21 ? -22.065 -9.836  35.626  1.00 54.66 ? 21  C   C OP1   1 
ATOM   1401 O OP2   . C   C 1 21 ? -23.625 -7.882  35.121  1.00 61.28 ? 21  C   C OP2   1 
ATOM   1402 O "O5'" . C   C 1 21 ? -21.278 -7.423  35.718  1.00 54.33 ? 21  C   C "O5'" 1 
ATOM   1403 C "C5'" . C   C 1 21 ? -19.870 -7.570  35.638  1.00 51.00 ? 21  C   C "C5'" 1 
ATOM   1404 C "C4'" . C   C 1 21 ? -19.162 -6.286  36.001  1.00 55.52 ? 21  C   C "C4'" 1 
ATOM   1405 O "O4'" . C   C 1 21 ? -19.495 -5.246  35.042  1.00 55.87 ? 21  C   C "O4'" 1 
ATOM   1406 C "C3'" . C   C 1 21 ? -19.535 -5.670  37.344  1.00 54.00 ? 21  C   C "C3'" 1 
ATOM   1407 O "O3'" . C   C 1 21 ? -18.888 -6.272  38.444  1.00 53.11 ? 21  C   C "O3'" 1 
ATOM   1408 C "C2'" . C   C 1 21 ? -19.153 -4.210  37.159  1.00 53.90 ? 21  C   C "C2'" 1 
ATOM   1409 O "O2'" . C   C 1 21 ? -17.755 -4.039  37.314  1.00 53.13 ? 21  C   C "O2'" 1 
ATOM   1410 C "C1'" . C   C 1 21 ? -19.526 -3.986  35.691  1.00 55.46 ? 21  C   C "C1'" 1 
ATOM   1411 N N1    . C   C 1 21 ? -20.882 -3.396  35.557  1.00 55.28 ? 21  C   C N1    1 
ATOM   1412 C C2    . C   C 1 21 ? -21.046 -2.013  35.756  1.00 51.83 ? 21  C   C C2    1 
ATOM   1413 O O2    . C   C 1 21 ? -20.055 -1.316  36.032  1.00 50.24 ? 21  C   C O2    1 
ATOM   1414 N N3    . C   C 1 21 ? -22.283 -1.464  35.645  1.00 50.52 ? 21  C   C N3    1 
ATOM   1415 C C4    . C   C 1 21 ? -23.335 -2.234  35.352  1.00 48.07 ? 21  C   C C4    1 
ATOM   1416 N N4    . C   C 1 21 ? -24.529 -1.652  35.245  1.00 45.95 ? 21  C   C N4    1 
ATOM   1417 C C5    . C   C 1 21 ? -23.201 -3.639  35.145  1.00 50.75 ? 21  C   C C5    1 
ATOM   1418 C C6    . C   C 1 21 ? -21.975 -4.176  35.263  1.00 55.03 ? 21  C   C C6    1 
ATOM   1419 P P     . G   C 1 22 ? -19.543 -6.170  39.902  1.00 54.02 ? 22  G   C P     1 
ATOM   1420 O OP1   . G   C 1 22 ? -18.739 -7.008  40.816  1.00 57.69 ? 22  G   C OP1   1 
ATOM   1421 O OP2   . G   C 1 22 ? -21.002 -6.395  39.758  1.00 48.62 ? 22  G   C OP2   1 
ATOM   1422 O "O5'" . G   C 1 22 ? -19.339 -4.648  40.330  1.00 54.90 ? 22  G   C "O5'" 1 
ATOM   1423 C "C5'" . G   C 1 22 ? -18.060 -4.146  40.680  1.00 48.95 ? 22  G   C "C5'" 1 
ATOM   1424 C "C4'" . G   C 1 22 ? -18.144 -2.719  41.160  1.00 48.69 ? 22  G   C "C4'" 1 
ATOM   1425 O "O4'" . G   C 1 22 ? -18.662 -1.861  40.109  1.00 52.40 ? 22  G   C "O4'" 1 
ATOM   1426 C "C3'" . G   C 1 22 ? -19.080 -2.486  42.328  1.00 52.12 ? 22  G   C "C3'" 1 
ATOM   1427 O "O3'" . G   C 1 22 ? -18.449 -2.793  43.554  1.00 52.38 ? 22  G   C "O3'" 1 
ATOM   1428 C "C2'" . G   C 1 22 ? -19.459 -1.013  42.182  1.00 51.80 ? 22  G   C "C2'" 1 
ATOM   1429 O "O2'" . G   C 1 22 ? -18.446 -0.178  42.720  1.00 53.51 ? 22  G   C "O2'" 1 
ATOM   1430 C "C1'" . G   C 1 22 ? -19.458 -0.837  40.666  1.00 49.92 ? 22  G   C "C1'" 1 
ATOM   1431 N N9    . G   C 1 22 ? -20.800 -0.918  40.063  1.00 49.95 ? 22  G   C N9    1 
ATOM   1432 C C8    . G   C 1 22 ? -21.350 -2.036  39.485  1.00 46.27 ? 22  G   C C8    1 
ATOM   1433 N N7    . G   C 1 22 ? -22.531 -1.810  38.995  1.00 45.32 ? 22  G   C N7    1 
ATOM   1434 C C5    . G   C 1 22 ? -22.770 -0.469  39.253  1.00 42.04 ? 22  G   C C5    1 
ATOM   1435 C C6    . G   C 1 22 ? -23.898 0.332   38.942  1.00 46.00 ? 22  G   C C6    1 
ATOM   1436 O O6    . G   C 1 22 ? -24.943 -0.005  38.368  1.00 48.42 ? 22  G   C O6    1 
ATOM   1437 N N1    . G   C 1 22 ? -23.737 1.645   39.380  1.00 44.59 ? 22  G   C N1    1 
ATOM   1438 C C2    . G   C 1 22 ? -22.621 2.112   40.032  1.00 44.33 ? 22  G   C C2    1 
ATOM   1439 N N2    . G   C 1 22 ? -22.650 3.406   40.375  1.00 44.02 ? 22  G   C N2    1 
ATOM   1440 N N3    . G   C 1 22 ? -21.563 1.373   40.327  1.00 42.71 ? 22  G   C N3    1 
ATOM   1441 C C4    . G   C 1 22 ? -21.710 0.099   39.915  1.00 43.08 ? 22  G   C C4    1 
ATOM   1442 P P     . C   C 1 23 ? -19.317 -3.253  44.817  1.00 54.73 ? 23  C   C P     1 
ATOM   1443 O OP1   . C   C 1 23 ? -18.359 -3.513  45.932  1.00 55.43 ? 23  C   C OP1   1 
ATOM   1444 O OP2   . C   C 1 23 ? -20.261 -4.297  44.354  1.00 45.20 ? 23  C   C OP2   1 
ATOM   1445 O "O5'" . C   C 1 23 ? -20.084 -1.931  45.252  1.00 48.76 ? 23  C   C "O5'" 1 
ATOM   1446 C "C5'" . C   C 1 23 ? -19.341 -0.809  45.682  1.00 46.21 ? 23  C   C "C5'" 1 
ATOM   1447 C "C4'" . C   C 1 23 ? -20.218 0.394   45.845  1.00 44.65 ? 23  C   C "C4'" 1 
ATOM   1448 O "O4'" . C   C 1 23 ? -20.753 0.785   44.564  1.00 46.70 ? 23  C   C "O4'" 1 
ATOM   1449 C "C3'" . C   C 1 23 ? -21.446 0.194   46.710  1.00 48.43 ? 23  C   C "C3'" 1 
ATOM   1450 O "O3'" . C   C 1 23 ? -21.148 0.278   48.090  1.00 50.98 ? 23  C   C "O3'" 1 
ATOM   1451 C "C2'" . C   C 1 23 ? -22.373 1.299   46.231  1.00 48.65 ? 23  C   C "C2'" 1 
ATOM   1452 O "O2'" . C   C 1 23 ? -22.027 2.522   46.862  1.00 50.37 ? 23  C   C "O2'" 1 
ATOM   1453 C "C1'" . C   C 1 23 ? -22.017 1.384   44.741  1.00 45.11 ? 23  C   C "C1'" 1 
ATOM   1454 N N1    . C   C 1 23 ? -22.981 0.690   43.858  1.00 45.62 ? 23  C   C N1    1 
ATOM   1455 C C2    . C   C 1 23 ? -24.062 1.411   43.356  1.00 42.89 ? 23  C   C C2    1 
ATOM   1456 O O2    . C   C 1 23 ? -24.177 2.592   43.693  1.00 43.74 ? 23  C   C O2    1 
ATOM   1457 N N3    . C   C 1 23 ? -24.940 0.810   42.519  1.00 42.53 ? 23  C   C N3    1 
ATOM   1458 C C4    . C   C 1 23 ? -24.761 -0.472  42.182  1.00 41.57 ? 23  C   C C4    1 
ATOM   1459 N N4    . C   C 1 23 ? -25.653 -1.032  41.357  1.00 39.58 ? 23  C   C N4    1 
ATOM   1460 C C5    . C   C 1 23 ? -23.666 -1.236  42.679  1.00 39.92 ? 23  C   C C5    1 
ATOM   1461 C C6    . C   C 1 23 ? -22.802 -0.620  43.498  1.00 44.55 ? 23  C   C C6    1 
HETATM 1462 O O     . HOH D 2 .  ? -2.183  12.622  -26.775 1.00 53.49 ? 101 HOH A O     1 
HETATM 1463 O O     . HOH D 2 .  ? 11.825  -2.496  -6.637  1.00 51.23 ? 102 HOH A O     1 
HETATM 1464 O O     . HOH D 2 .  ? 27.247  -18.194 12.475  1.00 38.00 ? 103 HOH A O     1 
HETATM 1465 O O     . HOH D 2 .  ? -4.970  4.834   -16.406 1.00 45.51 ? 104 HOH A O     1 
HETATM 1466 O O     . HOH D 2 .  ? 12.368  -4.677  -4.195  1.00 52.29 ? 105 HOH A O     1 
HETATM 1467 O O     . HOH D 2 .  ? 16.409  -7.274  -14.687 1.00 45.28 ? 106 HOH A O     1 
HETATM 1468 O O     . HOH D 2 .  ? -5.911  16.664  -16.657 1.00 50.14 ? 107 HOH A O     1 
HETATM 1469 O O     . HOH D 2 .  ? 8.871   -2.386  -12.856 1.00 51.16 ? 108 HOH A O     1 
HETATM 1470 O O     . HOH D 2 .  ? 15.999  -8.475  -12.425 1.00 49.30 ? 109 HOH A O     1 
HETATM 1471 O O     . HOH D 2 .  ? -0.203  12.957  -24.256 1.00 49.28 ? 110 HOH A O     1 
HETATM 1472 O O     . HOH D 2 .  ? -2.617  10.116  -23.277 1.00 50.81 ? 111 HOH A O     1 
HETATM 1473 O O     . HOH D 2 .  ? 0.113   0.758   -15.468 1.00 49.98 ? 112 HOH A O     1 
HETATM 1474 O O     . HOH D 2 .  ? 17.886  -16.389 0.933   1.00 53.02 ? 113 HOH A O     1 
HETATM 1475 O O     . HOH D 2 .  ? -1.359  12.485  -17.898 1.00 43.10 ? 114 HOH A O     1 
HETATM 1476 O O     . HOH D 2 .  ? -9.062  7.853   -18.744 1.00 46.54 ? 115 HOH A O     1 
HETATM 1477 O O     . HOH D 2 .  ? 11.150  -1.574  -14.594 1.00 53.47 ? 116 HOH A O     1 
HETATM 1478 O O     . HOH D 2 .  ? 16.180  -9.882  1.971   1.00 41.07 ? 117 HOH A O     1 
HETATM 1479 O O     . HOH D 2 .  ? -4.112  14.891  -10.416 1.00 51.75 ? 118 HOH A O     1 
HETATM 1480 O O     . HOH D 2 .  ? 10.970  -1.337  -9.557  1.00 49.08 ? 119 HOH A O     1 
HETATM 1481 O O     . HOH D 2 .  ? 19.164  -14.114 2.762   1.00 43.51 ? 120 HOH A O     1 
HETATM 1482 O O     . HOH D 2 .  ? -2.320  6.379   -11.206 1.00 46.94 ? 121 HOH A O     1 
HETATM 1483 O O     . HOH D 2 .  ? 5.643   -3.181  -15.529 1.00 51.08 ? 122 HOH A O     1 
HETATM 1484 O O     . HOH D 2 .  ? -9.770  10.855  -11.242 1.00 49.69 ? 123 HOH A O     1 
HETATM 1485 O O     . HOH D 2 .  ? 24.520  -16.076 5.903   1.00 44.05 ? 124 HOH A O     1 
HETATM 1486 O O     . HOH D 2 .  ? 10.675  -0.619  7.187   1.00 54.26 ? 125 HOH A O     1 
HETATM 1487 O O     . HOH D 2 .  ? 14.170  -7.191  0.763   1.00 41.12 ? 126 HOH A O     1 
HETATM 1488 O O     . HOH D 2 .  ? -1.655  -1.652  -16.861 1.00 45.81 ? 127 HOH A O     1 
HETATM 1489 O O     . HOH D 2 .  ? 12.601  -4.738  -0.835  1.00 49.94 ? 128 HOH A O     1 
HETATM 1490 O O     . HOH D 2 .  ? 18.361  -8.827  -0.821  1.00 43.80 ? 129 HOH A O     1 
HETATM 1491 O O     . HOH D 2 .  ? 5.265   7.221   -29.443 1.00 54.67 ? 130 HOH A O     1 
HETATM 1492 O O     . HOH D 2 .  ? -3.896  -2.084  -8.481  1.00 53.06 ? 131 HOH A O     1 
HETATM 1493 O O     . HOH D 2 .  ? 8.255   -1.414  -10.540 1.00 52.15 ? 132 HOH A O     1 
HETATM 1494 O O     . HOH D 2 .  ? 0.772   13.712  -28.662 1.00 46.35 ? 133 HOH A O     1 
HETATM 1495 O O     . HOH D 2 .  ? 22.453  -15.301 4.144   1.00 40.29 ? 134 HOH A O     1 
HETATM 1496 O O     . HOH D 2 .  ? 12.853  -9.516  2.574   1.00 49.38 ? 135 HOH A O     1 
HETATM 1497 O O     . HOH D 2 .  ? 1.473   15.919  -23.434 1.00 50.24 ? 136 HOH A O     1 
HETATM 1498 O O     . HOH D 2 .  ? 6.615   10.416  -32.381 1.00 51.54 ? 137 HOH A O     1 
HETATM 1499 O O     . HOH D 2 .  ? 3.997   15.526  -13.107 1.00 49.33 ? 138 HOH A O     1 
HETATM 1500 O O     . HOH D 2 .  ? 17.830  -23.032 5.201   1.00 45.18 ? 139 HOH A O     1 
HETATM 1501 O O     . HOH D 2 .  ? -1.329  8.422   -18.617 1.00 40.27 ? 140 HOH A O     1 
HETATM 1502 O O     . HOH D 2 .  ? 4.536   0.102   -15.366 1.00 47.03 ? 141 HOH A O     1 
HETATM 1503 O O     . HOH D 2 .  ? 5.290   13.332  -13.735 1.00 45.04 ? 142 HOH A O     1 
HETATM 1504 O O     . HOH D 2 .  ? 11.703  -12.995 -0.673  1.00 63.26 ? 143 HOH A O     1 
HETATM 1505 O O     . HOH D 2 .  ? 16.782  -22.560 7.377   1.00 47.70 ? 144 HOH A O     1 
HETATM 1506 O O     . HOH D 2 .  ? -1.055  11.981  -20.609 1.00 51.31 ? 145 HOH A O     1 
HETATM 1507 O O     . HOH D 2 .  ? 7.704   17.431  -18.518 1.00 49.99 ? 146 HOH A O     1 
HETATM 1508 O O     . HOH D 2 .  ? -3.817  9.381   -18.743 1.00 38.92 ? 147 HOH A O     1 
HETATM 1509 O O     . HOH D 2 .  ? 6.278   -1.160  -13.585 1.00 50.93 ? 148 HOH A O     1 
HETATM 1510 O O     . HOH D 2 .  ? -8.492  13.586  -10.655 1.00 52.14 ? 149 HOH A O     1 
HETATM 1511 O O     . HOH D 2 .  ? -5.512  10.613  -20.218 1.00 51.24 ? 150 HOH A O     1 
HETATM 1512 O O     . HOH D 2 .  ? 17.764  5.609   -2.907  1.00 66.78 ? 151 HOH A O     1 
HETATM 1513 O O     . HOH D 2 .  ? 4.241   12.583  -11.379 1.00 55.42 ? 152 HOH A O     1 
HETATM 1514 O O     . HOH D 2 .  ? -1.973  16.738  -10.707 1.00 58.64 ? 153 HOH A O     1 
HETATM 1515 O O     . HOH D 2 .  ? -4.006  13.879  -26.573 1.00 60.68 ? 154 HOH A O     1 
HETATM 1516 O O     . HOH D 2 .  ? -1.146  2.972   -16.489 1.00 49.07 ? 155 HOH A O     1 
HETATM 1517 O O     . HOH D 2 .  ? -6.515  3.415   -18.976 1.00 45.20 ? 156 HOH A O     1 
HETATM 1518 O O     . HOH D 2 .  ? 16.051  7.238   -7.737  1.00 75.01 ? 157 HOH A O     1 
HETATM 1519 O O     . HOH D 2 .  ? -2.578  16.323  -22.599 1.00 51.01 ? 158 HOH A O     1 
HETATM 1520 O O     . HOH E 2 .  ? 11.306  -16.314 -10.872 1.00 65.39 ? 101 HOH B O     1 
HETATM 1521 O O     . HOH E 2 .  ? 5.890   2.380   -18.135 1.00 49.73 ? 102 HOH B O     1 
HETATM 1522 O O     . HOH E 2 .  ? 13.403  5.896   -16.750 1.00 47.60 ? 103 HOH B O     1 
HETATM 1523 O O     . HOH E 2 .  ? -8.066  1.389   -21.469 1.00 47.56 ? 104 HOH B O     1 
HETATM 1524 O O     . HOH E 2 .  ? -5.078  10.575  -24.939 1.00 44.70 ? 105 HOH B O     1 
HETATM 1525 O O     . HOH E 2 .  ? 20.392  -8.810  1.889   1.00 46.03 ? 106 HOH B O     1 
HETATM 1526 O O     . HOH E 2 .  ? 25.569  -7.478  5.699   1.00 40.50 ? 107 HOH B O     1 
HETATM 1527 O O     . HOH E 2 .  ? 21.865  -12.289 11.015  1.00 47.02 ? 108 HOH B O     1 
HETATM 1528 O O     . HOH E 2 .  ? -1.781  4.544   -21.965 1.00 45.38 ? 109 HOH B O     1 
HETATM 1529 O O     . HOH E 2 .  ? -1.937  7.937   -21.279 1.00 40.99 ? 110 HOH B O     1 
HETATM 1530 O O     . HOH E 2 .  ? 9.078   4.770   -12.606 1.00 46.41 ? 111 HOH B O     1 
HETATM 1531 O O     . HOH E 2 .  ? 6.485   0.743   -11.129 1.00 51.28 ? 112 HOH B O     1 
HETATM 1532 O O     . HOH E 2 .  ? -8.647  7.931   -21.825 1.00 47.52 ? 113 HOH B O     1 
HETATM 1533 O O     . HOH E 2 .  ? 14.445  -13.955 -4.430  1.00 56.03 ? 114 HOH B O     1 
HETATM 1534 O O     . HOH E 2 .  ? 5.745   0.179   -27.423 1.00 49.89 ? 115 HOH B O     1 
HETATM 1535 O O     . HOH E 2 .  ? 12.786  -16.007 13.387  1.00 54.82 ? 116 HOH B O     1 
HETATM 1536 O O     . HOH E 2 .  ? -6.388  4.765   -22.136 1.00 46.10 ? 117 HOH B O     1 
HETATM 1537 O O     . HOH E 2 .  ? -17.786 8.321   -18.068 1.00 53.63 ? 118 HOH B O     1 
HETATM 1538 O O     . HOH E 2 .  ? -3.624  2.088   -22.551 1.00 49.13 ? 119 HOH B O     1 
HETATM 1539 O O     . HOH E 2 .  ? 24.814  -7.784  9.690   1.00 49.60 ? 120 HOH B O     1 
HETATM 1540 O O     . HOH E 2 .  ? -0.998  3.405   -19.128 1.00 43.69 ? 121 HOH B O     1 
HETATM 1541 O O     . HOH E 2 .  ? -12.020 2.959   -19.521 1.00 52.95 ? 122 HOH B O     1 
HETATM 1542 O O     . HOH E 2 .  ? 23.608  -10.222 7.676   1.00 50.16 ? 123 HOH B O     1 
HETATM 1543 O O     . HOH E 2 .  ? -0.229  4.651   -14.515 1.00 41.88 ? 124 HOH B O     1 
HETATM 1544 O O     . HOH E 2 .  ? 16.968  -18.216 19.786  1.00 55.87 ? 125 HOH B O     1 
HETATM 1545 O O     . HOH E 2 .  ? 15.507  -20.797 9.424   1.00 47.55 ? 126 HOH B O     1 
HETATM 1546 O O     . HOH E 2 .  ? 22.392  -8.042  -0.712  1.00 44.64 ? 127 HOH B O     1 
HETATM 1547 O O     . HOH E 2 .  ? 14.904  -19.940 18.570  1.00 54.81 ? 128 HOH B O     1 
HETATM 1548 O O     . HOH E 2 .  ? 5.457   10.197  -4.341  1.00 57.41 ? 129 HOH B O     1 
HETATM 1549 O O     . HOH E 2 .  ? 21.121  -13.594 15.303  1.00 51.15 ? 130 HOH B O     1 
HETATM 1550 O O     . HOH E 2 .  ? -4.865  7.286   -22.685 1.00 44.05 ? 131 HOH B O     1 
HETATM 1551 O O     . HOH E 2 .  ? -7.983  5.390   -19.075 1.00 48.40 ? 132 HOH B O     1 
HETATM 1552 O O     . HOH E 2 .  ? 3.445   2.991   -15.558 1.00 48.72 ? 133 HOH B O     1 
HETATM 1553 O O     . HOH E 2 .  ? 22.572  -10.871 3.122   1.00 51.33 ? 134 HOH B O     1 
HETATM 1554 O O     . HOH E 2 .  ? 19.373  -0.840  7.782   1.00 58.05 ? 135 HOH B O     1 
HETATM 1555 O O     . HOH E 2 .  ? 13.085  -13.739 16.964  1.00 55.19 ? 136 HOH B O     1 
HETATM 1556 O O     . HOH E 2 .  ? 22.418  -14.223 12.861  1.00 42.30 ? 137 HOH B O     1 
HETATM 1557 O O     . HOH E 2 .  ? 23.032  -9.616  12.376  1.00 53.84 ? 138 HOH B O     1 
HETATM 1558 O O     . HOH E 2 .  ? 1.748   3.181   -17.918 1.00 38.69 ? 139 HOH B O     1 
HETATM 1559 O O     . HOH E 2 .  ? 23.501  0.630   -9.138  1.00 54.08 ? 140 HOH B O     1 
HETATM 1560 O O     . HOH E 2 .  ? 10.359  3.903   -2.401  1.00 65.14 ? 141 HOH B O     1 
HETATM 1561 O O     . HOH E 2 .  ? 6.897   0.021   1.447   1.00 70.21 ? 142 HOH B O     1 
HETATM 1562 O O     . HOH E 2 .  ? 12.556  3.919   -11.287 1.00 55.85 ? 143 HOH B O     1 
HETATM 1563 O O     . HOH E 2 .  ? -1.869  -4.614  -7.658  1.00 57.79 ? 144 HOH B O     1 
HETATM 1564 O O     . HOH E 2 .  ? 9.235   1.558   -1.246  1.00 61.13 ? 145 HOH B O     1 
HETATM 1565 O O     . HOH E 2 .  ? 20.655  -8.613  -2.871  1.00 41.70 ? 146 HOH B O     1 
HETATM 1566 O O     . HOH E 2 .  ? 24.379  -10.849 5.315   1.00 52.16 ? 147 HOH B O     1 
HETATM 1567 O O     . HOH E 2 .  ? -10.563 16.202  -24.584 1.00 41.17 ? 148 HOH B O     1 
HETATM 1568 O O     . HOH E 2 .  ? -5.405  1.329   -19.199 1.00 50.53 ? 149 HOH B O     1 
HETATM 1569 O O     . HOH E 2 .  ? -3.268  -0.093  -19.572 1.00 50.96 ? 150 HOH B O     1 
HETATM 1570 O O     . HOH E 2 .  ? -11.717 15.899  -16.749 1.00 62.30 ? 151 HOH B O     1 
HETATM 1571 O O     . HOH E 2 .  ? 27.003  -9.608  11.630  1.00 60.03 ? 152 HOH B O     1 
HETATM 1572 O O     . HOH E 2 .  ? 25.607  -12.814 8.391   1.00 55.40 ? 153 HOH B O     1 
HETATM 1573 O O     . HOH F 2 .  ? -31.752 5.496   23.962  1.00 53.65 ? 101 HOH C O     1 
HETATM 1574 O O     . HOH F 2 .  ? -19.661 9.478   20.924  1.00 49.77 ? 102 HOH C O     1 
HETATM 1575 O O     . HOH F 2 .  ? -20.470 7.117   19.076  1.00 52.02 ? 103 HOH C O     1 
HETATM 1576 O O     . HOH F 2 .  ? -0.379  17.612  -6.710  1.00 55.23 ? 104 HOH C O     1 
HETATM 1577 O O     . HOH F 2 .  ? -31.873 -7.337  26.791  1.00 48.28 ? 105 HOH C O     1 
HETATM 1578 O O     . HOH F 2 .  ? -27.659 5.728   24.274  1.00 47.90 ? 106 HOH C O     1 
HETATM 1579 O O     . HOH F 2 .  ? -36.872 -7.062  31.386  1.00 52.76 ? 107 HOH C O     1 
HETATM 1580 O O     . HOH F 2 .  ? -9.294  -1.031  5.684   1.00 63.10 ? 108 HOH C O     1 
HETATM 1581 O O     . HOH F 2 .  ? -26.987 -9.655  35.074  1.00 60.05 ? 109 HOH C O     1 
HETATM 1582 O O     . HOH F 2 .  ? -7.270  15.818  -9.285  1.00 49.35 ? 110 HOH C O     1 
HETATM 1583 O O     . HOH F 2 .  ? -17.282 -1.521  36.505  1.00 55.68 ? 111 HOH C O     1 
HETATM 1584 O O     . HOH F 2 .  ? -10.315 2.819   22.507  1.00 62.88 ? 112 HOH C O     1 
HETATM 1585 O O     . HOH F 2 .  ? -24.882 -3.464  38.455  1.00 57.52 ? 113 HOH C O     1 
HETATM 1586 O O     . HOH F 2 .  ? -14.230 5.766   14.424  1.00 52.46 ? 114 HOH C O     1 
HETATM 1587 O O     . HOH F 2 .  ? -36.361 -0.821  30.239  1.00 53.77 ? 115 HOH C O     1 
HETATM 1588 O O     . HOH F 2 .  ? -31.384 2.947   17.024  1.00 48.85 ? 116 HOH C O     1 
HETATM 1589 O O     . HOH F 2 .  ? -17.266 -5.440  32.040  1.00 53.90 ? 117 HOH C O     1 
HETATM 1590 O O     . HOH F 2 .  ? -15.443 -2.846  44.684  1.00 57.41 ? 118 HOH C O     1 
HETATM 1591 O O     . HOH F 2 .  ? -36.263 9.595   22.880  1.00 62.16 ? 119 HOH C O     1 
HETATM 1592 O O     . HOH F 2 .  ? -15.162 7.715   26.235  1.00 71.72 ? 120 HOH C O     1 
HETATM 1593 O O     . HOH F 2 .  ? -14.253 0.912   19.755  1.00 58.38 ? 121 HOH C O     1 
HETATM 1594 O O     . HOH F 2 .  ? -16.572 -3.211  32.712  1.00 44.94 ? 122 HOH C O     1 
HETATM 1595 O O     . HOH F 2 .  ? -22.451 -9.988  27.566  1.00 70.14 ? 123 HOH C O     1 
HETATM 1596 O O     . HOH F 2 .  ? -13.647 2.338   21.782  1.00 62.29 ? 124 HOH C O     1 
HETATM 1597 O O     . HOH F 2 .  ? -28.661 -11.204 27.973  1.00 76.20 ? 125 HOH C O     1 
HETATM 1598 O O     . HOH F 2 .  ? -14.859 3.262   43.603  1.00 68.00 ? 126 HOH C O     1 
# 
loop_
_pdbx_poly_seq_scheme.asym_id 
_pdbx_poly_seq_scheme.entity_id 
_pdbx_poly_seq_scheme.seq_id 
_pdbx_poly_seq_scheme.mon_id 
_pdbx_poly_seq_scheme.ndb_seq_num 
_pdbx_poly_seq_scheme.pdb_seq_num 
_pdbx_poly_seq_scheme.auth_seq_num 
_pdbx_poly_seq_scheme.pdb_mon_id 
_pdbx_poly_seq_scheme.auth_mon_id 
_pdbx_poly_seq_scheme.pdb_strand_id 
_pdbx_poly_seq_scheme.pdb_ins_code 
_pdbx_poly_seq_scheme.hetero 
A 1 1  U   1  1  1  U   U   A . n 
A 1 2  U   2  2  2  U   U   A . n 
A 1 3  G   3  3  3  G   G   A . n 
A 1 4  C   4  4  4  C   C   A . n 
A 1 5  G   5  5  5  G   G   A . n 
A 1 6  U   6  6  6  U   U   A . n 
A 1 7  C   7  7  7  C   C   A . n 
A 1 8  1MA 8  8  8  1MA 1MA A . n 
A 1 9  C   9  9  9  C   C   A . n 
A 1 10 G   10 10 10 G   G   A . n 
A 1 11 U   11 11 11 U   U   A . n 
A 1 12 C   12 12 12 C   C   A . n 
A 1 13 G   13 13 13 G   G   A . n 
A 1 14 A   14 14 14 A   A   A . n 
A 1 15 C   15 15 15 C   C   A . n 
A 1 16 G   16 16 16 G   G   A . n 
A 1 17 A   17 17 17 A   A   A . n 
A 1 18 A   18 18 18 A   A   A . n 
A 1 19 G   19 19 19 G   G   A . n 
A 1 20 U   20 20 20 U   U   A . n 
A 1 21 C   21 21 21 C   C   A . n 
A 1 22 G   22 22 22 G   G   A . n 
A 1 23 C   23 23 23 C   C   A . n 
B 1 1  U   1  24 24 U   U   B . n 
B 1 2  U   2  25 25 U   U   B . n 
B 1 3  G   3  26 26 G   G   B . n 
B 1 4  C   4  27 27 C   C   B . n 
B 1 5  G   5  28 28 G   G   B . n 
B 1 6  U   6  29 29 U   U   B . n 
B 1 7  C   7  30 30 C   C   B . n 
B 1 8  1MA 8  31 31 1MA 1MA B . n 
B 1 9  C   9  32 32 C   C   B . n 
B 1 10 G   10 33 33 G   G   B . n 
B 1 11 U   11 34 34 U   U   B . n 
B 1 12 C   12 35 35 C   C   B . n 
B 1 13 G   13 36 36 G   G   B . n 
B 1 14 A   14 37 37 A   A   B . n 
B 1 15 C   15 38 38 C   C   B . n 
B 1 16 G   16 39 39 G   G   B . n 
B 1 17 A   17 40 40 A   A   B . n 
B 1 18 A   18 41 41 A   A   B . n 
B 1 19 G   19 42 42 G   G   B . n 
B 1 20 U   20 43 43 U   U   B . n 
B 1 21 C   21 44 44 C   C   B . n 
B 1 22 G   22 45 45 G   G   B . n 
B 1 23 C   23 46 46 C   C   B . n 
C 1 1  U   1  1  1  U   U   C . n 
C 1 2  U   2  2  2  U   U   C . n 
C 1 3  G   3  3  3  G   G   C . n 
C 1 4  C   4  4  4  C   C   C . n 
C 1 5  G   5  5  5  G   G   C . n 
C 1 6  U   6  6  6  U   U   C . n 
C 1 7  C   7  7  7  C   C   C . n 
C 1 8  1MA 8  8  8  1MA 1MA C . n 
C 1 9  C   9  9  9  C   C   C . n 
C 1 10 G   10 10 10 G   G   C . n 
C 1 11 U   11 11 11 U   U   C . n 
C 1 12 C   12 12 12 C   C   C . n 
C 1 13 G   13 13 13 G   G   C . n 
C 1 14 A   14 14 14 A   A   C . n 
C 1 15 C   15 15 15 C   C   C . n 
C 1 16 G   16 16 16 G   G   C . n 
C 1 17 A   17 17 17 A   A   C . n 
C 1 18 A   18 18 18 A   A   C . n 
C 1 19 G   19 19 19 G   G   C . n 
C 1 20 U   20 20 20 U   U   C . n 
C 1 21 C   21 21 21 C   C   C . n 
C 1 22 G   22 22 22 G   G   C . n 
C 1 23 C   23 23 23 C   C   C . n 
# 
loop_
_pdbx_nonpoly_scheme.asym_id 
_pdbx_nonpoly_scheme.entity_id 
_pdbx_nonpoly_scheme.mon_id 
_pdbx_nonpoly_scheme.ndb_seq_num 
_pdbx_nonpoly_scheme.pdb_seq_num 
_pdbx_nonpoly_scheme.auth_seq_num 
_pdbx_nonpoly_scheme.pdb_mon_id 
_pdbx_nonpoly_scheme.auth_mon_id 
_pdbx_nonpoly_scheme.pdb_strand_id 
_pdbx_nonpoly_scheme.pdb_ins_code 
D 2 HOH 1  101 102 HOH HOH A . 
D 2 HOH 2  102 150 HOH HOH A . 
D 2 HOH 3  103 101 HOH HOH A . 
D 2 HOH 4  104 124 HOH HOH A . 
D 2 HOH 5  105 143 HOH HOH A . 
D 2 HOH 6  106 130 HOH HOH A . 
D 2 HOH 7  107 142 HOH HOH A . 
D 2 HOH 8  108 131 HOH HOH A . 
D 2 HOH 9  109 122 HOH HOH A . 
D 2 HOH 10 110 133 HOH HOH A . 
D 2 HOH 11 111 126 HOH HOH A . 
D 2 HOH 12 112 139 HOH HOH A . 
D 2 HOH 13 113 135 HOH HOH A . 
D 2 HOH 14 114 118 HOH HOH A . 
D 2 HOH 15 115 121 HOH HOH A . 
D 2 HOH 16 116 136 HOH HOH A . 
D 2 HOH 17 117 128 HOH HOH A . 
D 2 HOH 18 118 132 HOH HOH A . 
D 2 HOH 19 119 127 HOH HOH A . 
D 2 HOH 20 120 116 HOH HOH A . 
D 2 HOH 21 121 119 HOH HOH A . 
D 2 HOH 22 122 155 HOH HOH A . 
D 2 HOH 23 123 123 HOH HOH A . 
D 2 HOH 24 124 117 HOH HOH A . 
D 2 HOH 25 125 156 HOH HOH A . 
D 2 HOH 26 126 145 HOH HOH A . 
D 2 HOH 27 127 148 HOH HOH A . 
D 2 HOH 28 128 147 HOH HOH A . 
D 2 HOH 29 129 134 HOH HOH A . 
D 2 HOH 30 130 106 HOH HOH A . 
D 2 HOH 31 131 103 HOH HOH A . 
D 2 HOH 32 132 141 HOH HOH A . 
D 2 HOH 33 133 104 HOH HOH A . 
D 2 HOH 34 134 129 HOH HOH A . 
D 2 HOH 35 135 125 HOH HOH A . 
D 2 HOH 36 136 144 HOH HOH A . 
D 2 HOH 37 137 107 HOH HOH A . 
D 2 HOH 38 138 109 HOH HOH A . 
D 2 HOH 39 139 108 HOH HOH A . 
D 2 HOH 40 140 115 HOH HOH A . 
D 2 HOH 41 141 120 HOH HOH A . 
D 2 HOH 42 142 105 HOH HOH A . 
D 2 HOH 43 143 149 HOH HOH A . 
D 2 HOH 44 144 111 HOH HOH A . 
D 2 HOH 45 145 146 HOH HOH A . 
D 2 HOH 46 146 110 HOH HOH A . 
D 2 HOH 47 147 114 HOH HOH A . 
D 2 HOH 48 148 140 HOH HOH A . 
D 2 HOH 49 149 153 HOH HOH A . 
D 2 HOH 50 150 138 HOH HOH A . 
D 2 HOH 51 151 112 HOH HOH A . 
D 2 HOH 52 152 114 HOH HOH A . 
D 2 HOH 53 153 154 HOH HOH A . 
D 2 HOH 54 154 113 HOH HOH A . 
D 2 HOH 55 155 152 HOH HOH A . 
D 2 HOH 56 156 137 HOH HOH A . 
D 2 HOH 57 157 151 HOH HOH A . 
D 2 HOH 58 158 157 HOH HOH A . 
E 2 HOH 1  101 154 HOH HOH B . 
E 2 HOH 2  102 119 HOH HOH B . 
E 2 HOH 3  103 101 HOH HOH B . 
E 2 HOH 4  104 128 HOH HOH B . 
E 2 HOH 5  105 102 HOH HOH B . 
E 2 HOH 6  106 140 HOH HOH B . 
E 2 HOH 7  107 118 HOH HOH B . 
E 2 HOH 8  108 104 HOH HOH B . 
E 2 HOH 9  109 121 HOH HOH B . 
E 2 HOH 10 110 126 HOH HOH B . 
E 2 HOH 11 111 127 HOH HOH B . 
E 2 HOH 12 112 139 HOH HOH B . 
E 2 HOH 13 113 130 HOH HOH B . 
E 2 HOH 14 114 141 HOH HOH B . 
E 2 HOH 15 115 131 HOH HOH B . 
E 2 HOH 16 116 107 HOH HOH B . 
E 2 HOH 17 117 124 HOH HOH B . 
E 2 HOH 18 118 103 HOH HOH B . 
E 2 HOH 19 119 138 HOH HOH B . 
E 2 HOH 20 120 133 HOH HOH B . 
E 2 HOH 21 121 123 HOH HOH B . 
E 2 HOH 22 122 152 HOH HOH B . 
E 2 HOH 23 123 125 HOH HOH B . 
E 2 HOH 24 124 116 HOH HOH B . 
E 2 HOH 25 125 108 HOH HOH B . 
E 2 HOH 26 126 109 HOH HOH B . 
E 2 HOH 27 127 129 HOH HOH B . 
E 2 HOH 28 128 105 HOH HOH B . 
E 2 HOH 29 129 137 HOH HOH B . 
E 2 HOH 30 130 106 HOH HOH B . 
E 2 HOH 31 131 120 HOH HOH B . 
E 2 HOH 32 132 134 HOH HOH B . 
E 2 HOH 33 133 149 HOH HOH B . 
E 2 HOH 34 134 132 HOH HOH B . 
E 2 HOH 35 135 110 HOH HOH B . 
E 2 HOH 36 136 153 HOH HOH B . 
E 2 HOH 37 137 111 HOH HOH B . 
E 2 HOH 38 138 122 HOH HOH B . 
E 2 HOH 39 139 117 HOH HOH B . 
E 2 HOH 40 140 112 HOH HOH B . 
E 2 HOH 41 141 142 HOH HOH B . 
E 2 HOH 42 142 144 HOH HOH B . 
E 2 HOH 43 143 145 HOH HOH B . 
E 2 HOH 44 144 113 HOH HOH B . 
E 2 HOH 45 145 143 HOH HOH B . 
E 2 HOH 46 146 136 HOH HOH B . 
E 2 HOH 47 147 148 HOH HOH B . 
E 2 HOH 48 148 115 HOH HOH B . 
E 2 HOH 49 149 147 HOH HOH B . 
E 2 HOH 50 150 146 HOH HOH B . 
E 2 HOH 51 151 135 HOH HOH B . 
E 2 HOH 52 152 150 HOH HOH B . 
E 2 HOH 53 153 151 HOH HOH B . 
F 2 HOH 1  101 104 HOH HOH C . 
F 2 HOH 2  102 103 HOH HOH C . 
F 2 HOH 3  103 105 HOH HOH C . 
F 2 HOH 4  104 101 HOH HOH C . 
F 2 HOH 5  105 102 HOH HOH C . 
F 2 HOH 6  106 123 HOH HOH C . 
F 2 HOH 7  107 109 HOH HOH C . 
F 2 HOH 8  108 108 HOH HOH C . 
F 2 HOH 9  109 107 HOH HOH C . 
F 2 HOH 10 110 121 HOH HOH C . 
F 2 HOH 11 111 106 HOH HOH C . 
F 2 HOH 12 112 113 HOH HOH C . 
F 2 HOH 13 113 111 HOH HOH C . 
F 2 HOH 14 114 110 HOH HOH C . 
F 2 HOH 15 115 114 HOH HOH C . 
F 2 HOH 16 116 115 HOH HOH C . 
F 2 HOH 17 117 112 HOH HOH C . 
F 2 HOH 18 118 122 HOH HOH C . 
F 2 HOH 19 119 119 HOH HOH C . 
F 2 HOH 20 120 116 HOH HOH C . 
F 2 HOH 21 121 117 HOH HOH C . 
F 2 HOH 22 122 118 HOH HOH C . 
F 2 HOH 23 123 125 HOH HOH C . 
F 2 HOH 24 124 120 HOH HOH C . 
F 2 HOH 25 125 126 HOH HOH C . 
F 2 HOH 26 126 124 HOH HOH C . 
# 
loop_
_pdbx_struct_assembly.id 
_pdbx_struct_assembly.details 
_pdbx_struct_assembly.method_details 
_pdbx_struct_assembly.oligomeric_details 
_pdbx_struct_assembly.oligomeric_count 
1 author_and_software_defined_assembly PISA dimeric 2 
2 author_and_software_defined_assembly PISA dimeric 2 
# 
loop_
_pdbx_struct_assembly_gen.assembly_id 
_pdbx_struct_assembly_gen.oper_expression 
_pdbx_struct_assembly_gen.asym_id_list 
1 1   A,B,D,E 
2 1,2 C,F     
# 
loop_
_pdbx_struct_assembly_prop.biol_id 
_pdbx_struct_assembly_prop.type 
_pdbx_struct_assembly_prop.value 
_pdbx_struct_assembly_prop.details 
1 'ABSA (A^2)' 3430 ? 
1 MORE         -10  ? 
1 'SSA (A^2)'  8260 ? 
2 'ABSA (A^2)' 3240 ? 
2 MORE         -9   ? 
2 'SSA (A^2)'  8700 ? 
# 
loop_
_pdbx_struct_oper_list.id 
_pdbx_struct_oper_list.type 
_pdbx_struct_oper_list.name 
_pdbx_struct_oper_list.symmetry_operation 
_pdbx_struct_oper_list.matrix[1][1] 
_pdbx_struct_oper_list.matrix[1][2] 
_pdbx_struct_oper_list.matrix[1][3] 
_pdbx_struct_oper_list.vector[1] 
_pdbx_struct_oper_list.matrix[2][1] 
_pdbx_struct_oper_list.matrix[2][2] 
_pdbx_struct_oper_list.matrix[2][3] 
_pdbx_struct_oper_list.vector[2] 
_pdbx_struct_oper_list.matrix[3][1] 
_pdbx_struct_oper_list.matrix[3][2] 
_pdbx_struct_oper_list.matrix[3][3] 
_pdbx_struct_oper_list.vector[3] 
1 'identity operation'         1_555 x,y,z   1.0000000000  0.0000000000  0.0000000000 0.0000000000   0.0000000000  1.0000000000 0.0000000000  0.0000000000   0.0000000000 0.0000000000  1.0000000000  0.0000000000  
2 'crystal symmetry operation' 2_555 -x,y,-z -0.5086180206 -0.8577083596 0.0751270848 -24.2048324777 -0.8577083596 0.4971318874 -0.1311344969 -10.7157287843 0.0751270848 -0.1311344969 -0.9885138668 35.9770160439 
# 
loop_
_pdbx_audit_revision_history.ordinal 
_pdbx_audit_revision_history.data_content_type 
_pdbx_audit_revision_history.major_revision 
_pdbx_audit_revision_history.minor_revision 
_pdbx_audit_revision_history.revision_date 
1 'Structure model' 1 0 2018-03-21 
2 'Structure model' 1 1 2023-11-22 
# 
_pdbx_audit_revision_details.ordinal             1 
_pdbx_audit_revision_details.revision_ordinal    1 
_pdbx_audit_revision_details.data_content_type   'Structure model' 
_pdbx_audit_revision_details.provider            repository 
_pdbx_audit_revision_details.type                'Initial release' 
_pdbx_audit_revision_details.description         ? 
_pdbx_audit_revision_details.details             ? 
# 
loop_
_pdbx_audit_revision_group.ordinal 
_pdbx_audit_revision_group.revision_ordinal 
_pdbx_audit_revision_group.data_content_type 
_pdbx_audit_revision_group.group 
1 2 'Structure model' 'Data collection'        
2 2 'Structure model' 'Database references'    
3 2 'Structure model' 'Refinement description' 
# 
loop_
_pdbx_audit_revision_category.ordinal 
_pdbx_audit_revision_category.revision_ordinal 
_pdbx_audit_revision_category.data_content_type 
_pdbx_audit_revision_category.category 
1 2 'Structure model' chem_comp_atom                
2 2 'Structure model' chem_comp_bond                
3 2 'Structure model' database_2                    
4 2 'Structure model' pdbx_initial_refinement_model 
# 
loop_
_pdbx_audit_revision_item.ordinal 
_pdbx_audit_revision_item.revision_ordinal 
_pdbx_audit_revision_item.data_content_type 
_pdbx_audit_revision_item.item 
1 2 'Structure model' '_database_2.pdbx_DOI'                
2 2 'Structure model' '_database_2.pdbx_database_accession' 
# 
loop_
_software.citation_id 
_software.classification 
_software.compiler_name 
_software.compiler_version 
_software.contact_author 
_software.contact_author_email 
_software.date 
_software.description 
_software.dependencies 
_software.hardware 
_software.language 
_software.location 
_software.mods 
_software.name 
_software.os 
_software.os_version 
_software.type 
_software.version 
_software.pdbx_ordinal 
? refinement        ? ? ? ? ? ? ? ? ? ? ? PHENIX       ? ? ? 1.8.3_1479 1 
? 'data extraction' ? ? ? ? ? ? ? ? ? ? ? PDB_EXTRACT  ? ? ? 3.22       2 
? 'data reduction'  ? ? ? ? ? ? ? ? ? ? ? CrystalClear ? ? ? .          3 
? phasing           ? ? ? ? ? ? ? ? ? ? ? PHASER       ? ? ? .          4 
? 'model building'  ? ? ? ? ? ? ? ? ? ? ? Coot         ? ? ? .          5 
? 'data reduction'  ? ? ? ? ? ? ? ? ? ? ? d*TREK       ? ? ? .          6 
? 'data scaling'    ? ? ? ? ? ? ? ? ? ? ? d*TREK       ? ? ? .          7 
# 
loop_
_pdbx_validate_close_contact.id 
_pdbx_validate_close_contact.PDB_model_num 
_pdbx_validate_close_contact.auth_atom_id_1 
_pdbx_validate_close_contact.auth_asym_id_1 
_pdbx_validate_close_contact.auth_comp_id_1 
_pdbx_validate_close_contact.auth_seq_id_1 
_pdbx_validate_close_contact.PDB_ins_code_1 
_pdbx_validate_close_contact.label_alt_id_1 
_pdbx_validate_close_contact.auth_atom_id_2 
_pdbx_validate_close_contact.auth_asym_id_2 
_pdbx_validate_close_contact.auth_comp_id_2 
_pdbx_validate_close_contact.auth_seq_id_2 
_pdbx_validate_close_contact.PDB_ins_code_2 
_pdbx_validate_close_contact.label_alt_id_2 
_pdbx_validate_close_contact.dist 
1 1 OP2 C G 16 ? ? O C HOH 101 ? ? 2.12 
2 1 N7  C G 13 ? ? O C HOH 102 ? ? 2.18 
# 
loop_
_chem_comp_atom.comp_id 
_chem_comp_atom.atom_id 
_chem_comp_atom.type_symbol 
_chem_comp_atom.pdbx_aromatic_flag 
_chem_comp_atom.pdbx_stereo_config 
_chem_comp_atom.pdbx_ordinal 
1MA P      P N N 1   
1MA OP1    O N N 2   
1MA OP2    O N N 3   
1MA OP3    O N N 4   
1MA "O5'"  O N N 5   
1MA "C5'"  C N N 6   
1MA "C4'"  C N R 7   
1MA "O4'"  O N N 8   
1MA "C3'"  C N S 9   
1MA "O3'"  O N N 10  
1MA "C2'"  C N R 11  
1MA "O2'"  O N N 12  
1MA "C1'"  C N R 13  
1MA N9     N Y N 14  
1MA C8     C Y N 15  
1MA N7     N Y N 16  
1MA C5     C Y N 17  
1MA C6     C N N 18  
1MA N6     N N N 19  
1MA N1     N N N 20  
1MA CM1    C N N 21  
1MA C2     C N N 22  
1MA N3     N N N 23  
1MA C4     C Y N 24  
1MA HOP2   H N N 25  
1MA HOP3   H N N 26  
1MA "H5'"  H N N 27  
1MA "H5''" H N N 28  
1MA "H4'"  H N N 29  
1MA "H3'"  H N N 30  
1MA "HO3'" H N N 31  
1MA "H2'"  H N N 32  
1MA "HO2'" H N N 33  
1MA "H1'"  H N N 34  
1MA H8     H N N 35  
1MA HN61   H N N 36  
1MA HM11   H N N 37  
1MA HM12   H N N 38  
1MA HM13   H N N 39  
1MA H2     H N N 40  
A   OP3    O N N 41  
A   P      P N N 42  
A   OP1    O N N 43  
A   OP2    O N N 44  
A   "O5'"  O N N 45  
A   "C5'"  C N N 46  
A   "C4'"  C N R 47  
A   "O4'"  O N N 48  
A   "C3'"  C N S 49  
A   "O3'"  O N N 50  
A   "C2'"  C N R 51  
A   "O2'"  O N N 52  
A   "C1'"  C N R 53  
A   N9     N Y N 54  
A   C8     C Y N 55  
A   N7     N Y N 56  
A   C5     C Y N 57  
A   C6     C Y N 58  
A   N6     N N N 59  
A   N1     N Y N 60  
A   C2     C Y N 61  
A   N3     N Y N 62  
A   C4     C Y N 63  
A   HOP3   H N N 64  
A   HOP2   H N N 65  
A   "H5'"  H N N 66  
A   "H5''" H N N 67  
A   "H4'"  H N N 68  
A   "H3'"  H N N 69  
A   "HO3'" H N N 70  
A   "H2'"  H N N 71  
A   "HO2'" H N N 72  
A   "H1'"  H N N 73  
A   H8     H N N 74  
A   H61    H N N 75  
A   H62    H N N 76  
A   H2     H N N 77  
C   OP3    O N N 78  
C   P      P N N 79  
C   OP1    O N N 80  
C   OP2    O N N 81  
C   "O5'"  O N N 82  
C   "C5'"  C N N 83  
C   "C4'"  C N R 84  
C   "O4'"  O N N 85  
C   "C3'"  C N S 86  
C   "O3'"  O N N 87  
C   "C2'"  C N R 88  
C   "O2'"  O N N 89  
C   "C1'"  C N R 90  
C   N1     N N N 91  
C   C2     C N N 92  
C   O2     O N N 93  
C   N3     N N N 94  
C   C4     C N N 95  
C   N4     N N N 96  
C   C5     C N N 97  
C   C6     C N N 98  
C   HOP3   H N N 99  
C   HOP2   H N N 100 
C   "H5'"  H N N 101 
C   "H5''" H N N 102 
C   "H4'"  H N N 103 
C   "H3'"  H N N 104 
C   "HO3'" H N N 105 
C   "H2'"  H N N 106 
C   "HO2'" H N N 107 
C   "H1'"  H N N 108 
C   H41    H N N 109 
C   H42    H N N 110 
C   H5     H N N 111 
C   H6     H N N 112 
G   OP3    O N N 113 
G   P      P N N 114 
G   OP1    O N N 115 
G   OP2    O N N 116 
G   "O5'"  O N N 117 
G   "C5'"  C N N 118 
G   "C4'"  C N R 119 
G   "O4'"  O N N 120 
G   "C3'"  C N S 121 
G   "O3'"  O N N 122 
G   "C2'"  C N R 123 
G   "O2'"  O N N 124 
G   "C1'"  C N R 125 
G   N9     N Y N 126 
G   C8     C Y N 127 
G   N7     N Y N 128 
G   C5     C Y N 129 
G   C6     C N N 130 
G   O6     O N N 131 
G   N1     N N N 132 
G   C2     C N N 133 
G   N2     N N N 134 
G   N3     N N N 135 
G   C4     C Y N 136 
G   HOP3   H N N 137 
G   HOP2   H N N 138 
G   "H5'"  H N N 139 
G   "H5''" H N N 140 
G   "H4'"  H N N 141 
G   "H3'"  H N N 142 
G   "HO3'" H N N 143 
G   "H2'"  H N N 144 
G   "HO2'" H N N 145 
G   "H1'"  H N N 146 
G   H8     H N N 147 
G   H1     H N N 148 
G   H21    H N N 149 
G   H22    H N N 150 
HOH O      O N N 151 
HOH H1     H N N 152 
HOH H2     H N N 153 
U   OP3    O N N 154 
U   P      P N N 155 
U   OP1    O N N 156 
U   OP2    O N N 157 
U   "O5'"  O N N 158 
U   "C5'"  C N N 159 
U   "C4'"  C N R 160 
U   "O4'"  O N N 161 
U   "C3'"  C N S 162 
U   "O3'"  O N N 163 
U   "C2'"  C N R 164 
U   "O2'"  O N N 165 
U   "C1'"  C N R 166 
U   N1     N N N 167 
U   C2     C N N 168 
U   O2     O N N 169 
U   N3     N N N 170 
U   C4     C N N 171 
U   O4     O N N 172 
U   C5     C N N 173 
U   C6     C N N 174 
U   HOP3   H N N 175 
U   HOP2   H N N 176 
U   "H5'"  H N N 177 
U   "H5''" H N N 178 
U   "H4'"  H N N 179 
U   "H3'"  H N N 180 
U   "HO3'" H N N 181 
U   "H2'"  H N N 182 
U   "HO2'" H N N 183 
U   "H1'"  H N N 184 
U   H3     H N N 185 
U   H5     H N N 186 
U   H6     H N N 187 
# 
loop_
_chem_comp_bond.comp_id 
_chem_comp_bond.atom_id_1 
_chem_comp_bond.atom_id_2 
_chem_comp_bond.value_order 
_chem_comp_bond.pdbx_aromatic_flag 
_chem_comp_bond.pdbx_stereo_config 
_chem_comp_bond.pdbx_ordinal 
1MA P     OP1    doub N N 1   
1MA P     OP2    sing N N 2   
1MA P     OP3    sing N N 3   
1MA P     "O5'"  sing N N 4   
1MA OP2   HOP2   sing N N 5   
1MA OP3   HOP3   sing N N 6   
1MA "O5'" "C5'"  sing N N 7   
1MA "C5'" "C4'"  sing N N 8   
1MA "C5'" "H5'"  sing N N 9   
1MA "C5'" "H5''" sing N N 10  
1MA "C4'" "O4'"  sing N N 11  
1MA "C4'" "C3'"  sing N N 12  
1MA "C4'" "H4'"  sing N N 13  
1MA "O4'" "C1'"  sing N N 14  
1MA "C3'" "O3'"  sing N N 15  
1MA "C3'" "C2'"  sing N N 16  
1MA "C3'" "H3'"  sing N N 17  
1MA "O3'" "HO3'" sing N N 18  
1MA "C2'" "O2'"  sing N N 19  
1MA "C2'" "C1'"  sing N N 20  
1MA "C2'" "H2'"  sing N N 21  
1MA "O2'" "HO2'" sing N N 22  
1MA "C1'" N9     sing N N 23  
1MA "C1'" "H1'"  sing N N 24  
1MA N9    C8     sing Y N 25  
1MA N9    C4     sing Y N 26  
1MA C8    N7     doub Y N 27  
1MA C8    H8     sing N N 28  
1MA N7    C5     sing Y N 29  
1MA C5    C6     sing N N 30  
1MA C5    C4     doub Y N 31  
1MA C6    N6     doub N N 32  
1MA C6    N1     sing N N 33  
1MA N6    HN61   sing N N 34  
1MA N1    CM1    sing N N 35  
1MA N1    C2     sing N N 36  
1MA CM1   HM11   sing N N 37  
1MA CM1   HM12   sing N N 38  
1MA CM1   HM13   sing N N 39  
1MA C2    N3     doub N N 40  
1MA C2    H2     sing N N 41  
1MA N3    C4     sing N N 42  
A   OP3   P      sing N N 43  
A   OP3   HOP3   sing N N 44  
A   P     OP1    doub N N 45  
A   P     OP2    sing N N 46  
A   P     "O5'"  sing N N 47  
A   OP2   HOP2   sing N N 48  
A   "O5'" "C5'"  sing N N 49  
A   "C5'" "C4'"  sing N N 50  
A   "C5'" "H5'"  sing N N 51  
A   "C5'" "H5''" sing N N 52  
A   "C4'" "O4'"  sing N N 53  
A   "C4'" "C3'"  sing N N 54  
A   "C4'" "H4'"  sing N N 55  
A   "O4'" "C1'"  sing N N 56  
A   "C3'" "O3'"  sing N N 57  
A   "C3'" "C2'"  sing N N 58  
A   "C3'" "H3'"  sing N N 59  
A   "O3'" "HO3'" sing N N 60  
A   "C2'" "O2'"  sing N N 61  
A   "C2'" "C1'"  sing N N 62  
A   "C2'" "H2'"  sing N N 63  
A   "O2'" "HO2'" sing N N 64  
A   "C1'" N9     sing N N 65  
A   "C1'" "H1'"  sing N N 66  
A   N9    C8     sing Y N 67  
A   N9    C4     sing Y N 68  
A   C8    N7     doub Y N 69  
A   C8    H8     sing N N 70  
A   N7    C5     sing Y N 71  
A   C5    C6     sing Y N 72  
A   C5    C4     doub Y N 73  
A   C6    N6     sing N N 74  
A   C6    N1     doub Y N 75  
A   N6    H61    sing N N 76  
A   N6    H62    sing N N 77  
A   N1    C2     sing Y N 78  
A   C2    N3     doub Y N 79  
A   C2    H2     sing N N 80  
A   N3    C4     sing Y N 81  
C   OP3   P      sing N N 82  
C   OP3   HOP3   sing N N 83  
C   P     OP1    doub N N 84  
C   P     OP2    sing N N 85  
C   P     "O5'"  sing N N 86  
C   OP2   HOP2   sing N N 87  
C   "O5'" "C5'"  sing N N 88  
C   "C5'" "C4'"  sing N N 89  
C   "C5'" "H5'"  sing N N 90  
C   "C5'" "H5''" sing N N 91  
C   "C4'" "O4'"  sing N N 92  
C   "C4'" "C3'"  sing N N 93  
C   "C4'" "H4'"  sing N N 94  
C   "O4'" "C1'"  sing N N 95  
C   "C3'" "O3'"  sing N N 96  
C   "C3'" "C2'"  sing N N 97  
C   "C3'" "H3'"  sing N N 98  
C   "O3'" "HO3'" sing N N 99  
C   "C2'" "O2'"  sing N N 100 
C   "C2'" "C1'"  sing N N 101 
C   "C2'" "H2'"  sing N N 102 
C   "O2'" "HO2'" sing N N 103 
C   "C1'" N1     sing N N 104 
C   "C1'" "H1'"  sing N N 105 
C   N1    C2     sing N N 106 
C   N1    C6     sing N N 107 
C   C2    O2     doub N N 108 
C   C2    N3     sing N N 109 
C   N3    C4     doub N N 110 
C   C4    N4     sing N N 111 
C   C4    C5     sing N N 112 
C   N4    H41    sing N N 113 
C   N4    H42    sing N N 114 
C   C5    C6     doub N N 115 
C   C5    H5     sing N N 116 
C   C6    H6     sing N N 117 
G   OP3   P      sing N N 118 
G   OP3   HOP3   sing N N 119 
G   P     OP1    doub N N 120 
G   P     OP2    sing N N 121 
G   P     "O5'"  sing N N 122 
G   OP2   HOP2   sing N N 123 
G   "O5'" "C5'"  sing N N 124 
G   "C5'" "C4'"  sing N N 125 
G   "C5'" "H5'"  sing N N 126 
G   "C5'" "H5''" sing N N 127 
G   "C4'" "O4'"  sing N N 128 
G   "C4'" "C3'"  sing N N 129 
G   "C4'" "H4'"  sing N N 130 
G   "O4'" "C1'"  sing N N 131 
G   "C3'" "O3'"  sing N N 132 
G   "C3'" "C2'"  sing N N 133 
G   "C3'" "H3'"  sing N N 134 
G   "O3'" "HO3'" sing N N 135 
G   "C2'" "O2'"  sing N N 136 
G   "C2'" "C1'"  sing N N 137 
G   "C2'" "H2'"  sing N N 138 
G   "O2'" "HO2'" sing N N 139 
G   "C1'" N9     sing N N 140 
G   "C1'" "H1'"  sing N N 141 
G   N9    C8     sing Y N 142 
G   N9    C4     sing Y N 143 
G   C8    N7     doub Y N 144 
G   C8    H8     sing N N 145 
G   N7    C5     sing Y N 146 
G   C5    C6     sing N N 147 
G   C5    C4     doub Y N 148 
G   C6    O6     doub N N 149 
G   C6    N1     sing N N 150 
G   N1    C2     sing N N 151 
G   N1    H1     sing N N 152 
G   C2    N2     sing N N 153 
G   C2    N3     doub N N 154 
G   N2    H21    sing N N 155 
G   N2    H22    sing N N 156 
G   N3    C4     sing N N 157 
HOH O     H1     sing N N 158 
HOH O     H2     sing N N 159 
U   OP3   P      sing N N 160 
U   OP3   HOP3   sing N N 161 
U   P     OP1    doub N N 162 
U   P     OP2    sing N N 163 
U   P     "O5'"  sing N N 164 
U   OP2   HOP2   sing N N 165 
U   "O5'" "C5'"  sing N N 166 
U   "C5'" "C4'"  sing N N 167 
U   "C5'" "H5'"  sing N N 168 
U   "C5'" "H5''" sing N N 169 
U   "C4'" "O4'"  sing N N 170 
U   "C4'" "C3'"  sing N N 171 
U   "C4'" "H4'"  sing N N 172 
U   "O4'" "C1'"  sing N N 173 
U   "C3'" "O3'"  sing N N 174 
U   "C3'" "C2'"  sing N N 175 
U   "C3'" "H3'"  sing N N 176 
U   "O3'" "HO3'" sing N N 177 
U   "C2'" "O2'"  sing N N 178 
U   "C2'" "C1'"  sing N N 179 
U   "C2'" "H2'"  sing N N 180 
U   "O2'" "HO2'" sing N N 181 
U   "C1'" N1     sing N N 182 
U   "C1'" "H1'"  sing N N 183 
U   N1    C2     sing N N 184 
U   N1    C6     sing N N 185 
U   C2    O2     doub N N 186 
U   C2    N3     sing N N 187 
U   N3    C4     sing N N 188 
U   N3    H3     sing N N 189 
U   C4    O4     doub N N 190 
U   C4    C5     sing N N 191 
U   C5    C6     doub N N 192 
U   C5    H5     sing N N 193 
U   C6    H6     sing N N 194 
# 
loop_
_ndb_struct_conf_na.entry_id 
_ndb_struct_conf_na.feature 
5ZEG 'double helix'        
5ZEG 'a-form double helix' 
# 
loop_
_ndb_struct_na_base_pair.model_number 
_ndb_struct_na_base_pair.i_label_asym_id 
_ndb_struct_na_base_pair.i_label_comp_id 
_ndb_struct_na_base_pair.i_label_seq_id 
_ndb_struct_na_base_pair.i_symmetry 
_ndb_struct_na_base_pair.j_label_asym_id 
_ndb_struct_na_base_pair.j_label_comp_id 
_ndb_struct_na_base_pair.j_label_seq_id 
_ndb_struct_na_base_pair.j_symmetry 
_ndb_struct_na_base_pair.shear 
_ndb_struct_na_base_pair.stretch 
_ndb_struct_na_base_pair.stagger 
_ndb_struct_na_base_pair.buckle 
_ndb_struct_na_base_pair.propeller 
_ndb_struct_na_base_pair.opening 
_ndb_struct_na_base_pair.pair_number 
_ndb_struct_na_base_pair.pair_name 
_ndb_struct_na_base_pair.i_auth_asym_id 
_ndb_struct_na_base_pair.i_auth_seq_id 
_ndb_struct_na_base_pair.i_PDB_ins_code 
_ndb_struct_na_base_pair.j_auth_asym_id 
_ndb_struct_na_base_pair.j_auth_seq_id 
_ndb_struct_na_base_pair.j_PDB_ins_code 
_ndb_struct_na_base_pair.hbond_type_28 
_ndb_struct_na_base_pair.hbond_type_12 
1 A G 3  1_555 B C 23 1_555 -0.038 -0.033 0.325  2.984   -6.497  -0.019 1  A_G3:C46_B  A 3  ? B 46 ? 19 1 
1 A C 4  1_555 B G 22 1_555 0.052  -0.096 0.173  4.307   -11.530 0.459  2  A_C4:G45_B  A 4  ? B 45 ? 19 1 
1 A G 5  1_555 B C 21 1_555 -0.197 -0.238 -0.123 -1.209  -11.660 3.568  3  A_G5:C44_B  A 5  ? B 44 ? 19 1 
1 A U 6  1_555 B U 20 1_555 -2.225 -1.670 -0.259 2.734   -12.507 2.279  4  A_U6:U43_B  A 6  ? B 43 ? 16 1 
1 A C 7  1_555 B G 19 1_555 0.282  -0.187 -0.276 -1.847  -9.355  1.434  5  A_C7:G42_B  A 7  ? B 42 ? 19 1 
1 A C 9  1_555 B G 16 1_555 0.059  -0.228 0.036  7.370   -19.821 -3.039 6  A_C9:G39_B  A 9  ? B 39 ? 19 1 
1 A G 10 1_555 B C 15 1_555 -0.377 -0.139 0.164  -1.933  -14.474 3.565  7  A_G10:C38_B A 10 ? B 38 ? 19 1 
1 A U 11 1_555 B A 14 1_555 -0.002 -0.155 0.278  -4.480  -15.432 0.897  8  A_U11:A37_B A 11 ? B 37 ? 20 1 
1 A C 12 1_555 B G 13 1_555 0.217  -0.223 0.303  -3.254  -9.618  -0.263 9  A_C12:G36_B A 12 ? B 36 ? 19 1 
1 A G 13 1_555 B C 12 1_555 -0.132 -0.244 0.116  -4.488  -11.530 0.467  10 A_G13:C35_B A 13 ? B 35 ? 19 1 
1 A A 14 1_555 B U 11 1_555 0.059  -0.069 0.177  0.599   -14.061 0.137  11 A_A14:U34_B A 14 ? B 34 ? 20 1 
1 A C 15 1_555 B G 10 1_555 0.303  -0.181 0.254  1.190   -16.030 3.175  12 A_C15:G33_B A 15 ? B 33 ? 19 1 
1 A G 16 1_555 B C 9  1_555 0.106  -0.157 -0.186 -3.170  -13.328 1.526  13 A_G16:C32_B A 16 ? B 32 ? 19 1 
1 A G 19 1_555 B C 7  1_555 -0.307 -0.209 -0.200 8.997   -9.538  2.170  14 A_G19:C30_B A 19 ? B 30 ? 19 1 
1 A A 17 1_555 C U 2  1_555 -0.152 -0.073 -0.057 7.032   -5.193  3.468  15 A_A17:U2_C  A 17 ? C 2  ? 20 1 
1 A A 18 1_555 C U 1  1_555 -0.038 0.048  -0.806 -23.783 -14.867 9.356  16 A_A18:U1_C  A 18 ? C 1  ? 20 1 
1 A U 20 1_555 B U 6  1_555 -2.326 -1.716 0.414  -10.420 -15.317 6.222  17 A_U20:U29_B A 20 ? B 29 ? 16 1 
1 A C 21 1_555 B G 5  1_555 -0.402 -0.092 0.021  -1.685  -13.716 -0.423 18 A_C21:G28_B A 21 ? B 28 ? 19 1 
1 A G 22 1_555 B C 4  1_555 0.135  -0.148 -0.258 -8.516  -9.214  -4.151 19 A_G22:C27_B A 22 ? B 27 ? 19 1 
1 A C 23 1_555 B G 3  1_555 0.230  -0.086 -0.036 -1.213  -5.943  -1.151 20 A_C23:G26_B A 23 ? B 26 ? 19 1 
# 
loop_
_ndb_struct_na_base_pair_step.model_number 
_ndb_struct_na_base_pair_step.i_label_asym_id_1 
_ndb_struct_na_base_pair_step.i_label_comp_id_1 
_ndb_struct_na_base_pair_step.i_label_seq_id_1 
_ndb_struct_na_base_pair_step.i_symmetry_1 
_ndb_struct_na_base_pair_step.j_label_asym_id_1 
_ndb_struct_na_base_pair_step.j_label_comp_id_1 
_ndb_struct_na_base_pair_step.j_label_seq_id_1 
_ndb_struct_na_base_pair_step.j_symmetry_1 
_ndb_struct_na_base_pair_step.i_label_asym_id_2 
_ndb_struct_na_base_pair_step.i_label_comp_id_2 
_ndb_struct_na_base_pair_step.i_label_seq_id_2 
_ndb_struct_na_base_pair_step.i_symmetry_2 
_ndb_struct_na_base_pair_step.j_label_asym_id_2 
_ndb_struct_na_base_pair_step.j_label_comp_id_2 
_ndb_struct_na_base_pair_step.j_label_seq_id_2 
_ndb_struct_na_base_pair_step.j_symmetry_2 
_ndb_struct_na_base_pair_step.shift 
_ndb_struct_na_base_pair_step.slide 
_ndb_struct_na_base_pair_step.rise 
_ndb_struct_na_base_pair_step.tilt 
_ndb_struct_na_base_pair_step.roll 
_ndb_struct_na_base_pair_step.twist 
_ndb_struct_na_base_pair_step.x_displacement 
_ndb_struct_na_base_pair_step.y_displacement 
_ndb_struct_na_base_pair_step.helical_rise 
_ndb_struct_na_base_pair_step.inclination 
_ndb_struct_na_base_pair_step.tip 
_ndb_struct_na_base_pair_step.helical_twist 
_ndb_struct_na_base_pair_step.step_number 
_ndb_struct_na_base_pair_step.step_name 
_ndb_struct_na_base_pair_step.i_auth_asym_id_1 
_ndb_struct_na_base_pair_step.i_auth_seq_id_1 
_ndb_struct_na_base_pair_step.i_PDB_ins_code_1 
_ndb_struct_na_base_pair_step.j_auth_asym_id_1 
_ndb_struct_na_base_pair_step.j_auth_seq_id_1 
_ndb_struct_na_base_pair_step.j_PDB_ins_code_1 
_ndb_struct_na_base_pair_step.i_auth_asym_id_2 
_ndb_struct_na_base_pair_step.i_auth_seq_id_2 
_ndb_struct_na_base_pair_step.i_PDB_ins_code_2 
_ndb_struct_na_base_pair_step.j_auth_asym_id_2 
_ndb_struct_na_base_pair_step.j_auth_seq_id_2 
_ndb_struct_na_base_pair_step.j_PDB_ins_code_2 
1 A G 3  1_555 B C 23 1_555 A C 4  1_555 B G 22 1_555 -0.173 -1.353 3.273 0.228  3.085  32.390 -2.944 0.349  3.133 5.515  -0.408  
32.534 1  AA_G3C4:G45C46_BB   A 3  ? B 46 ? A 4  ? B 45 ? 
1 A C 4  1_555 B G 22 1_555 A G 5  1_555 B C 21 1_555 0.622  -1.871 3.279 0.777  10.646 27.461 -5.741 -1.075 2.416 21.427 -1.564  
29.425 2  AA_C4G5:C44G45_BB   A 4  ? B 45 ? A 5  ? B 44 ? 
1 A G 5  1_555 B C 21 1_555 A U 6  1_555 B U 20 1_555 -0.213 -1.758 3.032 -4.461 7.352  25.340 -5.443 -0.535 2.435 16.177 9.815   
26.736 3  AA_G5U6:U43C44_BB   A 5  ? B 44 ? A 6  ? B 43 ? 
1 A U 6  1_555 B U 20 1_555 A C 7  1_555 B G 19 1_555 -0.073 -1.408 3.428 -0.447 7.273  44.182 -2.523 0.054  3.169 9.591  0.590   
44.749 4  AA_U6C7:G42U43_BB   A 6  ? B 43 ? A 7  ? B 42 ? 
1 A C 9  1_555 B G 16 1_555 A G 10 1_555 B C 15 1_555 -0.102 -1.947 3.254 -3.951 13.253 32.568 -4.951 -0.350 2.308 22.414 6.683   
35.310 5  AA_C9G10:C38G39_BB  A 9  ? B 39 ? A 10 ? B 38 ? 
1 A G 10 1_555 B C 15 1_555 A U 11 1_555 B A 14 1_555 -0.616 -1.396 3.272 -1.693 5.330  33.772 -3.190 0.788  3.049 9.098  2.889   
34.219 6  AA_G10U11:A37C38_BB A 10 ? B 38 ? A 11 ? B 37 ? 
1 A U 11 1_555 B A 14 1_555 A C 12 1_555 B G 13 1_555 0.131  -1.283 3.173 -1.092 4.582  33.847 -2.869 -0.386 2.974 7.823  1.865   
34.163 7  AA_U11C12:G36A37_BB A 11 ? B 37 ? A 12 ? B 36 ? 
1 A C 12 1_555 B G 13 1_555 A G 13 1_555 B C 12 1_555 -0.210 -1.450 3.067 0.995  10.904 30.972 -4.188 0.519  2.423 19.664 -1.794  
32.805 8  AA_C12G13:C35G36_BB A 12 ? B 36 ? A 13 ? B 35 ? 
1 A G 13 1_555 B C 12 1_555 A A 14 1_555 B U 11 1_555 -0.202 -1.095 3.140 -1.492 6.306  34.498 -2.698 0.126  2.906 10.518 2.488   
35.083 9  AA_G13A14:U34C35_BB A 13 ? B 35 ? A 14 ? B 34 ? 
1 A A 14 1_555 B U 11 1_555 A C 15 1_555 B G 10 1_555 0.454  -1.216 3.156 0.885  9.254  31.993 -3.538 -0.658 2.719 16.362 -1.564  
33.283 10 AA_A14C15:G33U34_BB A 14 ? B 34 ? A 15 ? B 33 ? 
1 A C 15 1_555 B G 10 1_555 A G 16 1_555 B C 9  1_555 -0.243 -1.589 3.141 2.678  17.320 31.729 -4.622 0.710  2.009 29.072 -4.496  
36.138 11 AA_C15G16:C32G33_BB A 15 ? B 33 ? A 16 ? B 32 ? 
1 A G 16 1_555 B C 9  1_555 A G 19 1_555 B C 7  1_555 -1.735 -1.750 6.195 1.793  21.871 77.003 -2.449 1.444  5.586 17.240 -1.414  
79.600 12 AA_G16G19:C30C32_BB A 16 ? B 32 ? A 19 ? B 30 ? 
1 A A 17 1_555 C U 2  1_555 A A 18 1_555 C U 1  1_555 0.531  -2.430 4.139 8.264  8.112  34.601 -5.243 0.533  3.530 13.190 -13.437 
36.432 13 AA_A17A18:U1U2_CC   A 17 ? C 2  ? A 18 ? C 1  ? 
1 A U 20 1_555 B U 6  1_555 A C 21 1_555 B G 5  1_555 -0.622 -1.443 2.955 2.849  -0.344 39.386 -2.100 1.223  2.917 -0.509 -4.220  
39.486 14 AA_U20C21:G28U29_BB A 20 ? B 29 ? A 21 ? B 28 ? 
1 A C 21 1_555 B G 5  1_555 A G 22 1_555 B C 4  1_555 -0.034 -2.082 3.405 2.768  13.171 28.099 -6.166 0.543  2.216 25.367 -5.332  
31.097 15 AA_C21G22:C27G28_BB A 21 ? B 28 ? A 22 ? B 27 ? 
1 A G 22 1_555 B C 4  1_555 A C 23 1_555 B G 3  1_555 0.029  -1.870 3.151 -1.434 1.721  32.653 -3.601 -0.286 3.047 3.056  2.546   
32.727 16 AA_G22C23:G26C27_BB A 22 ? B 27 ? A 23 ? B 26 ? 
# 
loop_
_pdbx_audit_support.funding_organization 
_pdbx_audit_support.country 
_pdbx_audit_support.grant_number 
_pdbx_audit_support.ordinal 
'Ministry of Education, Culture, Sports, Science and Technology (Japan)' Japan 23790054   1 
'Ministry of Education, Culture, Sports, Science and Technology (Japan)' Japan 26860025   2 
'Ministry of Education, Culture, Sports, Science and Technology (Japan)' Japan 17K08248   3 
'Kurata Grant'                                                           Japan '2013- 20' 4 
'Ichiro Kanehara Foundation'                                             Japan 15KI192    5 
'Japan Science Society'                                                  Japan 28-325     6 
'Ministry of Education, Culture, Sports, Science and Technology (Japan)' Japan 17K08248   7 
# 
_pdbx_entity_nonpoly.entity_id   2 
_pdbx_entity_nonpoly.name        water 
_pdbx_entity_nonpoly.comp_id     HOH 
# 
_pdbx_initial_refinement_model.id               1 
_pdbx_initial_refinement_model.entity_id_list   ? 
_pdbx_initial_refinement_model.type             'experimental model' 
_pdbx_initial_refinement_model.source_name      PDB 
_pdbx_initial_refinement_model.accession_code   1J7T 
_pdbx_initial_refinement_model.details          ? 
# 
_pdbx_struct_assembly_auth_evidence.id                     1 
_pdbx_struct_assembly_auth_evidence.assembly_id            1 
_pdbx_struct_assembly_auth_evidence.experimental_support   none 
_pdbx_struct_assembly_auth_evidence.details                ? 
# 
